data_4LN1
#
_entry.id   4LN1
#
_cell.length_a   83.719
_cell.length_b   75.453
_cell.length_c   100.145
_cell.angle_alpha   90.000
_cell.angle_beta   89.990
_cell.angle_gamma   90.000
#
_symmetry.space_group_name_H-M   'P 1 21 1'
#
loop_
_entity.id
_entity.type
_entity.pdbx_description
1 polymer 'L-lactate dehydrogenase 1'
2 non-polymer 'CALCIUM ION'
3 water water
#
_entity_poly.entity_id   1
_entity_poly.type   'polypeptide(L)'
_entity_poly.pdbx_seq_one_letter_code
;(MSE)HHHHHHSSGVDLGTENLYFQS(MSE)KKGINRVVLVGTGAVGCSYAYC(MSE)INQAVAEEFVLVDVNEAKAEGE
A(MSE)DLSHAVPFAPAPTRVWKGSYEDCKDADLVVITAGLPQKPGETRLDLVEKNAKIFKQIVRSI(MSE)DSGFDGIF
LIATNPVDILTYVTWKESGLPKERVIGSGTTLDSARFRY(MSE)LGEYFDIGPHNIHAYIIGEHGDTELPVWSHVSVGIQ
KLQTLLEKDNTYNQEDLDKIFINVRDAAYHIIERKGATYYGIG(MSE)SLLRVTKAILNDENSVLTVSAYLEGQYGQKDV
YIGVPAVLNRGGVREILEVELSEDEELKFDHSVQVLKET(MSE)APVL
;
_entity_poly.pdbx_strand_id   A,B,C,D
#
loop_
_chem_comp.id
_chem_comp.type
_chem_comp.name
_chem_comp.formula
CA non-polymer 'CALCIUM ION' 'Ca 2'
#
# COMPACT_ATOMS: atom_id res chain seq x y z
N GLU A 16 -30.46 10.78 -9.03
CA GLU A 16 -30.60 12.24 -9.34
C GLU A 16 -29.80 13.10 -8.34
N ASN A 17 -30.50 13.95 -7.59
CA ASN A 17 -29.91 14.74 -6.52
C ASN A 17 -29.68 13.91 -5.26
N LEU A 18 -30.64 13.04 -4.93
CA LEU A 18 -30.59 12.21 -3.72
C LEU A 18 -29.47 11.17 -3.76
N TYR A 19 -29.14 10.68 -4.96
CA TYR A 19 -27.97 9.81 -5.13
C TYR A 19 -26.67 10.59 -5.08
N PHE A 20 -26.64 11.74 -5.75
CA PHE A 20 -25.46 12.61 -5.74
C PHE A 20 -25.09 13.09 -4.34
N GLN A 21 -26.10 13.38 -3.52
CA GLN A 21 -25.84 13.82 -2.15
C GLN A 21 -25.40 12.66 -1.26
N SER A 22 -25.97 11.48 -1.50
CA SER A 22 -25.57 10.28 -0.77
C SER A 22 -24.15 9.84 -1.17
N MSE A 23 -23.79 10.10 -2.43
CA MSE A 23 -22.42 9.89 -2.93
C MSE A 23 -21.47 10.67 -2.07
O MSE A 23 -20.50 10.12 -1.55
CB MSE A 23 -22.32 10.47 -4.33
CG MSE A 23 -22.20 9.45 -5.45
SE MSE A 23 -22.00 10.50 -7.12
CE MSE A 23 -23.80 10.14 -7.86
N LYS A 24 -21.76 11.96 -1.92
CA LYS A 24 -20.92 12.87 -1.13
C LYS A 24 -20.81 12.45 0.34
N LYS A 25 -21.85 11.79 0.86
CA LYS A 25 -21.78 11.18 2.18
C LYS A 25 -21.01 9.86 2.14
N GLY A 26 -21.19 9.08 1.08
CA GLY A 26 -20.58 7.76 0.93
C GLY A 26 -19.10 7.72 0.58
N ILE A 27 -18.42 8.86 0.65
CA ILE A 27 -16.98 8.90 0.55
C ILE A 27 -16.42 9.56 1.79
N ASN A 28 -15.11 9.38 2.04
CA ASN A 28 -14.43 10.04 3.16
C ASN A 28 -13.87 11.40 2.78
N ARG A 29 -14.22 12.41 3.57
CA ARG A 29 -13.69 13.76 3.38
C ARG A 29 -13.02 14.24 4.65
N VAL A 30 -11.80 14.75 4.53
CA VAL A 30 -11.06 15.36 5.66
C VAL A 30 -10.86 16.83 5.33
N VAL A 31 -11.04 17.69 6.34
CA VAL A 31 -10.74 19.11 6.18
C VAL A 31 -9.70 19.52 7.22
N LEU A 32 -8.55 20.01 6.74
CA LEU A 32 -7.48 20.53 7.60
C LEU A 32 -7.53 22.04 7.79
N VAL A 33 -7.55 22.46 9.06
CA VAL A 33 -7.52 23.89 9.44
C VAL A 33 -6.10 24.16 9.90
N GLY A 34 -5.44 24.98 9.13
CA GLY A 34 -4.07 25.24 9.36
C GLY A 34 -3.20 24.55 8.39
N THR A 35 -2.59 25.30 7.49
CA THR A 35 -1.72 24.74 6.55
C THR A 35 -0.35 25.34 6.61
N GLY A 36 0.31 25.01 7.68
CA GLY A 36 1.70 25.15 7.86
C GLY A 36 2.51 23.89 7.73
N ALA A 37 3.69 23.93 8.27
CA ALA A 37 4.58 22.79 8.30
C ALA A 37 3.87 21.52 8.75
N VAL A 38 3.21 21.59 9.90
CA VAL A 38 2.60 20.40 10.52
C VAL A 38 1.46 19.80 9.68
N GLY A 39 0.46 20.63 9.35
CA GLY A 39 -0.72 20.11 8.63
C GLY A 39 -0.43 19.65 7.20
N CYS A 40 0.49 20.34 6.55
CA CYS A 40 0.87 20.01 5.18
C CYS A 40 1.72 18.73 5.08
N SER A 41 2.49 18.46 6.15
CA SER A 41 3.20 17.19 6.32
C SER A 41 2.18 16.04 6.47
N TYR A 42 1.18 16.26 7.33
CA TYR A 42 0.05 15.34 7.48
C TYR A 42 -0.69 15.13 6.14
N ALA A 43 -1.01 16.22 5.47
CA ALA A 43 -1.55 16.21 4.10
C ALA A 43 -0.72 15.30 3.20
N TYR A 44 0.60 15.47 3.22
CA TYR A 44 1.48 14.66 2.38
C TYR A 44 1.41 13.15 2.63
N CYS A 45 1.44 12.74 3.89
CA CYS A 45 1.18 11.32 4.26
C CYS A 45 -0.17 10.82 3.73
N MSE A 46 -1.20 11.65 3.92
CA MSE A 46 -2.57 11.38 3.47
C MSE A 46 -2.60 11.21 1.98
O MSE A 46 -3.31 10.36 1.48
CB MSE A 46 -3.52 12.48 3.94
CG MSE A 46 -3.79 12.41 5.46
SE MSE A 46 -4.85 10.80 5.93
CE MSE A 46 -6.51 11.46 5.12
N ILE A 47 -1.81 11.98 1.24
CA ILE A 47 -1.76 11.78 -0.21
C ILE A 47 -0.95 10.54 -0.61
N ASN A 48 0.19 10.32 0.06
CA ASN A 48 1.01 9.12 -0.20
C ASN A 48 0.23 7.85 0.04
N GLN A 49 -0.70 7.90 1.00
CA GLN A 49 -1.33 6.66 1.49
C GLN A 49 -2.75 6.42 0.99
N ALA A 50 -3.24 7.37 0.17
CA ALA A 50 -4.60 7.30 -0.38
C ALA A 50 -5.68 6.94 0.67
N VAL A 51 -5.75 7.74 1.72
CA VAL A 51 -6.65 7.43 2.85
C VAL A 51 -8.01 8.10 2.72
N ALA A 52 -8.07 9.28 2.11
CA ALA A 52 -9.33 10.00 1.95
C ALA A 52 -9.59 10.23 0.47
N GLU A 53 -10.85 10.25 0.07
CA GLU A 53 -11.19 10.62 -1.30
C GLU A 53 -11.04 12.11 -1.52
N GLU A 54 -11.29 12.89 -0.46
CA GLU A 54 -11.32 14.37 -0.52
C GLU A 54 -10.47 14.98 0.60
N PHE A 55 -9.70 16.01 0.28
CA PHE A 55 -8.85 16.63 1.29
C PHE A 55 -8.82 18.15 1.12
N VAL A 56 -9.43 18.84 2.07
CA VAL A 56 -9.64 20.26 1.96
C VAL A 56 -8.70 20.96 2.93
N LEU A 57 -8.02 21.99 2.41
CA LEU A 57 -7.11 22.78 3.19
C LEU A 57 -7.77 24.14 3.50
N VAL A 58 -7.83 24.45 4.79
CA VAL A 58 -8.38 25.71 5.28
C VAL A 58 -7.29 26.47 6.03
N ASP A 59 -7.21 27.78 5.82
CA ASP A 59 -6.24 28.61 6.51
C ASP A 59 -6.54 30.09 6.34
N VAL A 60 -6.30 30.83 7.43
CA VAL A 60 -6.35 32.31 7.47
C VAL A 60 -5.51 32.92 6.34
N ASN A 61 -4.33 32.34 6.10
CA ASN A 61 -3.45 32.76 5.01
C ASN A 61 -3.95 32.13 3.72
N GLU A 62 -4.96 32.79 3.12
CA GLU A 62 -5.74 32.21 2.05
C GLU A 62 -4.91 31.89 0.80
N ALA A 63 -3.88 32.70 0.55
CA ALA A 63 -2.95 32.46 -0.53
C ALA A 63 -2.09 31.22 -0.27
N LYS A 64 -1.73 31.01 0.99
CA LYS A 64 -0.85 29.90 1.36
C LYS A 64 -1.58 28.58 1.12
N ALA A 65 -2.87 28.53 1.47
CA ALA A 65 -3.68 27.35 1.24
C ALA A 65 -3.81 27.02 -0.25
N GLU A 66 -3.96 28.05 -1.09
CA GLU A 66 -4.03 27.88 -2.56
C GLU A 66 -2.76 27.23 -3.10
N GLY A 67 -1.61 27.73 -2.65
CA GLY A 67 -0.30 27.25 -3.07
C GLY A 67 0.01 25.83 -2.62
N GLU A 68 -0.32 25.51 -1.37
CA GLU A 68 -0.15 24.17 -0.85
C GLU A 68 -1.05 23.17 -1.55
N ALA A 69 -2.30 23.55 -1.76
CA ALA A 69 -3.23 22.68 -2.47
C ALA A 69 -2.72 22.43 -3.90
N MSE A 70 -2.14 23.46 -4.53
CA MSE A 70 -1.54 23.29 -5.85
C MSE A 70 -0.40 22.33 -5.78
O MSE A 70 -0.41 21.30 -6.47
CB MSE A 70 -1.00 24.64 -6.35
CG MSE A 70 -2.00 25.29 -7.28
SE MSE A 70 -1.13 26.89 -8.02
CE MSE A 70 -2.82 27.56 -8.79
N ASP A 71 0.60 22.66 -4.95
CA ASP A 71 1.81 21.84 -4.80
C ASP A 71 1.49 20.40 -4.39
N LEU A 72 0.57 20.24 -3.43
CA LEU A 72 0.19 18.90 -2.96
C LEU A 72 -0.57 18.10 -4.03
N SER A 73 -1.47 18.77 -4.75
CA SER A 73 -2.24 18.08 -5.81
C SER A 73 -1.34 17.50 -6.88
N HIS A 74 -0.23 18.19 -7.13
CA HIS A 74 0.69 17.79 -8.19
C HIS A 74 1.40 16.47 -7.92
N ALA A 75 1.42 16.06 -6.65
CA ALA A 75 1.99 14.78 -6.27
C ALA A 75 0.98 13.65 -6.55
N VAL A 76 -0.29 14.02 -6.64
CA VAL A 76 -1.40 13.05 -6.74
C VAL A 76 -1.31 12.05 -7.93
N PRO A 77 -1.02 12.51 -9.17
CA PRO A 77 -0.88 11.60 -10.34
C PRO A 77 0.19 10.54 -10.17
N PHE A 78 1.25 10.83 -9.42
CA PHE A 78 2.29 9.85 -9.10
C PHE A 78 2.10 9.13 -7.77
N ALA A 79 1.03 9.46 -7.04
CA ALA A 79 0.69 8.68 -5.87
C ALA A 79 0.10 7.37 -6.42
N PRO A 80 0.07 6.30 -5.60
CA PRO A 80 -0.39 4.97 -6.11
C PRO A 80 -1.90 4.90 -6.39
N ALA A 81 -2.63 5.80 -5.72
CA ALA A 81 -4.08 5.97 -5.88
C ALA A 81 -4.41 7.47 -5.69
N PRO A 82 -5.51 7.97 -6.30
CA PRO A 82 -5.82 9.40 -6.25
C PRO A 82 -6.50 9.90 -4.96
N THR A 83 -6.34 11.20 -4.69
CA THR A 83 -7.11 11.97 -3.67
C THR A 83 -7.46 13.30 -4.37
N ARG A 84 -8.69 13.82 -4.19
CA ARG A 84 -9.03 15.21 -4.60
C ARG A 84 -8.61 16.20 -3.51
N VAL A 85 -7.71 17.12 -3.87
CA VAL A 85 -7.12 18.04 -2.91
C VAL A 85 -7.38 19.48 -3.39
N TRP A 86 -8.03 20.28 -2.57
CA TRP A 86 -8.26 21.69 -2.94
C TRP A 86 -8.31 22.62 -1.74
N LYS A 87 -7.90 23.87 -1.94
CA LYS A 87 -8.13 24.90 -0.93
C LYS A 87 -9.65 25.20 -0.86
N GLY A 88 -10.19 25.20 0.36
CA GLY A 88 -11.62 25.46 0.58
C GLY A 88 -11.92 26.38 1.78
N SER A 89 -13.06 26.16 2.43
CA SER A 89 -13.48 26.98 3.58
C SER A 89 -14.15 26.10 4.65
N TYR A 90 -14.69 26.72 5.69
CA TYR A 90 -15.39 25.95 6.73
C TYR A 90 -16.70 25.34 6.23
N GLU A 91 -17.27 25.97 5.20
CA GLU A 91 -18.51 25.54 4.57
C GLU A 91 -18.41 24.09 4.10
N ASP A 92 -17.23 23.72 3.60
CA ASP A 92 -16.95 22.35 3.13
C ASP A 92 -16.92 21.29 4.25
N CYS A 93 -17.10 21.72 5.50
CA CYS A 93 -17.13 20.82 6.65
C CYS A 93 -18.49 20.11 6.76
N LYS A 94 -19.48 20.61 6.02
CA LYS A 94 -20.85 20.11 6.10
C LYS A 94 -20.92 18.59 6.02
N ASP A 95 -20.29 18.02 4.98
CA ASP A 95 -20.24 16.55 4.80
C ASP A 95 -18.93 15.93 5.31
N ALA A 96 -18.06 16.73 5.90
CA ALA A 96 -16.76 16.23 6.39
C ALA A 96 -16.93 15.10 7.41
N ASP A 97 -16.09 14.07 7.29
CA ASP A 97 -16.02 12.99 8.28
C ASP A 97 -15.14 13.35 9.45
N LEU A 98 -14.10 14.14 9.18
CA LEU A 98 -13.09 14.47 10.18
C LEU A 98 -12.61 15.86 9.87
N VAL A 99 -12.51 16.71 10.89
CA VAL A 99 -11.74 17.94 10.80
C VAL A 99 -10.48 17.76 11.64
N VAL A 100 -9.33 18.08 11.04
CA VAL A 100 -8.04 18.10 11.73
C VAL A 100 -7.59 19.54 11.85
N ILE A 101 -7.33 19.98 13.07
CA ILE A 101 -6.96 21.38 13.28
C ILE A 101 -5.50 21.52 13.77
N THR A 102 -4.73 22.38 13.08
CA THR A 102 -3.30 22.57 13.38
C THR A 102 -2.91 24.02 13.56
N ALA A 103 -3.84 24.92 13.24
CA ALA A 103 -3.64 26.39 13.35
C ALA A 103 -3.36 26.77 14.80
N GLY A 104 -2.55 27.79 15.01
CA GLY A 104 -2.14 28.05 16.36
C GLY A 104 -1.01 29.05 16.45
N LEU A 105 -0.74 29.46 17.68
CA LEU A 105 0.23 30.50 17.92
C LEU A 105 1.30 29.96 18.84
N PRO A 106 2.55 29.99 18.38
CA PRO A 106 3.73 29.48 19.07
C PRO A 106 3.88 29.92 20.52
N GLN A 107 4.72 29.16 21.25
CA GLN A 107 5.17 29.53 22.58
C GLN A 107 6.20 30.65 22.42
N THR A 112 4.21 32.99 29.17
CA THR A 112 4.05 31.85 30.07
C THR A 112 3.10 30.87 29.39
N ARG A 113 2.85 29.76 30.05
CA ARG A 113 2.01 28.73 29.43
C ARG A 113 0.59 29.28 29.41
N LEU A 114 0.29 30.10 30.42
CA LEU A 114 -1.03 30.66 30.64
C LEU A 114 -1.49 31.57 29.51
N ASP A 115 -0.58 32.43 29.06
CA ASP A 115 -0.80 33.27 27.87
C ASP A 115 -0.97 32.39 26.62
N LEU A 116 -0.07 31.43 26.43
CA LEU A 116 -0.21 30.43 25.34
C LEU A 116 -1.66 29.96 25.27
N VAL A 117 -2.19 29.55 26.43
CA VAL A 117 -3.54 28.98 26.56
C VAL A 117 -4.68 29.95 26.22
N GLU A 118 -4.63 31.19 26.72
CA GLU A 118 -5.70 32.15 26.45
C GLU A 118 -5.81 32.52 24.97
N LYS A 119 -4.65 32.77 24.34
CA LYS A 119 -4.57 33.17 22.93
C LYS A 119 -5.16 32.15 21.99
N ASN A 120 -5.01 30.89 22.37
CA ASN A 120 -5.42 29.80 21.50
C ASN A 120 -6.83 29.32 21.82
N ALA A 121 -7.21 29.34 23.10
CA ALA A 121 -8.59 29.08 23.49
C ALA A 121 -9.53 30.07 22.79
N LYS A 122 -9.16 31.37 22.79
CA LYS A 122 -9.88 32.40 22.03
C LYS A 122 -9.99 31.98 20.54
N ILE A 123 -8.85 31.84 19.86
CA ILE A 123 -8.78 31.31 18.49
C ILE A 123 -9.64 30.04 18.30
N PHE A 124 -9.38 29.04 19.13
CA PHE A 124 -10.07 27.74 19.00
C PHE A 124 -11.58 27.84 19.08
N LYS A 125 -12.07 28.65 20.01
CA LYS A 125 -13.50 28.89 20.18
C LYS A 125 -14.16 29.44 18.91
N GLN A 126 -13.49 30.37 18.25
CA GLN A 126 -13.96 30.93 16.97
C GLN A 126 -13.92 29.86 15.86
N ILE A 127 -12.83 29.11 15.82
CA ILE A 127 -12.65 28.03 14.84
C ILE A 127 -13.79 27.02 14.95
N VAL A 128 -14.02 26.53 16.16
CA VAL A 128 -15.00 25.47 16.41
C VAL A 128 -16.41 25.94 16.09
N ARG A 129 -16.75 27.14 16.56
CA ARG A 129 -18.03 27.79 16.26
C ARG A 129 -18.29 27.86 14.75
N SER A 130 -17.32 28.39 14.00
CA SER A 130 -17.37 28.45 12.54
C SER A 130 -17.57 27.08 11.88
N ILE A 131 -16.81 26.09 12.33
CA ILE A 131 -16.97 24.74 11.82
C ILE A 131 -18.39 24.24 12.09
N MSE A 132 -18.85 24.37 13.33
CA MSE A 132 -20.18 23.87 13.73
C MSE A 132 -21.30 24.50 12.93
O MSE A 132 -22.30 23.84 12.63
CB MSE A 132 -20.47 24.04 15.22
CG MSE A 132 -19.65 23.16 16.17
SE MSE A 132 -19.55 21.27 15.60
CE MSE A 132 -21.34 20.71 16.22
N ASP A 133 -21.12 25.77 12.54
CA ASP A 133 -22.12 26.49 11.74
C ASP A 133 -22.46 25.81 10.41
N SER A 134 -21.46 25.25 9.73
CA SER A 134 -21.62 24.69 8.38
C SER A 134 -22.50 23.44 8.33
N GLY A 135 -22.79 22.89 9.51
CA GLY A 135 -23.57 21.64 9.62
C GLY A 135 -22.74 20.41 9.89
N PHE A 136 -21.45 20.61 10.18
CA PHE A 136 -20.48 19.54 10.48
C PHE A 136 -21.00 18.63 11.58
N ASP A 137 -20.95 17.33 11.33
CA ASP A 137 -21.38 16.37 12.32
C ASP A 137 -20.46 15.15 12.30
N GLY A 138 -19.16 15.40 12.22
CA GLY A 138 -18.14 14.35 12.25
C GLY A 138 -17.24 14.41 13.47
N ILE A 139 -15.98 14.01 13.32
CA ILE A 139 -15.03 13.90 14.43
C ILE A 139 -13.93 14.96 14.35
N PHE A 140 -13.60 15.58 15.48
CA PHE A 140 -12.49 16.57 15.54
C PHE A 140 -11.18 15.93 16.02
N LEU A 141 -10.09 16.19 15.31
CA LEU A 141 -8.75 15.77 15.74
C LEU A 141 -7.87 16.99 15.90
N ILE A 142 -7.38 17.19 17.12
CA ILE A 142 -6.61 18.38 17.48
C ILE A 142 -5.11 18.11 17.63
N ALA A 143 -4.25 18.98 17.09
CA ALA A 143 -2.81 18.81 17.23
C ALA A 143 -2.10 20.04 17.83
N THR A 144 -2.77 21.20 17.75
CA THR A 144 -2.16 22.45 18.21
C THR A 144 -1.83 22.35 19.69
N ASN A 145 -0.56 22.60 19.99
CA ASN A 145 -0.07 22.88 21.32
C ASN A 145 -0.79 24.10 21.92
N PRO A 146 -1.25 24.01 23.17
CA PRO A 146 -1.23 22.87 24.09
C PRO A 146 -2.33 21.85 23.78
N VAL A 147 -1.95 20.65 23.38
CA VAL A 147 -2.93 19.76 22.73
C VAL A 147 -4.11 19.37 23.60
N ASP A 148 -3.84 18.86 24.80
CA ASP A 148 -4.87 18.42 25.75
C ASP A 148 -5.82 19.57 26.14
N ILE A 149 -5.26 20.71 26.52
CA ILE A 149 -6.10 21.86 26.81
C ILE A 149 -7.01 22.22 25.63
N LEU A 150 -6.43 22.35 24.43
CA LEU A 150 -7.19 22.75 23.26
C LEU A 150 -8.25 21.74 22.85
N THR A 151 -7.97 20.46 23.10
CA THR A 151 -9.00 19.42 22.90
C THR A 151 -10.20 19.65 23.81
N TYR A 152 -9.92 19.94 25.08
CA TYR A 152 -10.97 20.30 26.02
C TYR A 152 -11.76 21.50 25.51
N VAL A 153 -11.05 22.57 25.13
CA VAL A 153 -11.67 23.75 24.55
C VAL A 153 -12.65 23.45 23.42
N THR A 154 -12.24 22.55 22.51
CA THR A 154 -13.03 22.17 21.33
C THR A 154 -14.28 21.43 21.76
N TRP A 155 -14.12 20.52 22.71
CA TRP A 155 -15.22 19.72 23.22
C TRP A 155 -16.36 20.60 23.80
N LYS A 156 -15.99 21.62 24.58
CA LYS A 156 -16.96 22.55 25.19
C LYS A 156 -17.76 23.32 24.14
N GLU A 157 -17.06 23.89 23.16
CA GLU A 157 -17.64 24.77 22.14
C GLU A 157 -18.48 24.04 21.11
N SER A 158 -18.12 22.79 20.82
CA SER A 158 -18.83 22.05 19.80
C SER A 158 -20.14 21.51 20.35
N GLY A 159 -20.16 21.26 21.64
CA GLY A 159 -21.28 20.58 22.30
C GLY A 159 -21.31 19.10 21.97
N LEU A 160 -20.30 18.65 21.24
CA LEU A 160 -20.28 17.27 20.75
C LEU A 160 -20.00 16.24 21.85
N PRO A 161 -20.42 14.99 21.64
CA PRO A 161 -20.01 13.90 22.53
C PRO A 161 -18.50 13.87 22.73
N LYS A 162 -18.09 13.68 23.98
CA LYS A 162 -16.69 13.59 24.35
C LYS A 162 -15.85 12.69 23.45
N GLU A 163 -16.46 11.57 23.00
CA GLU A 163 -15.84 10.55 22.15
C GLU A 163 -15.41 11.09 20.80
N ARG A 164 -16.17 12.04 20.29
CA ARG A 164 -15.99 12.50 18.91
C ARG A 164 -15.04 13.70 18.86
N VAL A 165 -14.34 13.92 19.97
CA VAL A 165 -13.40 15.04 20.04
C VAL A 165 -12.11 14.52 20.65
N ILE A 166 -11.06 14.56 19.84
CA ILE A 166 -9.81 13.86 20.13
C ILE A 166 -8.59 14.72 19.86
N GLY A 167 -7.61 14.65 20.76
CA GLY A 167 -6.32 15.27 20.49
C GLY A 167 -5.28 14.23 20.13
N SER A 168 -4.24 14.67 19.43
CA SER A 168 -3.12 13.80 19.05
C SER A 168 -2.33 13.36 20.26
N GLY A 169 -2.57 14.02 21.39
CA GLY A 169 -1.98 13.61 22.65
C GLY A 169 -0.50 13.34 22.56
N THR A 170 -0.09 12.21 23.12
CA THR A 170 1.30 11.78 23.14
C THR A 170 1.65 10.72 22.07
N THR A 171 0.75 10.51 21.11
CA THR A 171 0.95 9.50 20.06
C THR A 171 2.37 9.53 19.49
N LEU A 172 2.91 10.73 19.22
CA LEU A 172 4.25 10.80 18.61
C LEU A 172 5.36 10.53 19.64
N ASP A 173 5.23 11.11 20.84
CA ASP A 173 6.14 10.75 21.95
C ASP A 173 6.23 9.25 22.01
N SER A 174 5.06 8.61 22.00
CA SER A 174 4.97 7.18 22.04
C SER A 174 5.70 6.55 20.85
N ALA A 175 5.56 7.14 19.65
CA ALA A 175 6.26 6.62 18.49
C ALA A 175 7.78 6.78 18.63
N ARG A 176 8.23 7.96 19.09
CA ARG A 176 9.65 8.20 19.37
C ARG A 176 10.20 7.21 20.39
N PHE A 177 9.39 6.89 21.40
CA PHE A 177 9.72 5.94 22.47
C PHE A 177 9.98 4.54 21.89
N ARG A 178 9.04 4.04 21.09
CA ARG A 178 9.22 2.77 20.40
C ARG A 178 10.44 2.74 19.48
N TYR A 179 10.63 3.81 18.72
CA TYR A 179 11.80 3.90 17.86
C TYR A 179 13.09 3.80 18.67
N MSE A 180 13.21 4.63 19.70
CA MSE A 180 14.45 4.67 20.52
C MSE A 180 14.66 3.36 21.24
O MSE A 180 15.80 2.91 21.38
CB MSE A 180 14.49 5.88 21.45
CG MSE A 180 14.60 7.15 20.60
SE MSE A 180 14.62 8.79 21.70
CE MSE A 180 14.03 10.07 20.32
N LEU A 181 13.56 2.74 21.69
CA LEU A 181 13.63 1.38 22.26
C LEU A 181 13.95 0.32 21.22
N GLY A 182 13.48 0.51 19.99
CA GLY A 182 13.81 -0.37 18.87
C GLY A 182 15.31 -0.44 18.64
N GLU A 183 15.93 0.74 18.64
CA GLU A 183 17.39 0.91 18.47
C GLU A 183 18.17 0.20 19.57
N TYR A 184 17.65 0.31 20.79
CA TYR A 184 18.30 -0.22 22.00
C TYR A 184 18.26 -1.74 22.10
N PHE A 185 17.15 -2.34 21.69
CA PHE A 185 16.93 -3.79 21.81
C PHE A 185 17.15 -4.56 20.51
N ASP A 186 17.43 -3.82 19.44
CA ASP A 186 17.74 -4.39 18.13
C ASP A 186 16.60 -5.12 17.43
N ILE A 187 15.36 -4.71 17.68
CA ILE A 187 14.25 -5.20 16.84
C ILE A 187 13.50 -4.00 16.24
N GLY A 188 12.83 -4.22 15.11
CA GLY A 188 12.10 -3.13 14.42
C GLY A 188 11.10 -2.43 15.33
N PRO A 189 10.88 -1.12 15.12
CA PRO A 189 10.05 -0.39 16.09
C PRO A 189 8.60 -0.85 16.18
N HIS A 190 8.04 -1.37 15.08
CA HIS A 190 6.67 -1.91 15.04
C HIS A 190 6.46 -3.08 16.03
N ASN A 191 7.55 -3.68 16.50
CA ASN A 191 7.47 -4.75 17.50
C ASN A 191 7.75 -4.29 18.94
N ILE A 192 8.03 -3.01 19.12
CA ILE A 192 8.19 -2.46 20.47
C ILE A 192 6.79 -2.03 20.90
N HIS A 193 6.31 -2.56 22.01
CA HIS A 193 5.01 -2.13 22.54
C HIS A 193 5.20 -1.29 23.80
N ALA A 194 4.98 0.00 23.67
CA ALA A 194 5.41 0.95 24.70
C ALA A 194 4.68 2.28 24.56
N TYR A 195 4.33 2.87 25.69
CA TYR A 195 3.43 4.01 25.70
C TYR A 195 3.92 5.14 26.58
N ILE A 196 3.77 6.34 26.05
CA ILE A 196 3.90 7.57 26.83
C ILE A 196 2.51 8.13 27.11
N ILE A 197 2.24 8.46 28.38
CA ILE A 197 0.94 9.00 28.76
C ILE A 197 1.11 10.31 29.53
N GLY A 198 -0.01 11.01 29.75
CA GLY A 198 -0.01 12.25 30.51
C GLY A 198 -0.21 13.47 29.64
N GLU A 199 -0.06 14.64 30.24
CA GLU A 199 -0.17 15.87 29.50
C GLU A 199 1.01 15.94 28.56
N HIS A 200 0.75 16.19 27.28
CA HIS A 200 1.79 16.19 26.25
C HIS A 200 2.72 17.35 26.52
N GLY A 201 3.94 17.03 26.93
CA GLY A 201 4.92 18.05 27.30
C GLY A 201 5.83 17.52 28.39
N ASP A 202 6.34 18.41 29.24
CA ASP A 202 7.39 18.00 30.16
C ASP A 202 6.90 17.32 31.45
N THR A 203 5.59 17.09 31.57
CA THR A 203 5.03 16.29 32.68
C THR A 203 4.61 14.89 32.24
N GLU A 204 4.68 14.62 30.94
CA GLU A 204 4.31 13.31 30.41
C GLU A 204 5.27 12.26 30.94
N LEU A 205 4.90 11.00 30.80
CA LEU A 205 5.68 9.92 31.39
C LEU A 205 5.60 8.66 30.53
N PRO A 206 6.66 7.85 30.60
CA PRO A 206 6.71 6.52 30.02
C PRO A 206 6.12 5.52 30.99
N VAL A 207 5.30 4.61 30.49
CA VAL A 207 4.79 3.55 31.32
C VAL A 207 5.74 2.36 31.24
N TRP A 208 6.85 2.46 31.97
CA TRP A 208 7.87 1.41 32.03
C TRP A 208 7.30 0.04 32.39
N SER A 209 6.28 0.03 33.25
CA SER A 209 5.68 -1.20 33.76
C SER A 209 5.02 -2.05 32.65
N HIS A 210 4.72 -1.41 31.52
CA HIS A 210 4.02 -2.06 30.42
C HIS A 210 4.75 -1.88 29.08
N VAL A 211 6.08 -2.01 29.12
CA VAL A 211 6.87 -2.02 27.90
C VAL A 211 7.17 -3.47 27.52
N SER A 212 6.86 -3.84 26.28
CA SER A 212 7.25 -5.14 25.76
C SER A 212 8.15 -5.04 24.55
N VAL A 213 9.15 -5.91 24.52
CA VAL A 213 10.07 -6.02 23.41
C VAL A 213 9.74 -7.33 22.69
N GLY A 214 8.95 -7.23 21.63
CA GLY A 214 8.33 -8.42 21.03
C GLY A 214 7.46 -9.09 22.08
N ILE A 215 7.56 -10.41 22.20
CA ILE A 215 6.88 -11.17 23.26
C ILE A 215 7.41 -10.88 24.68
N GLN A 216 8.65 -10.41 24.77
CA GLN A 216 9.34 -10.28 26.05
C GLN A 216 8.96 -9.05 26.90
N LYS A 217 8.89 -9.26 28.20
CA LYS A 217 8.59 -8.21 29.16
C LYS A 217 9.84 -7.44 29.60
N LEU A 218 9.75 -6.11 29.62
CA LEU A 218 10.90 -5.28 29.99
C LEU A 218 11.42 -5.59 31.40
N GLN A 219 10.52 -5.79 32.35
CA GLN A 219 10.91 -6.06 33.73
C GLN A 219 11.74 -7.33 33.90
N THR A 220 11.35 -8.38 33.19
CA THR A 220 12.08 -9.65 33.22
C THR A 220 13.43 -9.55 32.51
N LEU A 221 13.46 -8.78 31.43
CA LEU A 221 14.70 -8.53 30.70
C LEU A 221 15.71 -7.79 31.57
N LEU A 222 15.25 -6.78 32.31
CA LEU A 222 16.12 -6.04 33.22
C LEU A 222 16.66 -6.91 34.37
N GLU A 223 15.87 -7.91 34.77
CA GLU A 223 16.19 -8.75 35.94
C GLU A 223 16.98 -10.02 35.62
N LYS A 224 16.77 -10.61 34.45
CA LYS A 224 17.43 -11.87 34.07
C LYS A 224 18.92 -11.67 33.75
N ASP A 225 19.55 -12.69 33.17
CA ASP A 225 20.98 -12.67 32.87
C ASP A 225 21.31 -11.87 31.60
N ASN A 226 21.67 -10.60 31.80
CA ASN A 226 22.03 -9.70 30.70
C ASN A 226 22.57 -8.35 31.20
N THR A 227 22.88 -7.46 30.26
CA THR A 227 23.37 -6.12 30.59
C THR A 227 22.47 -5.00 30.06
N TYR A 228 21.33 -4.82 30.73
CA TYR A 228 20.50 -3.63 30.58
C TYR A 228 20.39 -2.96 31.94
N ASN A 229 20.35 -1.63 31.95
CA ASN A 229 20.12 -0.89 33.20
C ASN A 229 19.18 0.30 33.01
N GLN A 230 18.26 0.46 33.96
CA GLN A 230 17.27 1.52 33.94
C GLN A 230 17.88 2.89 33.63
N GLU A 231 19.14 3.07 34.05
CA GLU A 231 19.92 4.27 33.78
C GLU A 231 19.94 4.64 32.29
N ASP A 232 20.19 3.67 31.43
CA ASP A 232 20.13 3.84 29.98
C ASP A 232 18.70 4.20 29.55
N LEU A 233 17.75 3.39 30.03
CA LEU A 233 16.34 3.54 29.70
C LEU A 233 15.77 4.89 30.10
N ASP A 234 16.13 5.37 31.29
CA ASP A 234 15.68 6.67 31.75
C ASP A 234 16.20 7.76 30.82
N LYS A 235 17.45 7.65 30.38
CA LYS A 235 18.01 8.54 29.36
C LYS A 235 17.17 8.49 28.08
N ILE A 236 16.79 7.29 27.66
CA ILE A 236 15.95 7.10 26.48
C ILE A 236 14.70 7.98 26.55
N PHE A 237 14.03 8.02 27.71
CA PHE A 237 12.84 8.87 27.83
C PHE A 237 13.16 10.37 27.74
N ILE A 238 14.29 10.79 28.32
CA ILE A 238 14.69 12.19 28.26
C ILE A 238 14.92 12.65 26.80
N ASN A 239 15.44 11.74 25.97
CA ASN A 239 15.62 12.04 24.55
C ASN A 239 14.29 12.15 23.81
N VAL A 240 13.34 11.30 24.18
CA VAL A 240 11.96 11.42 23.70
C VAL A 240 11.37 12.76 24.13
N ARG A 241 11.53 13.09 25.41
CA ARG A 241 10.96 14.32 25.95
C ARG A 241 11.61 15.56 25.31
N ASP A 242 12.93 15.53 25.08
CA ASP A 242 13.62 16.69 24.52
C ASP A 242 13.75 16.65 22.98
N ALA A 243 13.13 15.64 22.35
CA ALA A 243 13.27 15.42 20.91
C ALA A 243 13.01 16.66 20.06
N ALA A 244 11.88 17.32 20.29
CA ALA A 244 11.51 18.52 19.55
C ALA A 244 12.64 19.53 19.62
N TYR A 245 13.06 19.87 20.84
CA TYR A 245 14.20 20.73 21.09
C TYR A 245 15.44 20.27 20.31
N HIS A 246 15.73 18.97 20.37
CA HIS A 246 16.89 18.40 19.67
C HIS A 246 16.76 18.57 18.14
N ILE A 247 15.54 18.44 17.64
CA ILE A 247 15.25 18.58 16.21
C ILE A 247 15.30 20.05 15.76
N ILE A 248 14.58 20.90 16.50
CA ILE A 248 14.34 22.30 16.13
C ILE A 248 15.63 23.14 16.11
N GLU A 249 16.60 22.74 16.94
CA GLU A 249 17.93 23.36 16.99
C GLU A 249 18.72 23.01 15.72
N ARG A 250 18.47 21.82 15.18
CA ARG A 250 19.19 21.32 14.00
C ARG A 250 18.55 21.76 12.67
N LYS A 251 17.21 21.80 12.64
CA LYS A 251 16.48 22.05 11.39
C LYS A 251 15.25 22.97 11.49
N GLY A 252 15.19 23.82 12.51
CA GLY A 252 14.18 24.89 12.57
C GLY A 252 12.78 24.54 13.03
N ALA A 253 12.34 23.29 12.86
CA ALA A 253 11.15 22.76 13.49
C ALA A 253 11.03 21.21 13.42
N THR A 254 10.11 20.67 14.16
CA THR A 254 9.78 19.26 14.08
C THR A 254 8.42 19.09 13.46
N TYR A 255 8.35 18.31 12.41
CA TYR A 255 7.13 18.14 11.68
C TYR A 255 6.88 16.78 10.94
N TYR A 256 7.90 16.06 10.55
CA TYR A 256 7.70 14.79 9.84
C TYR A 256 7.05 13.78 10.75
N GLY A 257 7.59 13.64 11.93
CA GLY A 257 7.03 12.73 12.95
C GLY A 257 5.57 13.03 13.26
N ILE A 258 5.24 14.29 13.52
CA ILE A 258 3.85 14.63 13.85
C ILE A 258 2.87 14.36 12.68
N GLY A 259 3.29 14.62 11.45
CA GLY A 259 2.48 14.25 10.29
C GLY A 259 2.08 12.77 10.27
N MSE A 260 3.02 11.88 10.59
CA MSE A 260 2.72 10.45 10.51
C MSE A 260 1.83 10.06 11.66
O MSE A 260 0.97 9.19 11.50
CB MSE A 260 3.95 9.55 10.43
CG MSE A 260 3.54 8.14 10.05
SE MSE A 260 3.19 8.07 8.11
CE MSE A 260 5.06 8.39 7.57
N SER A 261 2.00 10.74 12.81
CA SER A 261 1.11 10.60 13.97
C SER A 261 -0.35 10.84 13.57
N LEU A 262 -0.57 11.93 12.85
CA LEU A 262 -1.90 12.36 12.48
C LEU A 262 -2.46 11.42 11.41
N LEU A 263 -1.62 11.07 10.43
CA LEU A 263 -1.96 10.02 9.47
C LEU A 263 -2.54 8.83 10.25
N ARG A 264 -1.79 8.34 11.22
CA ARG A 264 -2.16 7.13 11.95
C ARG A 264 -3.47 7.25 12.76
N VAL A 265 -3.67 8.37 13.48
CA VAL A 265 -4.94 8.63 14.16
C VAL A 265 -6.08 8.70 13.14
N THR A 266 -5.82 9.36 12.01
CA THR A 266 -6.83 9.55 10.98
C THR A 266 -7.27 8.16 10.46
N LYS A 267 -6.30 7.30 10.15
CA LYS A 267 -6.64 5.91 9.68
C LYS A 267 -7.45 5.03 10.67
N ALA A 268 -7.13 5.14 11.97
CA ALA A 268 -7.90 4.46 13.03
C ALA A 268 -9.38 4.84 13.05
N ILE A 269 -9.66 6.12 12.80
CA ILE A 269 -11.01 6.64 12.75
C ILE A 269 -11.73 6.31 11.45
N LEU A 270 -11.20 6.75 10.31
CA LEU A 270 -11.88 6.54 9.02
C LEU A 270 -11.98 5.08 8.56
N ASN A 271 -11.01 4.26 8.97
CA ASN A 271 -10.99 2.84 8.58
C ASN A 271 -11.56 1.92 9.68
N ASP A 272 -12.14 2.53 10.73
CA ASP A 272 -12.87 1.82 11.82
C ASP A 272 -12.05 0.64 12.36
N GLU A 273 -10.85 0.96 12.82
CA GLU A 273 -9.85 -0.04 13.13
C GLU A 273 -9.99 -0.69 14.49
N ASN A 274 -10.61 0.00 15.45
CA ASN A 274 -10.50 -0.38 16.86
C ASN A 274 -9.03 -0.61 17.28
N SER A 275 -8.14 0.31 16.91
CA SER A 275 -6.72 0.20 17.28
C SER A 275 -6.42 1.05 18.53
N VAL A 276 -5.22 0.91 19.07
CA VAL A 276 -4.84 1.49 20.34
C VAL A 276 -3.78 2.58 20.12
N LEU A 277 -4.15 3.81 20.45
CA LEU A 277 -3.27 4.99 20.30
C LEU A 277 -3.39 5.83 21.57
N THR A 278 -2.31 6.48 21.95
CA THR A 278 -2.32 7.33 23.14
C THR A 278 -2.72 8.76 22.77
N VAL A 279 -3.99 8.91 22.43
CA VAL A 279 -4.56 10.20 22.07
C VAL A 279 -5.09 10.92 23.30
N SER A 280 -5.27 12.24 23.19
CA SER A 280 -5.97 12.98 24.23
C SER A 280 -7.43 12.51 24.28
N ALA A 281 -7.82 11.96 25.44
CA ALA A 281 -9.14 11.34 25.63
C ALA A 281 -9.75 11.75 26.96
N TYR A 282 -11.08 11.77 27.03
CA TYR A 282 -11.78 12.34 28.18
C TYR A 282 -11.91 11.38 29.37
N LEU A 283 -11.21 11.70 30.46
CA LEU A 283 -11.14 10.79 31.61
C LEU A 283 -12.43 10.74 32.42
N GLU A 284 -12.86 9.51 32.72
CA GLU A 284 -14.05 9.25 33.54
C GLU A 284 -13.74 8.30 34.69
N GLY A 285 -12.62 8.52 35.38
CA GLY A 285 -12.26 7.68 36.53
C GLY A 285 -11.21 6.62 36.25
N GLN A 286 -10.79 6.50 34.99
CA GLN A 286 -9.66 5.63 34.65
C GLN A 286 -8.39 6.19 35.28
N TYR A 287 -7.55 5.31 35.82
CA TYR A 287 -6.32 5.70 36.53
C TYR A 287 -6.62 6.58 37.77
N GLY A 288 -7.85 6.49 38.27
CA GLY A 288 -8.30 7.29 39.42
C GLY A 288 -8.36 8.79 39.19
N GLN A 289 -8.54 9.18 37.93
CA GLN A 289 -8.62 10.60 37.56
C GLN A 289 -9.81 10.80 36.62
N LYS A 290 -10.23 12.05 36.45
CA LYS A 290 -11.49 12.34 35.75
C LYS A 290 -11.61 13.78 35.28
N ASP A 291 -12.44 13.95 34.25
CA ASP A 291 -12.94 15.22 33.75
C ASP A 291 -11.90 16.16 33.13
N VAL A 292 -10.88 15.55 32.51
CA VAL A 292 -9.91 16.29 31.71
C VAL A 292 -9.59 15.46 30.48
N TYR A 293 -9.20 16.14 29.39
CA TYR A 293 -8.53 15.45 28.28
C TYR A 293 -7.05 15.30 28.56
N ILE A 294 -6.53 14.09 28.36
CA ILE A 294 -5.13 13.81 28.60
C ILE A 294 -4.71 12.58 27.80
N GLY A 295 -3.44 12.49 27.44
CA GLY A 295 -2.94 11.35 26.62
C GLY A 295 -3.02 10.04 27.39
N VAL A 296 -3.81 9.10 26.88
CA VAL A 296 -3.97 7.79 27.53
C VAL A 296 -4.20 6.73 26.43
N PRO A 297 -3.91 5.45 26.71
CA PRO A 297 -4.23 4.46 25.69
C PRO A 297 -5.73 4.36 25.48
N ALA A 298 -6.14 4.64 24.25
CA ALA A 298 -7.54 4.59 23.89
C ALA A 298 -7.75 3.65 22.72
N VAL A 299 -8.97 3.17 22.59
CA VAL A 299 -9.36 2.44 21.42
C VAL A 299 -10.19 3.30 20.46
N LEU A 300 -9.66 3.47 19.26
CA LEU A 300 -10.22 4.37 18.25
C LEU A 300 -10.96 3.63 17.14
N ASN A 301 -12.16 4.09 16.81
CA ASN A 301 -12.85 3.60 15.63
C ASN A 301 -13.62 4.73 14.96
N ARG A 302 -14.56 4.39 14.08
N ARG A 302 -14.56 4.40 14.09
CA ARG A 302 -15.30 5.39 13.31
CA ARG A 302 -15.29 5.42 13.32
C ARG A 302 -16.17 6.30 14.18
C ARG A 302 -16.15 6.32 14.19
N GLY A 303 -16.57 5.80 15.35
CA GLY A 303 -17.29 6.60 16.34
C GLY A 303 -16.37 7.46 17.22
N GLY A 304 -15.07 7.46 16.91
CA GLY A 304 -14.10 8.20 17.71
C GLY A 304 -13.49 7.29 18.76
N VAL A 305 -13.46 7.78 19.99
CA VAL A 305 -12.92 6.99 21.11
C VAL A 305 -14.00 5.99 21.55
N ARG A 306 -13.72 4.70 21.40
CA ARG A 306 -14.68 3.71 21.84
C ARG A 306 -14.53 3.38 23.33
N GLU A 307 -13.30 3.22 23.81
CA GLU A 307 -13.03 3.10 25.26
C GLU A 307 -11.60 3.47 25.62
N ILE A 308 -11.38 3.79 26.89
CA ILE A 308 -10.06 4.06 27.41
C ILE A 308 -9.52 2.76 28.01
N LEU A 309 -8.25 2.46 27.78
CA LEU A 309 -7.63 1.25 28.35
C LEU A 309 -6.85 1.59 29.61
N GLU A 310 -7.43 1.19 30.75
CA GLU A 310 -6.83 1.44 32.04
C GLU A 310 -5.85 0.31 32.35
N VAL A 311 -4.66 0.67 32.81
CA VAL A 311 -3.74 -0.33 33.33
C VAL A 311 -3.35 0.00 34.76
N GLU A 312 -2.76 -0.97 35.43
CA GLU A 312 -2.23 -0.79 36.78
C GLU A 312 -0.80 -0.23 36.69
N LEU A 313 -0.68 1.08 36.88
CA LEU A 313 0.63 1.75 36.88
C LEU A 313 1.41 1.43 38.15
N SER A 314 2.72 1.27 38.05
CA SER A 314 3.58 1.21 39.24
C SER A 314 3.31 2.48 40.08
N GLU A 315 3.62 2.42 41.37
CA GLU A 315 3.35 3.56 42.24
C GLU A 315 4.11 4.80 41.77
N ASP A 316 5.28 4.60 41.17
CA ASP A 316 6.07 5.68 40.58
C ASP A 316 5.35 6.31 39.37
N GLU A 317 4.78 5.45 38.53
CA GLU A 317 4.01 5.92 37.37
C GLU A 317 2.72 6.65 37.77
N GLU A 318 2.03 6.13 38.80
CA GLU A 318 0.78 6.71 39.30
C GLU A 318 1.04 8.06 39.96
N LEU A 319 2.13 8.14 40.72
CA LEU A 319 2.56 9.42 41.28
C LEU A 319 2.72 10.44 40.14
N LYS A 320 3.39 10.03 39.06
CA LYS A 320 3.73 10.93 37.95
C LYS A 320 2.52 11.33 37.10
N PHE A 321 1.64 10.37 36.82
CA PHE A 321 0.37 10.65 36.15
C PHE A 321 -0.48 11.61 36.99
N ASP A 322 -0.51 11.38 38.31
CA ASP A 322 -1.22 12.29 39.22
C ASP A 322 -0.71 13.71 39.05
N HIS A 323 0.61 13.86 39.10
CA HIS A 323 1.26 15.15 38.91
C HIS A 323 0.87 15.75 37.55
N SER A 324 0.97 14.95 36.49
CA SER A 324 0.57 15.37 35.16
C SER A 324 -0.86 15.94 35.10
N VAL A 325 -1.80 15.26 35.74
CA VAL A 325 -3.19 15.70 35.78
C VAL A 325 -3.39 16.96 36.65
N GLN A 326 -2.71 17.03 37.78
CA GLN A 326 -2.85 18.22 38.65
C GLN A 326 -2.28 19.49 38.01
N VAL A 327 -1.07 19.42 37.44
CA VAL A 327 -0.51 20.51 36.63
C VAL A 327 -1.45 20.88 35.46
N LEU A 328 -1.99 19.88 34.78
CA LEU A 328 -2.90 20.16 33.68
C LEU A 328 -4.11 20.93 34.15
N LYS A 329 -4.73 20.47 35.24
CA LYS A 329 -5.91 21.15 35.83
C LYS A 329 -5.58 22.56 36.33
N GLU A 330 -4.37 22.74 36.84
CA GLU A 330 -3.93 24.04 37.37
C GLU A 330 -3.65 25.04 36.24
N THR A 331 -3.07 24.56 35.15
CA THR A 331 -2.82 25.32 33.93
C THR A 331 -4.12 25.76 33.25
N MSE A 332 -5.14 24.90 33.29
CA MSE A 332 -6.42 25.16 32.60
C MSE A 332 -7.38 26.00 33.36
O MSE A 332 -8.29 26.60 32.78
CB MSE A 332 -7.22 23.86 32.43
CG MSE A 332 -6.44 22.66 31.93
SE MSE A 332 -7.71 21.16 31.89
CE MSE A 332 -8.80 21.93 30.43
N ALA A 333 -7.21 26.05 34.67
CA ALA A 333 -8.21 26.63 35.55
C ALA A 333 -8.39 28.15 35.43
N PRO A 334 -7.29 28.94 35.54
CA PRO A 334 -7.41 30.42 35.55
C PRO A 334 -7.96 31.03 34.27
N VAL A 335 -8.06 30.22 33.22
CA VAL A 335 -8.59 30.65 31.92
C VAL A 335 -9.81 29.80 31.52
N LEU A 336 -9.93 28.64 32.16
CA LEU A 336 -11.01 27.65 31.92
C LEU A 336 -11.03 27.06 30.52
N GLU B 16 29.50 -16.44 6.89
CA GLU B 16 29.33 -15.81 8.23
C GLU B 16 29.24 -14.29 8.05
N ASN B 17 30.37 -13.67 7.68
CA ASN B 17 30.37 -12.29 7.22
C ASN B 17 30.30 -12.20 5.69
N LEU B 18 30.30 -13.36 5.02
CA LEU B 18 30.03 -13.45 3.58
C LEU B 18 28.52 -13.54 3.31
N TYR B 19 27.78 -14.11 4.26
CA TYR B 19 26.34 -14.01 4.26
C TYR B 19 25.91 -12.61 4.69
N PHE B 20 26.52 -12.11 5.76
CA PHE B 20 26.24 -10.76 6.26
C PHE B 20 26.52 -9.69 5.21
N GLN B 21 27.59 -9.85 4.44
CA GLN B 21 27.88 -8.92 3.34
C GLN B 21 26.90 -9.07 2.18
N SER B 22 26.51 -10.31 1.87
CA SER B 22 25.53 -10.56 0.82
C SER B 22 24.13 -10.07 1.19
N MSE B 23 23.82 -10.08 2.49
CA MSE B 23 22.59 -9.49 3.02
C MSE B 23 22.55 -8.03 2.64
O MSE B 23 21.55 -7.55 2.11
CB MSE B 23 22.61 -9.51 4.54
CG MSE B 23 22.03 -10.78 5.14
SE MSE B 23 22.26 -10.62 7.09
CE MSE B 23 23.21 -12.32 7.44
N LYS B 24 23.65 -7.33 2.91
CA LYS B 24 23.76 -5.90 2.62
C LYS B 24 23.57 -5.59 1.13
N LYS B 25 23.84 -6.59 0.27
CA LYS B 25 23.54 -6.47 -1.16
C LYS B 25 22.09 -6.89 -1.46
N GLY B 26 21.57 -7.86 -0.71
CA GLY B 26 20.20 -8.33 -0.89
C GLY B 26 19.12 -7.41 -0.33
N ILE B 27 19.48 -6.18 0.02
CA ILE B 27 18.49 -5.18 0.44
C ILE B 27 18.71 -3.93 -0.39
N ASN B 28 17.72 -3.05 -0.42
CA ASN B 28 17.81 -1.79 -1.14
C ASN B 28 18.25 -0.64 -0.26
N ARG B 29 19.32 0.05 -0.67
CA ARG B 29 19.77 1.22 0.06
C ARG B 29 19.81 2.41 -0.87
N VAL B 30 19.19 3.50 -0.43
CA VAL B 30 19.23 4.78 -1.13
C VAL B 30 20.01 5.77 -0.27
N VAL B 31 20.87 6.57 -0.91
CA VAL B 31 21.58 7.66 -0.22
C VAL B 31 21.20 8.97 -0.90
N LEU B 32 20.50 9.83 -0.16
CA LEU B 32 20.11 11.15 -0.64
C LEU B 32 21.20 12.17 -0.29
N VAL B 33 21.63 12.93 -1.28
CA VAL B 33 22.65 14.00 -1.15
C VAL B 33 21.99 15.35 -1.24
N GLY B 34 22.06 16.08 -0.16
CA GLY B 34 21.32 17.29 0.00
C GLY B 34 20.06 17.07 0.79
N THR B 35 19.87 17.74 1.91
CA THR B 35 18.67 17.61 2.66
C THR B 35 17.91 18.90 2.93
N GLY B 36 17.43 19.44 1.88
CA GLY B 36 16.51 20.53 1.91
C GLY B 36 15.09 20.12 1.74
N ALA B 37 14.28 21.07 1.31
CA ALA B 37 12.87 20.83 1.08
C ALA B 37 12.66 19.68 0.10
N VAL B 38 13.37 19.72 -1.02
CA VAL B 38 13.18 18.73 -2.07
C VAL B 38 13.55 17.31 -1.58
N GLY B 39 14.79 17.15 -1.13
CA GLY B 39 15.31 15.84 -0.74
C GLY B 39 14.51 15.22 0.38
N CYS B 40 14.14 16.05 1.36
CA CYS B 40 13.39 15.55 2.52
C CYS B 40 11.92 15.22 2.22
N SER B 41 11.27 16.00 1.35
CA SER B 41 9.97 15.59 0.81
C SER B 41 10.05 14.22 0.13
N TYR B 42 11.09 14.02 -0.67
CA TYR B 42 11.35 12.70 -1.29
C TYR B 42 11.54 11.61 -0.24
N ALA B 43 12.42 11.86 0.72
CA ALA B 43 12.58 10.99 1.90
C ALA B 43 11.24 10.64 2.55
N TYR B 44 10.39 11.65 2.78
CA TYR B 44 9.11 11.45 3.44
C TYR B 44 8.17 10.51 2.66
N CYS B 45 8.07 10.70 1.35
CA CYS B 45 7.38 9.78 0.44
C CYS B 45 7.95 8.36 0.57
N MSE B 46 9.27 8.26 0.55
CA MSE B 46 9.99 6.96 0.65
C MSE B 46 9.64 6.21 1.92
O MSE B 46 9.52 4.97 1.91
CB MSE B 46 11.49 7.20 0.48
CG MSE B 46 11.86 7.53 -0.98
SE MSE B 46 11.65 5.94 -2.17
CE MSE B 46 13.12 4.90 -1.41
N ILE B 47 9.45 6.93 3.01
CA ILE B 47 9.08 6.31 4.28
C ILE B 47 7.61 5.85 4.31
N ASN B 48 6.71 6.70 3.80
CA ASN B 48 5.28 6.36 3.71
C ASN B 48 5.04 5.10 2.89
N GLN B 49 5.87 4.91 1.88
CA GLN B 49 5.61 3.86 0.90
C GLN B 49 6.46 2.64 1.09
N ALA B 50 7.33 2.67 2.10
CA ALA B 50 8.21 1.55 2.43
C ALA B 50 8.94 0.99 1.20
N VAL B 51 9.67 1.84 0.48
CA VAL B 51 10.25 1.40 -0.79
C VAL B 51 11.68 0.90 -0.67
N ALA B 52 12.42 1.41 0.33
CA ALA B 52 13.80 0.97 0.53
C ALA B 52 13.94 0.47 1.95
N GLU B 53 14.87 -0.45 2.16
CA GLU B 53 15.16 -0.94 3.51
C GLU B 53 16.01 0.08 4.26
N GLU B 54 16.85 0.79 3.51
CA GLU B 54 17.84 1.72 4.07
C GLU B 54 17.80 3.09 3.38
N PHE B 55 17.86 4.17 4.19
CA PHE B 55 17.79 5.51 3.62
C PHE B 55 18.73 6.49 4.35
N VAL B 56 19.76 6.92 3.62
CA VAL B 56 20.84 7.72 4.19
C VAL B 56 20.75 9.17 3.71
N LEU B 57 20.81 10.09 4.67
CA LEU B 57 20.78 11.52 4.38
C LEU B 57 22.22 12.04 4.41
N VAL B 58 22.62 12.74 3.36
CA VAL B 58 23.95 13.38 3.32
C VAL B 58 23.81 14.88 2.98
N ASP B 59 24.52 15.75 3.69
CA ASP B 59 24.44 17.16 3.38
C ASP B 59 25.68 17.91 3.83
N VAL B 60 26.06 18.97 3.15
CA VAL B 60 27.20 19.79 3.63
C VAL B 60 26.87 20.26 5.01
N ASN B 61 25.70 20.78 5.22
CA ASN B 61 25.24 21.29 6.48
C ASN B 61 24.81 20.12 7.34
N GLU B 62 25.79 19.56 8.01
CA GLU B 62 25.77 18.34 8.75
C GLU B 62 24.82 18.42 9.91
N ALA B 63 24.54 19.61 10.38
CA ALA B 63 23.53 19.78 11.42
C ALA B 63 22.15 19.39 10.87
N LYS B 64 21.80 20.00 9.74
CA LYS B 64 20.49 19.81 9.14
C LYS B 64 20.25 18.32 8.90
N ALA B 65 21.20 17.66 8.25
CA ALA B 65 21.06 16.22 7.96
C ALA B 65 20.79 15.40 9.23
N GLU B 66 21.43 15.76 10.35
CA GLU B 66 21.22 15.05 11.63
C GLU B 66 19.80 15.18 12.16
N GLY B 67 19.20 16.35 11.98
CA GLY B 67 17.86 16.65 12.52
C GLY B 67 16.72 16.21 11.61
N GLU B 68 17.00 16.20 10.31
CA GLU B 68 16.08 15.70 9.31
C GLU B 68 15.98 14.19 9.45
N ALA B 69 17.13 13.55 9.61
CA ALA B 69 17.23 12.12 9.91
C ALA B 69 16.46 11.76 11.17
N MSE B 70 16.60 12.56 12.23
CA MSE B 70 15.88 12.33 13.47
C MSE B 70 14.40 12.50 13.25
O MSE B 70 13.62 11.64 13.67
CB MSE B 70 16.36 13.33 14.54
CG MSE B 70 17.52 12.79 15.39
SE MSE B 70 17.58 13.71 17.15
CE MSE B 70 17.22 15.55 16.55
N ASP B 71 14.02 13.59 12.58
CA ASP B 71 12.60 13.91 12.35
C ASP B 71 11.91 12.82 11.50
N LEU B 72 12.51 12.48 10.37
CA LEU B 72 11.95 11.48 9.46
C LEU B 72 11.86 10.09 10.10
N SER B 73 12.88 9.76 10.92
CA SER B 73 12.95 8.52 11.69
C SER B 73 11.73 8.30 12.57
N HIS B 74 11.25 9.40 13.13
CA HIS B 74 10.17 9.34 14.12
C HIS B 74 8.83 9.09 13.48
N ALA B 75 8.78 9.11 12.15
CA ALA B 75 7.55 8.77 11.45
C ALA B 75 7.51 7.26 11.17
N VAL B 76 8.68 6.64 11.15
CA VAL B 76 8.86 5.23 10.80
C VAL B 76 7.96 4.22 11.57
N PRO B 77 7.88 4.34 12.91
CA PRO B 77 7.01 3.42 13.65
C PRO B 77 5.53 3.46 13.27
N PHE B 78 5.04 4.58 12.74
CA PHE B 78 3.63 4.71 12.35
C PHE B 78 3.44 4.55 10.85
N ALA B 79 4.54 4.29 10.13
CA ALA B 79 4.46 3.96 8.70
C ALA B 79 3.92 2.53 8.64
N PRO B 80 3.36 2.12 7.48
CA PRO B 80 2.79 0.78 7.40
C PRO B 80 3.85 -0.32 7.52
N ALA B 81 5.10 0.04 7.19
CA ALA B 81 6.24 -0.86 7.17
C ALA B 81 7.50 -0.07 7.49
N PRO B 82 8.55 -0.72 8.05
CA PRO B 82 9.72 0.07 8.47
C PRO B 82 10.73 0.43 7.37
N THR B 83 11.54 1.45 7.64
CA THR B 83 12.71 1.83 6.84
C THR B 83 13.77 2.29 7.86
N ARG B 84 15.03 1.88 7.69
CA ARG B 84 16.16 2.35 8.55
C ARG B 84 16.67 3.68 8.02
N VAL B 85 16.54 4.75 8.81
CA VAL B 85 16.86 6.11 8.36
C VAL B 85 17.95 6.71 9.24
N TRP B 86 19.07 7.11 8.63
CA TRP B 86 20.14 7.77 9.40
C TRP B 86 20.95 8.79 8.61
N LYS B 87 21.45 9.81 9.32
CA LYS B 87 22.44 10.71 8.76
C LYS B 87 23.76 9.93 8.59
N GLY B 88 24.34 9.98 7.40
CA GLY B 88 25.55 9.22 7.08
C GLY B 88 26.57 10.02 6.29
N SER B 89 27.29 9.35 5.40
CA SER B 89 28.34 10.02 4.62
C SER B 89 28.48 9.37 3.23
N TYR B 90 29.38 9.92 2.41
CA TYR B 90 29.67 9.35 1.09
C TYR B 90 30.11 7.90 1.21
N GLU B 91 30.89 7.61 2.25
CA GLU B 91 31.37 6.27 2.56
C GLU B 91 30.27 5.20 2.47
N ASP B 92 29.07 5.57 2.92
CA ASP B 92 27.92 4.67 2.93
C ASP B 92 27.35 4.34 1.54
N CYS B 93 27.92 4.93 0.49
CA CYS B 93 27.48 4.71 -0.88
C CYS B 93 28.01 3.38 -1.44
N LYS B 94 28.94 2.75 -0.71
CA LYS B 94 29.60 1.51 -1.14
C LYS B 94 28.61 0.45 -1.62
N ASP B 95 27.63 0.11 -0.78
CA ASP B 95 26.58 -0.83 -1.17
C ASP B 95 25.27 -0.14 -1.57
N ALA B 96 25.30 1.18 -1.76
CA ALA B 96 24.11 1.92 -2.22
C ALA B 96 23.65 1.44 -3.60
N ASP B 97 22.33 1.31 -3.75
CA ASP B 97 21.70 0.99 -5.02
C ASP B 97 21.45 2.25 -5.86
N LEU B 98 21.18 3.36 -5.18
CA LEU B 98 20.81 4.62 -5.82
C LEU B 98 21.35 5.78 -4.99
N VAL B 99 21.95 6.76 -5.67
CA VAL B 99 22.23 8.04 -5.05
C VAL B 99 21.35 9.11 -5.70
N VAL B 100 20.53 9.76 -4.88
CA VAL B 100 19.66 10.83 -5.35
C VAL B 100 20.29 12.15 -4.90
N ILE B 101 20.66 12.99 -5.87
CA ILE B 101 21.36 14.24 -5.54
C ILE B 101 20.46 15.44 -5.69
N THR B 102 20.21 16.12 -4.59
CA THR B 102 19.30 17.27 -4.58
C THR B 102 20.00 18.54 -4.09
N ALA B 103 21.27 18.40 -3.70
CA ALA B 103 22.12 19.55 -3.35
C ALA B 103 22.30 20.47 -4.55
N GLY B 104 22.27 21.77 -4.28
CA GLY B 104 22.34 22.78 -5.32
C GLY B 104 22.26 24.20 -4.80
N LEU B 105 22.39 25.17 -5.71
CA LEU B 105 22.32 26.57 -5.34
C LEU B 105 21.25 27.31 -6.14
N PRO B 106 20.42 28.11 -5.45
CA PRO B 106 19.38 28.92 -6.07
C PRO B 106 19.90 29.80 -7.22
N GLN B 107 19.03 30.05 -8.21
CA GLN B 107 19.26 31.10 -9.18
C GLN B 107 18.83 32.41 -8.55
N LYS B 108 19.81 33.13 -8.02
CA LYS B 108 19.60 34.42 -7.37
C LYS B 108 19.23 35.46 -8.43
N PRO B 109 17.99 36.01 -8.35
CA PRO B 109 17.49 36.94 -9.38
C PRO B 109 18.43 38.10 -9.70
N GLY B 110 18.81 38.22 -10.98
CA GLY B 110 19.80 39.20 -11.42
C GLY B 110 21.01 38.54 -12.06
N GLU B 111 21.29 37.30 -11.65
CA GLU B 111 22.41 36.51 -12.14
C GLU B 111 22.03 35.78 -13.43
N THR B 112 23.01 35.47 -14.28
CA THR B 112 22.75 34.72 -15.51
C THR B 112 22.72 33.23 -15.20
N ARG B 113 22.08 32.46 -16.07
CA ARG B 113 22.07 31.02 -15.98
C ARG B 113 23.49 30.45 -16.00
N LEU B 114 24.39 31.12 -16.71
CA LEU B 114 25.76 30.62 -16.91
C LEU B 114 26.52 30.54 -15.60
N ASP B 115 26.17 31.43 -14.68
CA ASP B 115 26.68 31.39 -13.32
C ASP B 115 25.92 30.31 -12.52
N LEU B 116 24.60 30.23 -12.68
CA LEU B 116 23.81 29.11 -12.11
C LEU B 116 24.41 27.76 -12.51
N VAL B 117 24.63 27.60 -13.81
CA VAL B 117 25.19 26.36 -14.39
C VAL B 117 26.61 26.10 -13.88
N GLU B 118 27.41 27.18 -13.81
CA GLU B 118 28.81 27.05 -13.45
C GLU B 118 29.02 26.63 -11.99
N LYS B 119 28.36 27.33 -11.05
CA LYS B 119 28.39 26.96 -9.61
C LYS B 119 28.12 25.47 -9.41
N ASN B 120 27.16 24.95 -10.16
CA ASN B 120 26.66 23.63 -9.87
C ASN B 120 27.33 22.55 -10.69
N ALA B 121 28.08 22.95 -11.72
CA ALA B 121 28.89 22.00 -12.47
C ALA B 121 30.08 21.58 -11.61
N LYS B 122 30.76 22.56 -11.03
CA LYS B 122 31.91 22.32 -10.17
C LYS B 122 31.54 21.55 -8.89
N ILE B 123 30.46 21.97 -8.24
CA ILE B 123 29.91 21.28 -7.06
C ILE B 123 29.54 19.83 -7.40
N PHE B 124 28.86 19.66 -8.53
CA PHE B 124 28.48 18.32 -8.96
C PHE B 124 29.69 17.43 -9.22
N LYS B 125 30.69 17.97 -9.93
CA LYS B 125 31.91 17.23 -10.24
C LYS B 125 32.53 16.62 -8.99
N GLN B 126 32.69 17.44 -7.95
CA GLN B 126 33.31 17.00 -6.70
C GLN B 126 32.42 16.05 -5.89
N ILE B 127 31.12 16.35 -5.85
CA ILE B 127 30.14 15.44 -5.26
C ILE B 127 30.28 14.07 -5.89
N VAL B 128 30.23 14.04 -7.23
CA VAL B 128 30.27 12.78 -7.99
C VAL B 128 31.58 12.04 -7.78
N ARG B 129 32.70 12.78 -7.85
CA ARG B 129 34.03 12.28 -7.55
C ARG B 129 34.11 11.69 -6.13
N SER B 130 33.62 12.45 -5.14
CA SER B 130 33.53 11.95 -3.77
C SER B 130 32.75 10.64 -3.68
N ILE B 131 31.60 10.59 -4.36
CA ILE B 131 30.76 9.40 -4.33
C ILE B 131 31.48 8.17 -4.92
N MSE B 132 32.01 8.32 -6.13
CA MSE B 132 32.67 7.22 -6.85
CA MSE B 132 32.67 7.22 -6.85
C MSE B 132 33.80 6.66 -6.02
O MSE B 132 34.05 5.46 -6.06
CB MSE B 132 33.20 7.68 -8.21
CB MSE B 132 33.19 7.70 -8.21
CG MSE B 132 32.10 7.99 -9.23
CG MSE B 132 32.87 6.67 -9.30
SE MSE B 132 30.73 6.58 -9.32
SE MSE B 132 30.92 6.38 -9.39
CE MSE B 132 31.75 5.28 -10.38
CE MSE B 132 30.45 8.26 -9.03
N ASP B 133 34.48 7.52 -5.26
CA ASP B 133 35.59 7.12 -4.38
C ASP B 133 35.23 6.00 -3.40
N SER B 134 34.07 6.11 -2.76
CA SER B 134 33.68 5.17 -1.70
C SER B 134 33.40 3.74 -2.21
N GLY B 135 33.40 3.58 -3.52
CA GLY B 135 33.16 2.27 -4.15
C GLY B 135 31.79 2.10 -4.78
N PHE B 136 31.01 3.17 -4.80
CA PHE B 136 29.63 3.16 -5.35
C PHE B 136 29.61 2.57 -6.76
N ASP B 137 28.68 1.64 -6.98
CA ASP B 137 28.50 1.03 -8.29
C ASP B 137 27.01 0.83 -8.59
N GLY B 138 26.24 1.87 -8.26
CA GLY B 138 24.80 1.87 -8.52
C GLY B 138 24.39 2.96 -9.49
N ILE B 139 23.17 3.45 -9.32
CA ILE B 139 22.55 4.34 -10.31
C ILE B 139 22.36 5.71 -9.71
N PHE B 140 22.62 6.74 -10.50
CA PHE B 140 22.43 8.13 -10.05
C PHE B 140 21.09 8.65 -10.53
N LEU B 141 20.34 9.27 -9.63
CA LEU B 141 19.12 10.02 -9.96
C LEU B 141 19.35 11.49 -9.57
N ILE B 142 19.24 12.38 -10.54
CA ILE B 142 19.56 13.82 -10.36
C ILE B 142 18.28 14.68 -10.46
N ALA B 143 18.11 15.63 -9.55
CA ALA B 143 16.91 16.46 -9.52
C ALA B 143 17.27 17.95 -9.57
N THR B 144 18.51 18.23 -9.19
CA THR B 144 18.98 19.61 -9.07
C THR B 144 19.00 20.36 -10.40
N ASN B 145 18.43 21.57 -10.36
CA ASN B 145 18.41 22.57 -11.46
CA ASN B 145 18.45 22.45 -11.52
C ASN B 145 19.81 23.10 -11.77
N PRO B 146 20.23 23.11 -13.07
CA PRO B 146 19.58 22.58 -14.29
C PRO B 146 19.65 21.06 -14.43
N VAL B 147 18.51 20.39 -14.46
CA VAL B 147 18.52 18.94 -14.30
C VAL B 147 19.20 18.17 -15.44
N ASP B 148 18.87 18.49 -16.68
CA ASP B 148 19.45 17.81 -17.84
C ASP B 148 20.96 18.05 -17.93
N ILE B 149 21.37 19.30 -17.72
CA ILE B 149 22.78 19.66 -17.75
C ILE B 149 23.56 18.94 -16.66
N LEU B 150 23.01 18.91 -15.44
CA LEU B 150 23.74 18.31 -14.34
C LEU B 150 23.78 16.80 -14.40
N THR B 151 22.77 16.19 -15.00
CA THR B 151 22.83 14.74 -15.32
C THR B 151 24.02 14.47 -16.25
N TYR B 152 24.19 15.32 -17.26
CA TYR B 152 25.35 15.18 -18.16
C TYR B 152 26.67 15.31 -17.39
N VAL B 153 26.76 16.29 -16.49
CA VAL B 153 27.95 16.45 -15.63
C VAL B 153 28.28 15.20 -14.83
N THR B 154 27.24 14.56 -14.25
CA THR B 154 27.40 13.37 -13.42
C THR B 154 27.86 12.19 -14.27
N TRP B 155 27.35 12.10 -15.48
CA TRP B 155 27.75 11.03 -16.40
C TRP B 155 29.24 11.11 -16.73
N LYS B 156 29.70 12.31 -17.10
CA LYS B 156 31.11 12.57 -17.42
C LYS B 156 32.06 12.18 -16.27
N GLU B 157 31.80 12.75 -15.10
CA GLU B 157 32.61 12.54 -13.91
C GLU B 157 32.62 11.12 -13.35
N SER B 158 31.48 10.44 -13.38
CA SER B 158 31.39 9.10 -12.79
C SER B 158 32.09 8.08 -13.67
N GLY B 159 32.11 8.35 -14.97
CA GLY B 159 32.57 7.38 -15.97
C GLY B 159 31.58 6.26 -16.22
N LEU B 160 30.43 6.34 -15.57
CA LEU B 160 29.44 5.27 -15.62
C LEU B 160 28.72 5.16 -16.98
N PRO B 161 28.14 3.98 -17.27
CA PRO B 161 27.27 3.84 -18.43
C PRO B 161 26.15 4.87 -18.42
N LYS B 162 25.86 5.41 -19.60
CA LYS B 162 24.79 6.39 -19.80
C LYS B 162 23.46 6.00 -19.15
N GLU B 163 23.15 4.69 -19.19
CA GLU B 163 21.87 4.14 -18.71
C GLU B 163 21.71 4.33 -17.21
N ARG B 164 22.83 4.31 -16.50
CA ARG B 164 22.78 4.28 -15.03
C ARG B 164 22.90 5.67 -14.43
N VAL B 165 22.73 6.68 -15.28
CA VAL B 165 22.80 8.07 -14.83
C VAL B 165 21.57 8.75 -15.39
N ILE B 166 20.65 9.10 -14.49
CA ILE B 166 19.30 9.53 -14.83
C ILE B 166 19.00 10.85 -14.13
N GLY B 167 18.42 11.81 -14.85
CA GLY B 167 17.83 12.98 -14.22
C GLY B 167 16.30 12.85 -14.09
N SER B 168 15.72 13.64 -13.21
CA SER B 168 14.26 13.64 -13.02
C SER B 168 13.51 14.22 -14.23
N GLY B 169 14.23 14.96 -15.07
CA GLY B 169 13.69 15.44 -16.36
C GLY B 169 12.40 16.26 -16.30
N THR B 170 11.45 15.91 -17.16
CA THR B 170 10.13 16.55 -17.14
C THR B 170 9.06 15.77 -16.37
N THR B 171 9.44 14.73 -15.64
CA THR B 171 8.46 13.83 -14.98
C THR B 171 7.38 14.57 -14.20
N LEU B 172 7.77 15.60 -13.45
CA LEU B 172 6.77 16.35 -12.69
C LEU B 172 5.85 17.17 -13.61
N ASP B 173 6.44 17.82 -14.62
CA ASP B 173 5.66 18.53 -15.62
C ASP B 173 4.61 17.62 -16.24
N SER B 174 5.02 16.38 -16.57
CA SER B 174 4.09 15.39 -17.09
C SER B 174 2.98 15.07 -16.08
N ALA B 175 3.35 15.01 -14.79
CA ALA B 175 2.36 14.80 -13.74
C ALA B 175 1.34 15.93 -13.64
N ARG B 176 1.83 17.17 -13.67
CA ARG B 176 0.97 18.36 -13.68
C ARG B 176 0.06 18.46 -14.89
N PHE B 177 0.54 17.96 -16.02
CA PHE B 177 -0.15 18.03 -17.30
C PHE B 177 -1.35 17.10 -17.18
N ARG B 178 -1.10 15.91 -16.66
CA ARG B 178 -2.13 14.89 -16.43
CA ARG B 178 -2.14 14.92 -16.48
C ARG B 178 -3.17 15.40 -15.45
N TYR B 179 -2.70 16.06 -14.39
CA TYR B 179 -3.57 16.60 -13.34
C TYR B 179 -4.56 17.57 -13.94
N MSE B 180 -4.03 18.59 -14.62
CA MSE B 180 -4.84 19.67 -15.20
C MSE B 180 -5.67 19.17 -16.34
O MSE B 180 -6.79 19.62 -16.54
CB MSE B 180 -3.93 20.81 -15.61
CG MSE B 180 -3.23 21.44 -14.40
SE MSE B 180 -1.93 22.80 -15.01
CE MSE B 180 -1.24 23.49 -13.29
N LEU B 181 -5.13 18.24 -17.14
CA LEU B 181 -5.96 17.60 -18.16
C LEU B 181 -7.09 16.78 -17.52
N GLY B 182 -6.79 16.13 -16.40
CA GLY B 182 -7.79 15.38 -15.64
C GLY B 182 -8.96 16.25 -15.21
N GLU B 183 -8.65 17.41 -14.63
CA GLU B 183 -9.65 18.40 -14.20
C GLU B 183 -10.51 18.84 -15.39
N TYR B 184 -9.87 19.03 -16.54
CA TYR B 184 -10.51 19.55 -17.75
C TYR B 184 -11.47 18.54 -18.39
N PHE B 185 -11.09 17.26 -18.40
CA PHE B 185 -11.88 16.21 -19.03
C PHE B 185 -12.75 15.45 -18.03
N ASP B 186 -12.60 15.79 -16.74
CA ASP B 186 -13.30 15.14 -15.63
C ASP B 186 -12.99 13.66 -15.44
N ILE B 187 -11.74 13.29 -15.66
CA ILE B 187 -11.28 11.91 -15.46
C ILE B 187 -10.13 11.98 -14.47
N GLY B 188 -9.98 10.97 -13.62
CA GLY B 188 -8.85 10.91 -12.70
C GLY B 188 -7.54 10.92 -13.48
N PRO B 189 -6.55 11.73 -13.04
CA PRO B 189 -5.27 11.93 -13.72
C PRO B 189 -4.55 10.65 -14.08
N HIS B 190 -4.67 9.62 -13.24
CA HIS B 190 -4.02 8.35 -13.49
C HIS B 190 -4.46 7.78 -14.85
N ASN B 191 -5.61 8.24 -15.37
CA ASN B 191 -6.17 7.73 -16.63
C ASN B 191 -5.93 8.64 -17.81
N ILE B 192 -5.23 9.74 -17.56
CA ILE B 192 -4.85 10.69 -18.60
C ILE B 192 -3.45 10.28 -19.02
N HIS B 193 -3.27 9.95 -20.28
CA HIS B 193 -1.97 9.52 -20.76
C HIS B 193 -1.41 10.61 -21.63
N ALA B 194 -0.49 11.37 -21.03
CA ALA B 194 0.00 12.60 -21.63
C ALA B 194 1.42 12.90 -21.16
N TYR B 195 2.20 13.55 -22.02
CA TYR B 195 3.64 13.66 -21.80
C TYR B 195 4.16 15.05 -22.15
N ILE B 196 4.97 15.58 -21.24
CA ILE B 196 5.82 16.73 -21.52
C ILE B 196 7.25 16.26 -21.83
N ILE B 197 7.87 16.84 -22.86
CA ILE B 197 9.24 16.47 -23.24
C ILE B 197 10.12 17.71 -23.47
N GLY B 198 11.41 17.47 -23.67
CA GLY B 198 12.35 18.55 -23.92
C GLY B 198 13.10 18.93 -22.66
N GLU B 199 13.83 20.05 -22.74
CA GLU B 199 14.65 20.50 -21.62
C GLU B 199 13.73 21.04 -20.56
N HIS B 200 13.94 20.57 -19.34
CA HIS B 200 13.12 20.95 -18.20
C HIS B 200 13.19 22.45 -17.97
N GLY B 201 12.09 23.13 -18.27
CA GLY B 201 12.02 24.58 -18.16
C GLY B 201 11.20 25.19 -19.27
N ASP B 202 11.59 26.39 -19.69
CA ASP B 202 10.78 27.17 -20.62
C ASP B 202 10.89 26.81 -22.11
N THR B 203 11.67 25.77 -22.45
CA THR B 203 11.69 25.26 -23.83
C THR B 203 10.94 23.91 -23.96
N GLU B 204 10.42 23.42 -22.85
CA GLU B 204 9.72 22.14 -22.84
C GLU B 204 8.42 22.20 -23.63
N LEU B 205 7.91 21.04 -24.01
CA LEU B 205 6.75 20.97 -24.87
C LEU B 205 5.85 19.80 -24.52
N PRO B 206 4.55 19.94 -24.80
CA PRO B 206 3.62 18.85 -24.69
C PRO B 206 3.55 18.09 -26.01
N VAL B 207 3.48 16.76 -25.95
CA VAL B 207 3.26 15.99 -27.15
C VAL B 207 1.75 15.87 -27.36
N TRP B 208 1.14 16.91 -27.92
CA TRP B 208 -0.30 16.95 -28.15
C TRP B 208 -0.77 15.79 -29.03
N SER B 209 0.10 15.38 -29.96
CA SER B 209 -0.23 14.33 -30.92
C SER B 209 -0.47 12.99 -30.24
N HIS B 210 0.01 12.86 -29.01
CA HIS B 210 0.00 11.60 -28.27
C HIS B 210 -0.70 11.70 -26.90
N VAL B 211 -1.70 12.58 -26.79
CA VAL B 211 -2.51 12.70 -25.58
C VAL B 211 -3.74 11.80 -25.68
N SER B 212 -3.89 10.94 -24.68
CA SER B 212 -5.11 10.15 -24.53
C SER B 212 -5.84 10.52 -23.24
N VAL B 213 -7.17 10.53 -23.33
CA VAL B 213 -8.05 10.70 -22.18
C VAL B 213 -8.78 9.38 -22.06
N GLY B 214 -8.30 8.55 -21.13
CA GLY B 214 -8.67 7.14 -21.11
C GLY B 214 -8.35 6.54 -22.47
N ILE B 215 -9.34 5.87 -23.06
CA ILE B 215 -9.21 5.31 -24.41
C ILE B 215 -9.11 6.38 -25.52
N GLN B 216 -9.75 7.53 -25.31
CA GLN B 216 -9.98 8.50 -26.38
C GLN B 216 -8.72 9.25 -26.80
N LYS B 217 -8.58 9.43 -28.11
CA LYS B 217 -7.51 10.26 -28.68
C LYS B 217 -7.93 11.72 -28.69
N LEU B 218 -7.06 12.58 -28.15
CA LEU B 218 -7.35 14.01 -28.05
C LEU B 218 -7.73 14.67 -29.38
N GLN B 219 -7.07 14.31 -30.47
CA GLN B 219 -7.40 14.85 -31.79
C GLN B 219 -8.82 14.50 -32.23
N THR B 220 -9.17 13.22 -32.11
CA THR B 220 -10.53 12.75 -32.41
C THR B 220 -11.55 13.44 -31.50
N LEU B 221 -11.20 13.61 -30.22
CA LEU B 221 -12.05 14.32 -29.26
C LEU B 221 -12.34 15.75 -29.70
N LEU B 222 -11.33 16.42 -30.14
CA LEU B 222 -11.55 17.71 -30.69
C LEU B 222 -12.36 17.71 -31.98
N GLU B 223 -12.07 16.77 -32.84
CA GLU B 223 -12.73 16.69 -34.14
C GLU B 223 -14.22 16.31 -34.21
N LYS B 224 -14.63 15.38 -33.39
CA LYS B 224 -16.02 15.04 -33.20
C LYS B 224 -16.57 16.19 -32.48
N ASP B 225 -17.86 16.45 -32.64
CA ASP B 225 -18.45 17.72 -32.26
C ASP B 225 -18.11 18.01 -30.86
N ASN B 226 -17.59 19.22 -30.62
CA ASN B 226 -17.67 19.80 -29.32
C ASN B 226 -17.30 21.19 -28.92
N THR B 227 -17.59 21.47 -27.66
CA THR B 227 -17.20 22.73 -27.14
C THR B 227 -15.70 22.84 -27.14
N TYR B 228 -14.95 21.73 -26.84
CA TYR B 228 -13.48 21.75 -26.56
C TYR B 228 -12.76 22.45 -27.68
N ASN B 229 -11.79 23.27 -27.34
CA ASN B 229 -11.01 23.93 -28.37
C ASN B 229 -9.59 23.84 -27.91
N GLN B 230 -8.67 23.87 -28.85
CA GLN B 230 -7.29 23.80 -28.54
C GLN B 230 -6.90 24.99 -27.72
N GLU B 231 -7.73 26.01 -27.73
CA GLU B 231 -7.39 27.22 -27.04
C GLU B 231 -7.27 27.02 -25.55
N ASP B 232 -8.16 26.27 -24.96
CA ASP B 232 -8.07 25.94 -23.55
C ASP B 232 -6.89 25.05 -23.25
N LEU B 233 -6.68 24.06 -24.10
CA LEU B 233 -5.60 23.16 -23.91
C LEU B 233 -4.30 23.92 -23.94
N ASP B 234 -4.15 24.84 -24.84
CA ASP B 234 -2.95 25.66 -24.91
C ASP B 234 -2.73 26.43 -23.60
N LYS B 235 -3.82 26.91 -23.00
CA LYS B 235 -3.79 27.55 -21.69
C LYS B 235 -3.31 26.57 -20.61
N ILE B 236 -3.84 25.34 -20.66
CA ILE B 236 -3.44 24.30 -19.71
C ILE B 236 -1.92 24.07 -19.76
N PHE B 237 -1.34 23.99 -20.96
CA PHE B 237 0.11 23.77 -21.05
C PHE B 237 0.93 24.93 -20.48
N ILE B 238 0.49 26.16 -20.74
CA ILE B 238 1.16 27.36 -20.21
C ILE B 238 1.20 27.30 -18.68
N ASN B 239 0.11 26.84 -18.07
CA ASN B 239 0.00 26.70 -16.61
CA ASN B 239 0.03 26.73 -16.61
C ASN B 239 0.91 25.64 -16.01
N VAL B 240 1.29 24.63 -16.81
CA VAL B 240 2.27 23.64 -16.34
C VAL B 240 3.65 24.30 -16.34
N ARG B 241 4.08 24.82 -17.50
CA ARG B 241 5.34 25.54 -17.63
C ARG B 241 5.50 26.59 -16.52
N ASP B 242 4.42 27.32 -16.24
CA ASP B 242 4.43 28.39 -15.26
C ASP B 242 4.19 27.93 -13.81
N ALA B 243 3.64 26.72 -13.63
CA ALA B 243 3.18 26.28 -12.30
C ALA B 243 4.15 26.50 -11.15
N ALA B 244 5.45 26.29 -11.39
CA ALA B 244 6.44 26.44 -10.33
C ALA B 244 6.40 27.86 -9.77
N TYR B 245 6.42 28.84 -10.66
CA TYR B 245 6.33 30.25 -10.29
C TYR B 245 4.96 30.55 -9.69
N HIS B 246 3.92 29.89 -10.20
CA HIS B 246 2.57 30.04 -9.63
C HIS B 246 2.53 29.50 -8.20
N ILE B 247 3.09 28.31 -7.98
CA ILE B 247 3.21 27.75 -6.62
C ILE B 247 4.12 28.62 -5.74
N ILE B 248 5.27 29.01 -6.31
CA ILE B 248 6.36 29.69 -5.58
C ILE B 248 5.99 31.02 -4.92
N GLU B 249 5.08 31.78 -5.53
CA GLU B 249 4.66 33.06 -4.94
C GLU B 249 3.72 32.83 -3.76
N ARG B 250 2.83 31.85 -3.91
CA ARG B 250 1.80 31.56 -2.90
C ARG B 250 2.36 30.87 -1.64
N LYS B 251 3.53 30.24 -1.74
CA LYS B 251 4.10 29.50 -0.61
C LYS B 251 5.64 29.50 -0.50
N GLY B 252 6.32 30.22 -1.40
CA GLY B 252 7.78 30.34 -1.33
C GLY B 252 8.54 29.41 -2.25
N ALA B 253 8.62 28.13 -1.88
CA ALA B 253 9.28 27.12 -2.70
C ALA B 253 8.26 26.05 -3.13
N THR B 254 8.56 25.30 -4.17
CA THR B 254 7.75 24.15 -4.56
C THR B 254 8.51 22.86 -4.28
N TYR B 255 7.90 21.89 -3.59
CA TYR B 255 8.57 20.67 -3.24
C TYR B 255 7.73 19.32 -3.15
N TYR B 256 6.46 19.42 -2.88
CA TYR B 256 5.67 18.25 -2.68
C TYR B 256 5.62 17.46 -3.99
N GLY B 257 5.29 18.13 -5.09
CA GLY B 257 5.24 17.47 -6.40
C GLY B 257 6.53 16.78 -6.79
N ILE B 258 7.65 17.49 -6.68
CA ILE B 258 8.93 16.93 -7.11
C ILE B 258 9.32 15.73 -6.23
N GLY B 259 8.94 15.79 -4.95
CA GLY B 259 9.18 14.68 -4.03
C GLY B 259 8.51 13.40 -4.50
N MSE B 260 7.27 13.52 -4.97
CA MSE B 260 6.52 12.34 -5.41
C MSE B 260 7.06 11.84 -6.73
O MSE B 260 7.08 10.63 -6.95
CB MSE B 260 5.03 12.58 -5.49
CG MSE B 260 4.27 11.28 -5.72
SE MSE B 260 4.32 10.30 -4.02
CE MSE B 260 3.09 11.51 -3.07
N SER B 261 7.51 12.77 -7.58
CA SER B 261 8.16 12.43 -8.85
C SER B 261 9.41 11.58 -8.64
N LEU B 262 10.18 11.93 -7.62
CA LEU B 262 11.41 11.20 -7.31
C LEU B 262 11.12 9.83 -6.72
N LEU B 263 10.06 9.74 -5.91
CA LEU B 263 9.52 8.51 -5.40
C LEU B 263 9.18 7.58 -6.59
N ARG B 264 8.42 8.08 -7.56
CA ARG B 264 7.96 7.26 -8.70
C ARG B 264 9.10 6.71 -9.59
N VAL B 265 10.13 7.53 -9.82
CA VAL B 265 11.30 7.09 -10.58
C VAL B 265 12.13 6.07 -9.79
N THR B 266 12.22 6.26 -8.47
CA THR B 266 12.92 5.34 -7.58
C THR B 266 12.25 3.98 -7.67
N LYS B 267 10.93 4.00 -7.59
CA LYS B 267 10.13 2.76 -7.66
C LYS B 267 10.30 1.96 -9.00
N ALA B 268 10.26 2.66 -10.14
CA ALA B 268 10.56 2.09 -11.46
C ALA B 268 11.95 1.45 -11.56
N ILE B 269 12.94 2.07 -10.91
CA ILE B 269 14.30 1.53 -10.87
C ILE B 269 14.43 0.36 -9.90
N LEU B 270 14.21 0.60 -8.60
CA LEU B 270 14.39 -0.45 -7.60
C LEU B 270 13.40 -1.63 -7.70
N ASN B 271 12.22 -1.37 -8.22
CA ASN B 271 11.22 -2.47 -8.34
C ASN B 271 11.18 -3.08 -9.76
N ASP B 272 12.15 -2.68 -10.61
CA ASP B 272 12.36 -3.23 -11.98
C ASP B 272 11.07 -3.22 -12.80
N GLU B 273 10.44 -2.05 -12.90
CA GLU B 273 9.07 -2.01 -13.43
C GLU B 273 8.93 -2.06 -14.95
N ASN B 274 9.98 -1.68 -15.68
CA ASN B 274 9.87 -1.47 -17.12
C ASN B 274 8.69 -0.53 -17.42
N SER B 275 8.55 0.50 -16.60
CA SER B 275 7.52 1.53 -16.72
C SER B 275 8.03 2.76 -17.48
N VAL B 276 7.10 3.59 -17.93
CA VAL B 276 7.42 4.67 -18.86
C VAL B 276 7.37 6.00 -18.12
N LEU B 277 8.49 6.72 -18.13
CA LEU B 277 8.64 7.98 -17.39
C LEU B 277 9.51 8.96 -18.20
N THR B 278 9.13 10.25 -18.20
CA THR B 278 9.84 11.24 -19.01
C THR B 278 11.05 11.82 -18.27
N VAL B 279 12.02 10.95 -18.03
CA VAL B 279 13.26 11.32 -17.34
C VAL B 279 14.28 11.88 -18.33
N SER B 280 15.26 12.64 -17.81
CA SER B 280 16.44 13.02 -18.59
C SER B 280 17.26 11.79 -18.97
N ALA B 281 17.36 11.54 -20.27
CA ALA B 281 17.99 10.35 -20.81
C ALA B 281 18.88 10.73 -21.98
N TYR B 282 19.91 9.93 -22.20
CA TYR B 282 20.98 10.31 -23.13
C TYR B 282 20.63 9.97 -24.58
N LEU B 283 20.40 11.01 -25.38
CA LEU B 283 19.92 10.83 -26.76
C LEU B 283 20.99 10.30 -27.71
N GLU B 284 20.59 9.34 -28.53
CA GLU B 284 21.46 8.73 -29.55
C GLU B 284 20.76 8.68 -30.90
N GLY B 285 20.14 9.78 -31.30
CA GLY B 285 19.49 9.82 -32.61
C GLY B 285 17.97 9.81 -32.56
N GLN B 286 17.41 9.51 -31.40
CA GLN B 286 15.95 9.54 -31.23
C GLN B 286 15.46 10.96 -31.44
N TYR B 287 14.32 11.10 -32.11
CA TYR B 287 13.75 12.40 -32.46
C TYR B 287 14.69 13.24 -33.33
N GLY B 288 15.63 12.55 -34.00
CA GLY B 288 16.64 13.19 -34.85
C GLY B 288 17.69 14.04 -34.13
N GLN B 289 17.92 13.76 -32.86
CA GLN B 289 18.91 14.50 -32.06
C GLN B 289 19.76 13.54 -31.23
N LYS B 290 20.90 14.03 -30.72
CA LYS B 290 21.91 13.16 -30.13
C LYS B 290 22.87 13.87 -29.16
N ASP B 291 23.46 13.07 -28.27
CA ASP B 291 24.61 13.44 -27.41
C ASP B 291 24.33 14.49 -26.34
N VAL B 292 23.09 14.50 -25.85
CA VAL B 292 22.68 15.31 -24.72
C VAL B 292 21.74 14.50 -23.84
N TYR B 293 21.68 14.85 -22.57
CA TYR B 293 20.63 14.40 -21.66
C TYR B 293 19.42 15.32 -21.76
N ILE B 294 18.23 14.73 -21.90
CA ILE B 294 16.99 15.51 -22.06
C ILE B 294 15.74 14.66 -21.76
N GLY B 295 14.67 15.31 -21.32
CA GLY B 295 13.43 14.66 -20.92
C GLY B 295 12.74 14.05 -22.11
N VAL B 296 12.63 12.73 -22.09
CA VAL B 296 11.97 11.96 -23.16
C VAL B 296 11.31 10.74 -22.52
N PRO B 297 10.27 10.19 -23.17
CA PRO B 297 9.68 8.95 -22.65
C PRO B 297 10.66 7.79 -22.71
N ALA B 298 10.98 7.23 -21.54
CA ALA B 298 11.95 6.14 -21.44
C ALA B 298 11.36 4.98 -20.65
N VAL B 299 11.87 3.77 -20.92
CA VAL B 299 11.48 2.61 -20.13
C VAL B 299 12.54 2.42 -19.05
N LEU B 300 12.11 2.44 -17.79
CA LEU B 300 13.01 2.27 -16.66
C LEU B 300 12.86 0.91 -16.00
N ASN B 301 14.01 0.30 -15.69
CA ASN B 301 14.02 -0.89 -14.86
C ASN B 301 15.25 -0.86 -13.95
N ARG B 302 15.63 -2.02 -13.40
CA ARG B 302 16.70 -2.08 -12.44
C ARG B 302 18.08 -1.63 -13.00
N GLY B 303 18.28 -1.76 -14.32
CA GLY B 303 19.51 -1.33 -15.00
C GLY B 303 19.52 0.14 -15.39
N GLY B 304 18.59 0.91 -14.83
CA GLY B 304 18.36 2.30 -15.19
C GLY B 304 17.47 2.44 -16.40
N VAL B 305 17.93 3.22 -17.36
CA VAL B 305 17.19 3.39 -18.61
C VAL B 305 17.44 2.19 -19.54
N ARG B 306 16.37 1.47 -19.84
CA ARG B 306 16.47 0.32 -20.75
C ARG B 306 16.42 0.78 -22.20
N GLU B 307 15.52 1.72 -22.51
CA GLU B 307 15.44 2.27 -23.86
C GLU B 307 14.63 3.55 -23.88
N ILE B 308 14.84 4.34 -24.92
CA ILE B 308 14.04 5.53 -25.19
C ILE B 308 12.91 5.16 -26.15
N LEU B 309 11.69 5.59 -25.84
CA LEU B 309 10.55 5.39 -26.73
C LEU B 309 10.42 6.61 -27.64
N GLU B 310 10.70 6.38 -28.92
CA GLU B 310 10.58 7.40 -29.92
C GLU B 310 9.16 7.37 -30.47
N VAL B 311 8.58 8.54 -30.62
CA VAL B 311 7.29 8.67 -31.31
C VAL B 311 7.47 9.60 -32.49
N GLU B 312 6.52 9.53 -33.42
CA GLU B 312 6.48 10.45 -34.54
C GLU B 312 5.78 11.72 -34.06
N LEU B 313 6.57 12.73 -33.71
CA LEU B 313 6.04 14.01 -33.29
C LEU B 313 5.36 14.69 -34.47
N SER B 314 4.42 15.60 -34.17
CA SER B 314 3.88 16.50 -35.19
C SER B 314 5.03 17.36 -35.72
N GLU B 315 4.79 18.11 -36.80
CA GLU B 315 5.81 19.03 -37.31
C GLU B 315 5.99 20.23 -36.37
N ASP B 316 4.91 20.63 -35.71
CA ASP B 316 4.99 21.68 -34.71
C ASP B 316 5.73 21.21 -33.45
N GLU B 317 5.50 19.95 -33.06
CA GLU B 317 6.24 19.31 -31.96
C GLU B 317 7.71 19.08 -32.33
N GLU B 318 7.96 18.61 -33.55
CA GLU B 318 9.35 18.35 -33.99
C GLU B 318 10.18 19.62 -33.99
N LEU B 319 9.55 20.74 -34.36
CA LEU B 319 10.23 22.06 -34.37
C LEU B 319 10.65 22.49 -32.96
N LYS B 320 9.71 22.38 -32.01
CA LYS B 320 9.95 22.82 -30.64
C LYS B 320 10.98 21.96 -29.90
N PHE B 321 10.97 20.64 -30.16
CA PHE B 321 11.98 19.74 -29.60
C PHE B 321 13.37 20.04 -30.17
N ASP B 322 13.44 20.40 -31.45
CA ASP B 322 14.68 20.90 -32.07
C ASP B 322 15.18 22.14 -31.35
N HIS B 323 14.28 23.09 -31.12
CA HIS B 323 14.63 24.29 -30.37
C HIS B 323 15.07 23.96 -28.95
N SER B 324 14.35 23.06 -28.27
CA SER B 324 14.75 22.70 -26.92
C SER B 324 16.19 22.18 -26.84
N VAL B 325 16.52 21.23 -27.72
CA VAL B 325 17.86 20.63 -27.76
C VAL B 325 18.92 21.66 -28.16
N GLN B 326 18.59 22.54 -29.10
CA GLN B 326 19.53 23.57 -29.56
C GLN B 326 19.92 24.54 -28.43
N VAL B 327 18.93 24.97 -27.64
CA VAL B 327 19.15 25.86 -26.49
C VAL B 327 19.94 25.16 -25.38
N LEU B 328 19.59 23.89 -25.14
CA LEU B 328 20.32 23.06 -24.18
C LEU B 328 21.78 22.94 -24.57
N LYS B 329 22.06 22.51 -25.80
CA LYS B 329 23.44 22.40 -26.28
C LYS B 329 24.24 23.69 -26.17
N GLU B 330 23.57 24.82 -26.32
CA GLU B 330 24.21 26.15 -26.28
C GLU B 330 24.48 26.65 -24.86
N THR B 331 23.61 26.26 -23.92
CA THR B 331 23.77 26.63 -22.53
C THR B 331 24.89 25.79 -21.89
N MSE B 332 25.05 24.57 -22.32
CA MSE B 332 26.07 23.70 -21.80
C MSE B 332 27.48 24.08 -22.22
O MSE B 332 28.42 23.60 -21.66
CB MSE B 332 25.83 22.25 -22.25
CG MSE B 332 24.59 21.54 -21.74
SE MSE B 332 24.30 19.94 -22.77
CE MSE B 332 25.52 18.82 -21.88
N ALA B 333 27.62 24.80 -23.31
CA ALA B 333 28.88 24.81 -24.03
C ALA B 333 30.00 25.40 -23.25
N PRO B 334 29.75 26.67 -22.73
CA PRO B 334 30.93 27.38 -22.22
C PRO B 334 31.46 26.88 -20.95
N VAL B 335 30.72 25.98 -20.29
CA VAL B 335 31.16 25.34 -19.10
C VAL B 335 31.36 23.84 -19.30
N LEU B 336 31.10 23.35 -20.48
CA LEU B 336 31.38 21.95 -20.89
C LEU B 336 30.60 20.88 -20.12
N GLU C 16 -26.38 9.62 19.47
CA GLU C 16 -25.98 8.42 20.28
C GLU C 16 -26.64 7.18 19.70
N ASN C 17 -27.97 7.24 19.61
CA ASN C 17 -28.74 6.27 18.84
C ASN C 17 -28.40 6.52 17.37
N LEU C 18 -28.33 7.81 17.03
CA LEU C 18 -28.04 8.25 15.66
C LEU C 18 -26.57 8.04 15.26
N TYR C 19 -25.65 8.33 16.17
CA TYR C 19 -24.22 8.22 15.85
C TYR C 19 -23.76 6.79 15.54
N PHE C 20 -24.31 5.81 16.24
CA PHE C 20 -24.05 4.41 15.92
C PHE C 20 -24.53 4.10 14.52
N GLN C 21 -25.76 4.52 14.20
CA GLN C 21 -26.33 4.28 12.88
C GLN C 21 -25.57 5.01 11.76
N SER C 22 -25.07 6.21 12.05
CA SER C 22 -24.26 6.95 11.09
C SER C 22 -22.87 6.32 10.88
N MSE C 23 -22.18 5.98 11.97
CA MSE C 23 -20.89 5.27 11.90
C MSE C 23 -21.03 4.02 11.03
O MSE C 23 -20.21 3.78 10.14
CB MSE C 23 -20.36 4.90 13.29
CG MSE C 23 -19.44 3.69 13.23
SE MSE C 23 -18.79 3.05 14.97
CE MSE C 23 -18.57 1.16 14.48
N LYS C 24 -22.07 3.23 11.29
CA LYS C 24 -22.33 2.03 10.48
C LYS C 24 -22.45 2.33 8.99
N LYS C 25 -23.09 3.46 8.69
CA LYS C 25 -23.29 3.87 7.30
C LYS C 25 -22.07 4.58 6.69
N GLY C 26 -21.31 5.29 7.50
CA GLY C 26 -20.13 6.03 7.01
C GLY C 26 -18.95 5.19 6.51
N ILE C 27 -18.86 3.93 6.97
CA ILE C 27 -17.83 3.00 6.51
C ILE C 27 -18.27 2.34 5.22
N ASN C 28 -17.41 1.50 4.64
CA ASN C 28 -17.69 0.76 3.41
C ASN C 28 -18.00 -0.69 3.74
N ARG C 29 -19.23 -1.12 3.46
CA ARG C 29 -19.56 -2.54 3.57
C ARG C 29 -19.77 -3.08 2.18
N VAL C 30 -19.13 -4.23 1.90
CA VAL C 30 -19.34 -4.95 0.66
C VAL C 30 -20.02 -6.25 1.06
N VAL C 31 -21.12 -6.58 0.39
CA VAL C 31 -21.71 -7.90 0.58
C VAL C 31 -21.40 -8.67 -0.68
N LEU C 32 -20.96 -9.92 -0.48
CA LEU C 32 -20.69 -10.81 -1.57
C LEU C 32 -21.83 -11.83 -1.53
N VAL C 33 -22.41 -12.16 -2.68
CA VAL C 33 -23.51 -13.17 -2.77
C VAL C 33 -23.04 -14.23 -3.78
N GLY C 34 -22.67 -15.40 -3.30
CA GLY C 34 -21.97 -16.39 -4.15
C GLY C 34 -20.54 -16.56 -3.69
N THR C 35 -20.30 -17.60 -2.88
CA THR C 35 -19.01 -17.75 -2.20
C THR C 35 -18.10 -18.89 -2.68
N GLY C 36 -18.09 -19.14 -3.99
CA GLY C 36 -17.16 -20.10 -4.61
C GLY C 36 -15.82 -19.43 -4.88
N ALA C 37 -15.01 -20.07 -5.73
CA ALA C 37 -13.64 -19.66 -5.96
C ALA C 37 -13.49 -18.24 -6.51
N VAL C 38 -14.45 -17.81 -7.34
CA VAL C 38 -14.41 -16.46 -7.90
C VAL C 38 -14.78 -15.45 -6.82
N GLY C 39 -15.84 -15.76 -6.07
CA GLY C 39 -16.24 -14.94 -4.93
C GLY C 39 -15.09 -14.82 -3.95
N CYS C 40 -14.55 -15.95 -3.53
CA CYS C 40 -13.49 -15.99 -2.51
C CYS C 40 -12.13 -15.42 -2.97
N SER C 41 -11.79 -15.57 -4.26
CA SER C 41 -10.58 -14.97 -4.83
C SER C 41 -10.66 -13.46 -4.73
N TYR C 42 -11.85 -12.94 -5.01
CA TYR C 42 -12.09 -11.50 -4.93
C TYR C 42 -11.98 -11.01 -3.48
N ALA C 43 -12.62 -11.73 -2.54
CA ALA C 43 -12.55 -11.42 -1.09
C ALA C 43 -11.13 -11.35 -0.52
N TYR C 44 -10.32 -12.31 -0.95
CA TYR C 44 -8.95 -12.41 -0.53
C TYR C 44 -8.18 -11.23 -1.10
N CYS C 45 -8.56 -10.79 -2.28
CA CYS C 45 -7.99 -9.55 -2.85
C CYS C 45 -8.33 -8.35 -2.00
N MSE C 46 -9.57 -8.30 -1.51
CA MSE C 46 -10.08 -7.16 -0.69
C MSE C 46 -9.37 -7.04 0.64
O MSE C 46 -9.05 -5.93 1.14
CB MSE C 46 -11.60 -7.32 -0.52
CG MSE C 46 -12.32 -7.21 -1.87
SE MSE C 46 -12.53 -5.34 -2.50
CE MSE C 46 -13.95 -4.87 -1.23
N ILE C 47 -9.06 -8.20 1.21
CA ILE C 47 -8.38 -8.35 2.49
C ILE C 47 -6.89 -8.02 2.42
N ASN C 48 -6.25 -8.39 1.36
CA ASN C 48 -4.87 -8.05 1.10
C ASN C 48 -4.72 -6.54 0.95
N GLN C 49 -5.67 -5.93 0.31
CA GLN C 49 -5.59 -4.53 0.01
C GLN C 49 -6.39 -3.68 0.93
N ALA C 50 -7.10 -4.32 1.83
CA ALA C 50 -7.89 -3.69 2.82
C ALA C 50 -8.78 -2.55 2.31
N VAL C 51 -9.57 -2.83 1.31
CA VAL C 51 -10.42 -1.89 0.66
C VAL C 51 -11.64 -1.47 1.41
N ALA C 52 -12.37 -2.44 1.93
CA ALA C 52 -13.65 -2.22 2.63
C ALA C 52 -13.62 -2.62 4.10
N GLU C 53 -14.23 -1.81 4.99
CA GLU C 53 -14.15 -2.06 6.44
C GLU C 53 -14.94 -3.30 6.83
N GLU C 54 -16.03 -3.52 6.13
CA GLU C 54 -16.84 -4.71 6.38
C GLU C 54 -17.04 -5.43 5.08
N PHE C 55 -16.96 -6.75 5.15
CA PHE C 55 -17.07 -7.58 3.99
C PHE C 55 -17.82 -8.83 4.44
N VAL C 56 -19.00 -9.05 3.86
CA VAL C 56 -19.98 -10.04 4.34
C VAL C 56 -20.19 -11.10 3.27
N LEU C 57 -20.17 -12.38 3.68
CA LEU C 57 -20.32 -13.52 2.76
C LEU C 57 -21.71 -14.16 2.93
N VAL C 58 -22.41 -14.32 1.81
CA VAL C 58 -23.74 -14.96 1.73
C VAL C 58 -23.71 -16.03 0.62
N ASP C 59 -24.00 -17.29 0.97
CA ASP C 59 -24.13 -18.36 -0.04
C ASP C 59 -25.41 -19.15 0.17
N VAL C 60 -25.83 -19.84 -0.89
CA VAL C 60 -26.88 -20.87 -0.82
C VAL C 60 -26.54 -21.95 0.24
N ASN C 61 -25.26 -22.34 0.25
CA ASN C 61 -24.71 -23.29 1.21
C ASN C 61 -24.18 -22.52 2.40
N GLU C 62 -24.89 -22.64 3.53
CA GLU C 62 -24.53 -21.98 4.79
C GLU C 62 -23.10 -22.30 5.22
N ALA C 63 -22.83 -23.60 5.33
CA ALA C 63 -21.54 -24.14 5.76
C ALA C 63 -20.39 -23.58 4.93
N LYS C 64 -20.57 -23.56 3.60
CA LYS C 64 -19.54 -23.13 2.67
C LYS C 64 -19.12 -21.70 3.02
N ALA C 65 -20.10 -20.81 3.07
CA ALA C 65 -19.87 -19.41 3.38
C ALA C 65 -19.31 -19.23 4.81
N GLU C 66 -19.70 -20.10 5.74
CA GLU C 66 -19.20 -20.02 7.12
C GLU C 66 -17.73 -20.38 7.18
N GLY C 67 -17.38 -21.43 6.44
CA GLY C 67 -16.02 -21.92 6.39
C GLY C 67 -15.09 -20.98 5.63
N GLU C 68 -15.64 -20.34 4.59
CA GLU C 68 -14.89 -19.42 3.77
C GLU C 68 -14.59 -18.17 4.57
N ALA C 69 -15.57 -17.66 5.32
CA ALA C 69 -15.37 -16.49 6.17
C ALA C 69 -14.36 -16.77 7.30
N MSE C 70 -14.35 -18.00 7.83
CA MSE C 70 -13.38 -18.39 8.85
C MSE C 70 -11.97 -18.31 8.33
O MSE C 70 -11.09 -17.72 8.97
CB MSE C 70 -13.60 -19.85 9.24
CG MSE C 70 -14.61 -19.98 10.38
SE MSE C 70 -15.15 -21.88 10.47
CE MSE C 70 -16.70 -21.50 11.63
N ASP C 71 -11.74 -18.90 7.16
CA ASP C 71 -10.43 -19.00 6.53
C ASP C 71 -9.88 -17.60 6.14
N LEU C 72 -10.75 -16.74 5.61
CA LEU C 72 -10.38 -15.36 5.25
C LEU C 72 -10.15 -14.51 6.49
N SER C 73 -10.94 -14.75 7.53
CA SER C 73 -10.81 -14.05 8.82
C SER C 73 -9.46 -14.24 9.47
N HIS C 74 -8.90 -15.43 9.33
CA HIS C 74 -7.60 -15.74 9.88
C HIS C 74 -6.45 -15.11 9.08
N ALA C 75 -6.72 -14.66 7.86
CA ALA C 75 -5.72 -13.91 7.09
C ALA C 75 -5.62 -12.45 7.55
N VAL C 76 -6.69 -11.91 8.11
CA VAL C 76 -6.72 -10.49 8.55
C VAL C 76 -5.55 -10.09 9.48
N PRO C 77 -5.20 -10.90 10.50
CA PRO C 77 -4.14 -10.42 11.38
C PRO C 77 -2.74 -10.36 10.77
N PHE C 78 -2.58 -10.86 9.54
CA PHE C 78 -1.31 -10.69 8.82
C PHE C 78 -1.44 -9.76 7.60
N ALA C 79 -2.57 -9.05 7.52
CA ALA C 79 -2.85 -8.15 6.41
C ALA C 79 -2.31 -6.76 6.78
N PRO C 80 -2.30 -5.84 5.82
CA PRO C 80 -1.82 -4.44 5.99
C PRO C 80 -2.66 -3.69 7.02
N ALA C 81 -3.94 -4.01 7.05
CA ALA C 81 -4.87 -3.34 7.96
C ALA C 81 -6.09 -4.25 8.06
N PRO C 82 -6.93 -4.03 9.10
CA PRO C 82 -8.11 -4.88 9.33
C PRO C 82 -9.21 -4.73 8.29
N THR C 83 -9.90 -5.84 8.04
CA THR C 83 -11.24 -5.85 7.44
C THR C 83 -12.07 -6.74 8.38
N ARG C 84 -13.34 -6.41 8.61
CA ARG C 84 -14.23 -7.26 9.41
C ARG C 84 -15.02 -8.19 8.48
N VAL C 85 -14.72 -9.48 8.55
CA VAL C 85 -15.18 -10.43 7.55
C VAL C 85 -16.05 -11.45 8.26
N TRP C 86 -17.31 -11.57 7.85
CA TRP C 86 -18.23 -12.52 8.50
C TRP C 86 -19.26 -13.14 7.57
N LYS C 87 -19.79 -14.29 7.96
CA LYS C 87 -20.88 -14.93 7.22
C LYS C 87 -22.21 -14.30 7.64
N GLY C 88 -22.93 -13.77 6.65
CA GLY C 88 -24.17 -13.05 6.87
C GLY C 88 -25.32 -13.59 6.02
N SER C 89 -26.23 -12.70 5.63
CA SER C 89 -27.41 -13.07 4.83
C SER C 89 -27.91 -11.84 4.09
N TYR C 90 -28.91 -12.03 3.22
CA TYR C 90 -29.52 -10.93 2.47
C TYR C 90 -29.82 -9.71 3.33
N GLU C 91 -30.08 -9.97 4.62
CA GLU C 91 -30.30 -8.96 5.63
C GLU C 91 -29.16 -7.94 5.73
N ASP C 92 -27.93 -8.44 5.60
CA ASP C 92 -26.72 -7.64 5.71
C ASP C 92 -26.57 -6.56 4.62
N CYS C 93 -27.39 -6.64 3.58
CA CYS C 93 -27.36 -5.73 2.44
C CYS C 93 -27.96 -4.34 2.66
N LYS C 94 -28.68 -4.13 3.76
CA LYS C 94 -29.36 -2.84 3.98
C LYS C 94 -28.40 -1.66 3.96
N ASP C 95 -27.31 -1.77 4.72
CA ASP C 95 -26.30 -0.69 4.75
C ASP C 95 -25.08 -1.00 3.88
N ALA C 96 -25.25 -1.93 2.94
CA ALA C 96 -24.21 -2.26 1.97
C ALA C 96 -24.07 -1.18 0.91
N ASP C 97 -22.83 -0.75 0.69
CA ASP C 97 -22.48 0.19 -0.35
C ASP C 97 -22.39 -0.48 -1.72
N LEU C 98 -21.98 -1.76 -1.72
CA LEU C 98 -21.75 -2.53 -2.95
C LEU C 98 -22.14 -3.99 -2.77
N VAL C 99 -22.91 -4.51 -3.73
CA VAL C 99 -23.27 -5.94 -3.74
C VAL C 99 -22.68 -6.65 -4.97
N VAL C 100 -21.83 -7.63 -4.71
CA VAL C 100 -21.13 -8.34 -5.77
C VAL C 100 -21.75 -9.72 -5.90
N ILE C 101 -22.26 -10.04 -7.10
CA ILE C 101 -22.91 -11.34 -7.32
C ILE C 101 -22.15 -12.19 -8.33
N THR C 102 -21.57 -13.29 -7.85
CA THR C 102 -20.98 -14.31 -8.71
C THR C 102 -21.93 -15.50 -8.71
N ALA C 103 -22.87 -15.47 -7.78
CA ALA C 103 -23.83 -16.55 -7.54
C ALA C 103 -24.65 -16.86 -8.78
N GLY C 104 -24.90 -18.15 -9.00
CA GLY C 104 -25.70 -18.62 -10.13
C GLY C 104 -25.53 -20.11 -10.37
N LEU C 105 -26.00 -20.58 -11.51
CA LEU C 105 -25.94 -22.01 -11.88
C LEU C 105 -25.43 -22.23 -13.31
N PRO C 106 -24.96 -23.46 -13.63
CA PRO C 106 -24.55 -23.77 -15.00
C PRO C 106 -25.69 -24.39 -15.81
N THR C 112 -28.64 -25.46 -24.39
CA THR C 112 -28.49 -24.28 -25.24
C THR C 112 -28.29 -23.03 -24.38
N ARG C 113 -27.61 -22.03 -24.95
CA ARG C 113 -27.27 -20.80 -24.26
C ARG C 113 -28.48 -20.13 -23.58
N LEU C 114 -29.65 -20.32 -24.18
CA LEU C 114 -30.91 -19.78 -23.65
C LEU C 114 -31.33 -20.40 -22.32
N ASP C 115 -31.15 -21.72 -22.20
CA ASP C 115 -31.42 -22.43 -20.93
C ASP C 115 -30.58 -21.83 -19.81
N LEU C 116 -29.31 -21.53 -20.11
CA LEU C 116 -28.40 -20.90 -19.15
C LEU C 116 -28.96 -19.55 -18.70
N VAL C 117 -29.32 -18.71 -19.67
CA VAL C 117 -29.83 -17.36 -19.43
C VAL C 117 -31.16 -17.37 -18.66
N GLU C 118 -32.13 -18.13 -19.17
CA GLU C 118 -33.50 -18.15 -18.65
C GLU C 118 -33.59 -18.74 -17.22
N LYS C 119 -32.63 -19.60 -16.89
CA LYS C 119 -32.50 -20.19 -15.56
C LYS C 119 -31.85 -19.19 -14.62
N ASN C 120 -30.67 -18.70 -15.00
CA ASN C 120 -29.97 -17.71 -14.19
C ASN C 120 -30.87 -16.51 -13.87
N ALA C 121 -31.78 -16.18 -14.81
CA ALA C 121 -32.70 -15.05 -14.68
C ALA C 121 -33.67 -15.18 -13.50
N LYS C 122 -34.38 -16.30 -13.42
CA LYS C 122 -35.32 -16.54 -12.32
C LYS C 122 -34.58 -16.60 -10.98
N ILE C 123 -33.46 -17.31 -10.97
CA ILE C 123 -32.53 -17.33 -9.84
C ILE C 123 -32.13 -15.89 -9.44
N PHE C 124 -31.77 -15.08 -10.43
CA PHE C 124 -31.41 -13.69 -10.20
C PHE C 124 -32.59 -12.81 -9.79
N LYS C 125 -33.80 -13.21 -10.19
CA LYS C 125 -35.00 -12.48 -9.82
C LYS C 125 -35.29 -12.58 -8.30
N GLN C 126 -34.91 -13.72 -7.71
CA GLN C 126 -35.07 -13.96 -6.27
C GLN C 126 -34.00 -13.19 -5.48
N ILE C 127 -32.75 -13.40 -5.89
CA ILE C 127 -31.58 -12.76 -5.28
C ILE C 127 -31.81 -11.24 -5.17
N VAL C 128 -32.14 -10.63 -6.32
CA VAL C 128 -32.29 -9.18 -6.39
C VAL C 128 -33.44 -8.68 -5.51
N ARG C 129 -34.59 -9.37 -5.59
CA ARG C 129 -35.76 -9.00 -4.79
C ARG C 129 -35.44 -8.93 -3.30
N SER C 130 -34.83 -9.98 -2.78
CA SER C 130 -34.48 -10.05 -1.35
C SER C 130 -33.51 -8.93 -0.93
N ILE C 131 -32.60 -8.60 -1.83
CA ILE C 131 -31.63 -7.55 -1.58
C ILE C 131 -32.34 -6.20 -1.60
N MSE C 132 -33.26 -6.00 -2.54
CA MSE C 132 -34.06 -4.77 -2.56
C MSE C 132 -34.93 -4.74 -1.33
O MSE C 132 -35.07 -3.70 -0.66
CB MSE C 132 -34.90 -4.58 -3.82
CG MSE C 132 -34.14 -4.68 -5.15
SE MSE C 132 -32.38 -3.77 -5.13
CE MSE C 132 -33.02 -1.94 -4.74
N ASP C 133 -35.51 -5.89 -0.98
CA ASP C 133 -36.42 -5.98 0.18
C ASP C 133 -35.67 -5.84 1.53
N SER C 134 -34.35 -5.73 1.49
CA SER C 134 -33.56 -5.50 2.69
C SER C 134 -33.43 -4.00 2.99
N GLY C 135 -33.83 -3.17 2.03
CA GLY C 135 -33.56 -1.72 2.09
C GLY C 135 -32.24 -1.32 1.44
N PHE C 136 -31.64 -2.23 0.66
CA PHE C 136 -30.40 -1.93 -0.08
C PHE C 136 -30.61 -0.81 -1.09
N ASP C 137 -29.68 0.15 -1.10
CA ASP C 137 -29.73 1.24 -2.05
C ASP C 137 -28.34 1.63 -2.52
N GLY C 138 -27.45 0.65 -2.58
CA GLY C 138 -26.07 0.92 -3.03
C GLY C 138 -25.87 0.62 -4.49
N ILE C 139 -24.69 0.09 -4.84
CA ILE C 139 -24.34 -0.28 -6.21
C ILE C 139 -24.27 -1.81 -6.38
N PHE C 140 -24.69 -2.30 -7.55
CA PHE C 140 -24.56 -3.71 -7.93
C PHE C 140 -23.33 -3.88 -8.81
N LEU C 141 -22.50 -4.89 -8.52
CA LEU C 141 -21.49 -5.37 -9.47
C LEU C 141 -21.79 -6.84 -9.77
N ILE C 142 -22.15 -7.11 -11.02
CA ILE C 142 -22.58 -8.46 -11.41
C ILE C 142 -21.44 -9.20 -12.11
N ALA C 143 -20.99 -10.32 -11.54
CA ALA C 143 -19.88 -11.08 -12.10
C ALA C 143 -20.28 -12.45 -12.67
N THR C 144 -21.55 -12.81 -12.48
CA THR C 144 -22.07 -14.12 -12.89
C THR C 144 -22.19 -14.13 -14.42
N ASN C 145 -22.01 -15.30 -15.01
CA ASN C 145 -22.08 -15.46 -16.46
C ASN C 145 -23.48 -15.93 -16.91
N PRO C 146 -23.99 -15.42 -18.04
CA PRO C 146 -23.37 -14.48 -18.98
C PRO C 146 -23.51 -13.05 -18.47
N VAL C 147 -22.39 -12.42 -18.19
CA VAL C 147 -22.39 -11.25 -17.31
C VAL C 147 -23.25 -10.09 -17.83
N ASP C 148 -23.19 -9.82 -19.13
CA ASP C 148 -23.86 -8.66 -19.74
C ASP C 148 -25.38 -8.69 -19.63
N ILE C 149 -25.96 -9.88 -19.80
CA ILE C 149 -27.40 -10.09 -19.77
C ILE C 149 -27.93 -10.08 -18.33
N LEU C 150 -27.16 -10.67 -17.41
CA LEU C 150 -27.56 -10.74 -16.01
C LEU C 150 -27.45 -9.39 -15.31
N THR C 151 -26.62 -8.50 -15.85
CA THR C 151 -26.54 -7.12 -15.36
C THR C 151 -27.81 -6.40 -15.79
N TYR C 152 -28.21 -6.64 -17.04
CA TYR C 152 -29.48 -6.15 -17.59
C TYR C 152 -30.67 -6.63 -16.76
N VAL C 153 -30.70 -7.93 -16.45
CA VAL C 153 -31.71 -8.50 -15.56
C VAL C 153 -31.72 -7.71 -14.24
N THR C 154 -30.58 -7.70 -13.55
CA THR C 154 -30.46 -7.08 -12.23
C THR C 154 -31.00 -5.65 -12.26
N TRP C 155 -30.66 -4.93 -13.32
CA TRP C 155 -31.21 -3.60 -13.52
C TRP C 155 -32.74 -3.64 -13.69
N LYS C 156 -33.22 -4.49 -14.59
CA LYS C 156 -34.65 -4.59 -14.89
C LYS C 156 -35.48 -5.17 -13.74
N GLU C 157 -34.81 -5.70 -12.73
CA GLU C 157 -35.51 -6.23 -11.55
C GLU C 157 -35.44 -5.23 -10.39
N SER C 158 -34.27 -4.61 -10.21
CA SER C 158 -34.00 -3.77 -9.04
C SER C 158 -34.79 -2.46 -9.01
N GLY C 159 -35.11 -1.93 -10.18
CA GLY C 159 -35.72 -0.61 -10.29
C GLY C 159 -34.74 0.53 -10.04
N LEU C 160 -33.45 0.20 -9.99
CA LEU C 160 -32.42 1.22 -9.73
C LEU C 160 -32.00 1.91 -11.04
N PRO C 161 -31.46 3.13 -10.95
CA PRO C 161 -30.93 3.79 -12.16
C PRO C 161 -29.87 2.91 -12.84
N LYS C 162 -29.84 2.94 -14.17
CA LYS C 162 -28.99 2.06 -14.96
C LYS C 162 -27.49 2.24 -14.69
N GLU C 163 -27.12 3.44 -14.24
CA GLU C 163 -25.74 3.76 -13.87
C GLU C 163 -25.32 3.09 -12.56
N ARG C 164 -26.28 2.50 -11.86
CA ARG C 164 -26.01 1.89 -10.56
C ARG C 164 -25.97 0.36 -10.57
N VAL C 165 -26.26 -0.24 -11.72
CA VAL C 165 -26.04 -1.67 -11.90
C VAL C 165 -24.90 -1.84 -12.90
N ILE C 166 -23.83 -2.53 -12.47
CA ILE C 166 -22.59 -2.66 -13.24
C ILE C 166 -22.20 -4.13 -13.45
N GLY C 167 -21.63 -4.43 -14.62
CA GLY C 167 -21.12 -5.77 -14.89
C GLY C 167 -19.61 -5.77 -15.08
N SER C 168 -18.97 -6.89 -14.76
CA SER C 168 -17.53 -7.04 -14.92
C SER C 168 -17.12 -7.00 -16.40
N GLY C 169 -18.05 -7.38 -17.28
CA GLY C 169 -17.86 -7.25 -18.72
C GLY C 169 -16.54 -7.79 -19.26
N THR C 170 -15.78 -6.93 -19.92
CA THR C 170 -14.52 -7.31 -20.53
C THR C 170 -13.28 -6.79 -19.81
N THR C 171 -13.44 -6.36 -18.56
CA THR C 171 -12.31 -5.91 -17.74
C THR C 171 -11.18 -6.96 -17.71
N LEU C 172 -11.53 -8.20 -17.37
CA LEU C 172 -10.51 -9.26 -17.26
C LEU C 172 -9.90 -9.55 -18.62
N ASP C 173 -10.72 -9.50 -19.67
CA ASP C 173 -10.25 -9.66 -21.04
C ASP C 173 -9.25 -8.57 -21.40
N SER C 174 -9.59 -7.32 -21.08
CA SER C 174 -8.65 -6.19 -21.25
C SER C 174 -7.34 -6.38 -20.48
N ALA C 175 -7.41 -6.94 -19.28
CA ALA C 175 -6.23 -7.16 -18.45
C ALA C 175 -5.34 -8.22 -19.09
N ARG C 176 -5.97 -9.33 -19.50
CA ARG C 176 -5.30 -10.39 -20.24
C ARG C 176 -4.61 -9.81 -21.49
N PHE C 177 -5.32 -8.96 -22.23
CA PHE C 177 -4.80 -8.27 -23.42
C PHE C 177 -3.61 -7.36 -23.10
N ARG C 178 -3.70 -6.63 -21.99
CA ARG C 178 -2.58 -5.80 -21.59
C ARG C 178 -1.35 -6.63 -21.18
N TYR C 179 -1.55 -7.68 -20.36
CA TYR C 179 -0.46 -8.58 -20.00
C TYR C 179 0.25 -9.13 -21.23
N MSE C 180 -0.53 -9.62 -22.20
CA MSE C 180 0.03 -10.31 -23.37
C MSE C 180 0.81 -9.35 -24.22
O MSE C 180 1.93 -9.64 -24.60
CB MSE C 180 -1.05 -11.05 -24.16
CG MSE C 180 -1.36 -12.32 -23.39
SE MSE C 180 -2.85 -13.28 -24.25
CE MSE C 180 -3.26 -14.52 -22.77
N LEU C 181 0.23 -8.17 -24.47
CA LEU C 181 0.90 -7.14 -25.26
C LEU C 181 2.19 -6.65 -24.61
N GLY C 182 2.12 -6.37 -23.30
CA GLY C 182 3.31 -6.04 -22.51
C GLY C 182 4.44 -7.00 -22.79
N GLU C 183 4.12 -8.30 -22.81
CA GLU C 183 5.07 -9.36 -23.14
C GLU C 183 5.61 -9.16 -24.55
N TYR C 184 4.70 -9.01 -25.52
CA TYR C 184 5.07 -8.88 -26.94
C TYR C 184 5.86 -7.60 -27.24
N PHE C 185 5.68 -6.58 -26.41
CA PHE C 185 6.38 -5.31 -26.58
C PHE C 185 7.46 -5.09 -25.52
N ASP C 186 7.66 -6.10 -24.67
CA ASP C 186 8.66 -6.05 -23.61
C ASP C 186 8.58 -4.75 -22.82
N ILE C 187 7.42 -4.52 -22.22
CA ILE C 187 7.09 -3.32 -21.47
C ILE C 187 6.09 -3.71 -20.38
N GLY C 188 6.12 -3.02 -19.24
CA GLY C 188 5.22 -3.37 -18.14
C GLY C 188 3.76 -3.23 -18.54
N PRO C 189 2.93 -4.24 -18.27
CA PRO C 189 1.50 -4.18 -18.64
C PRO C 189 0.76 -2.95 -18.10
N HIS C 190 1.26 -2.35 -17.01
CA HIS C 190 0.67 -1.13 -16.44
C HIS C 190 0.85 0.08 -17.35
N ASN C 191 1.76 -0.02 -18.32
CA ASN C 191 1.94 1.04 -19.31
C ASN C 191 1.31 0.70 -20.65
N ILE C 192 0.65 -0.45 -20.72
CA ILE C 192 -0.07 -0.83 -21.96
C ILE C 192 -1.51 -0.34 -21.84
N HIS C 193 -1.93 0.45 -22.83
CA HIS C 193 -3.29 0.95 -22.90
C HIS C 193 -4.06 0.25 -24.00
N ALA C 194 -4.92 -0.68 -23.60
CA ALA C 194 -5.53 -1.61 -24.55
C ALA C 194 -6.86 -2.12 -24.03
N TYR C 195 -7.84 -2.19 -24.93
CA TYR C 195 -9.22 -2.49 -24.57
C TYR C 195 -9.88 -3.51 -25.49
N ILE C 196 -10.70 -4.36 -24.89
CA ILE C 196 -11.59 -5.25 -25.61
C ILE C 196 -13.01 -4.89 -25.20
N ILE C 197 -13.90 -4.83 -26.20
CA ILE C 197 -15.28 -4.38 -26.02
C ILE C 197 -16.29 -5.35 -26.66
N GLY C 198 -17.57 -5.18 -26.34
CA GLY C 198 -18.61 -6.07 -26.83
C GLY C 198 -19.09 -6.96 -25.71
N GLU C 199 -19.84 -8.01 -26.06
CA GLU C 199 -20.28 -8.98 -25.06
C GLU C 199 -19.09 -9.85 -24.65
N HIS C 200 -18.95 -10.08 -23.35
CA HIS C 200 -17.95 -10.96 -22.76
C HIS C 200 -18.19 -12.38 -23.25
N GLY C 201 -17.25 -12.88 -24.05
CA GLY C 201 -17.40 -14.17 -24.73
C GLY C 201 -16.84 -14.10 -26.13
N ASP C 202 -17.19 -15.09 -26.96
CA ASP C 202 -16.55 -15.27 -28.26
C ASP C 202 -16.79 -14.15 -29.29
N THR C 203 -17.76 -13.26 -29.02
CA THR C 203 -18.03 -12.12 -29.93
C THR C 203 -17.37 -10.78 -29.50
N GLU C 204 -16.50 -10.82 -28.50
CA GLU C 204 -15.79 -9.60 -28.07
C GLU C 204 -14.72 -9.26 -29.09
N LEU C 205 -14.30 -8.00 -29.12
CA LEU C 205 -13.34 -7.53 -30.12
C LEU C 205 -12.28 -6.60 -29.55
N PRO C 206 -11.02 -6.83 -29.94
CA PRO C 206 -9.91 -5.98 -29.55
C PRO C 206 -10.03 -4.65 -30.27
N VAL C 207 -9.75 -3.57 -29.56
CA VAL C 207 -9.78 -2.25 -30.17
C VAL C 207 -8.36 -1.88 -30.60
N TRP C 208 -7.87 -2.53 -31.66
CA TRP C 208 -6.52 -2.30 -32.17
C TRP C 208 -6.28 -0.83 -32.48
N SER C 209 -7.30 -0.17 -33.01
CA SER C 209 -7.23 1.23 -33.40
C SER C 209 -6.88 2.17 -32.25
N HIS C 210 -7.00 1.68 -31.01
CA HIS C 210 -6.72 2.49 -29.83
C HIS C 210 -5.79 1.78 -28.83
N VAL C 211 -4.85 0.99 -29.35
CA VAL C 211 -3.83 0.38 -28.52
C VAL C 211 -2.65 1.35 -28.40
N SER C 212 -2.21 1.60 -27.17
CA SER C 212 -0.98 2.36 -26.90
C SER C 212 0.06 1.52 -26.19
N VAL C 213 1.30 1.63 -26.67
CA VAL C 213 2.43 0.94 -26.05
C VAL C 213 3.24 2.01 -25.32
N GLY C 214 2.94 2.18 -24.04
CA GLY C 214 3.34 3.42 -23.35
C GLY C 214 2.73 4.57 -24.14
N ILE C 215 3.53 5.59 -24.40
CA ILE C 215 3.18 6.69 -25.29
C ILE C 215 2.94 6.26 -26.76
N GLN C 216 3.57 5.16 -27.18
CA GLN C 216 3.61 4.81 -28.61
C GLN C 216 2.26 4.36 -29.20
N LYS C 217 1.96 4.85 -30.39
CA LYS C 217 0.76 4.48 -31.13
C LYS C 217 0.97 3.14 -31.84
N LEU C 218 0.07 2.18 -31.59
CA LEU C 218 0.21 0.86 -32.20
C LEU C 218 0.36 0.92 -33.72
N GLN C 219 -0.48 1.73 -34.37
CA GLN C 219 -0.48 1.82 -35.83
C GLN C 219 0.82 2.37 -36.42
N THR C 220 1.48 3.25 -35.69
CA THR C 220 2.81 3.77 -36.05
C THR C 220 3.91 2.70 -35.93
N LEU C 221 3.87 1.92 -34.87
CA LEU C 221 4.83 0.85 -34.66
C LEU C 221 4.67 -0.24 -35.73
N LEU C 222 3.45 -0.40 -36.15
CA LEU C 222 3.09 -1.22 -37.24
C LEU C 222 3.57 -0.64 -38.58
N GLU C 223 3.56 0.68 -38.68
CA GLU C 223 3.97 1.40 -39.85
C GLU C 223 5.41 1.21 -40.14
N LYS C 224 6.22 1.27 -39.10
CA LYS C 224 7.63 1.49 -39.23
C LYS C 224 8.40 0.38 -39.96
N ASP C 225 7.96 -0.85 -39.77
CA ASP C 225 8.41 -2.06 -40.48
C ASP C 225 8.83 -3.14 -39.52
N ASN C 226 9.08 -2.72 -38.28
CA ASN C 226 10.12 -3.20 -37.38
C ASN C 226 9.93 -4.37 -36.46
N THR C 227 9.51 -5.44 -37.07
CA THR C 227 9.32 -6.74 -36.50
C THR C 227 7.98 -6.99 -35.91
N TYR C 228 7.13 -5.97 -35.90
CA TYR C 228 5.83 -6.13 -35.36
C TYR C 228 4.95 -6.38 -36.51
N ASN C 229 3.88 -7.12 -36.32
CA ASN C 229 2.92 -7.36 -37.38
C ASN C 229 1.54 -7.73 -36.89
N GLN C 230 0.53 -7.48 -37.69
CA GLN C 230 -0.85 -7.76 -37.29
C GLN C 230 -1.10 -9.25 -37.09
N GLU C 231 -0.27 -10.08 -37.72
CA GLU C 231 -0.37 -11.52 -37.60
C GLU C 231 0.00 -12.00 -36.20
N ASP C 232 1.07 -11.43 -35.63
CA ASP C 232 1.46 -11.71 -34.25
C ASP C 232 0.37 -11.22 -33.29
N LEU C 233 -0.26 -10.12 -33.66
CA LEU C 233 -1.28 -9.47 -32.84
C LEU C 233 -2.61 -10.23 -32.84
N ASP C 234 -3.06 -10.67 -34.02
CA ASP C 234 -4.25 -11.53 -34.12
C ASP C 234 -4.10 -12.75 -33.19
N LYS C 235 -2.94 -13.40 -33.23
CA LYS C 235 -2.63 -14.53 -32.34
C LYS C 235 -2.80 -14.14 -30.86
N ILE C 236 -2.37 -12.94 -30.51
CA ILE C 236 -2.50 -12.44 -29.14
C ILE C 236 -3.97 -12.38 -28.75
N PHE C 237 -4.81 -11.80 -29.61
CA PHE C 237 -6.22 -11.71 -29.26
C PHE C 237 -6.93 -13.07 -29.15
N ILE C 238 -6.62 -14.00 -30.06
CA ILE C 238 -7.17 -15.36 -29.92
C ILE C 238 -6.73 -15.95 -28.57
N ASN C 239 -5.46 -15.78 -28.22
CA ASN C 239 -4.94 -16.15 -26.89
C ASN C 239 -5.69 -15.46 -25.72
N VAL C 240 -6.23 -14.26 -25.96
CA VAL C 240 -7.13 -13.61 -24.98
C VAL C 240 -8.49 -14.31 -24.97
N ARG C 241 -9.10 -14.40 -26.16
CA ARG C 241 -10.44 -14.95 -26.30
C ARG C 241 -10.52 -16.34 -25.64
N ASP C 242 -9.48 -17.15 -25.83
CA ASP C 242 -9.48 -18.54 -25.38
C ASP C 242 -8.66 -18.82 -24.12
N ALA C 243 -8.43 -17.78 -23.30
CA ALA C 243 -7.61 -17.90 -22.10
C ALA C 243 -8.22 -18.80 -21.04
N ALA C 244 -9.48 -18.68 -20.87
CA ALA C 244 -10.14 -19.40 -19.88
C ALA C 244 -10.00 -20.89 -20.20
N TYR C 245 -10.02 -21.14 -21.48
CA TYR C 245 -9.92 -22.46 -22.06
C TYR C 245 -8.63 -23.03 -21.61
N HIS C 246 -7.56 -22.33 -21.80
CA HIS C 246 -6.26 -22.83 -21.44
C HIS C 246 -6.03 -23.10 -19.97
N ILE C 247 -6.58 -22.29 -19.13
CA ILE C 247 -6.49 -22.48 -17.72
C ILE C 247 -7.31 -23.61 -17.19
N ILE C 248 -8.50 -23.65 -17.71
CA ILE C 248 -9.44 -24.70 -17.45
C ILE C 248 -8.69 -25.98 -17.89
N GLU C 249 -8.03 -25.90 -19.01
CA GLU C 249 -7.33 -26.95 -19.65
C GLU C 249 -6.38 -27.52 -18.67
N ARG C 250 -5.89 -26.68 -17.75
CA ARG C 250 -4.65 -26.95 -17.03
C ARG C 250 -4.71 -26.96 -15.50
N LYS C 251 -5.78 -26.41 -14.91
CA LYS C 251 -5.98 -26.52 -13.46
C LYS C 251 -7.45 -26.78 -13.08
N GLY C 252 -8.33 -26.94 -14.07
CA GLY C 252 -9.73 -27.28 -13.79
C GLY C 252 -10.72 -26.15 -13.76
N ALA C 253 -10.32 -24.99 -13.24
CA ALA C 253 -11.19 -23.85 -13.23
C ALA C 253 -10.26 -22.62 -13.25
N THR C 254 -10.87 -21.46 -13.39
CA THR C 254 -10.17 -20.14 -13.38
C THR C 254 -10.80 -19.20 -12.35
N TYR C 255 -9.98 -18.52 -11.53
CA TYR C 255 -10.49 -17.58 -10.59
C TYR C 255 -9.58 -16.34 -10.20
N TYR C 256 -8.30 -16.55 -10.24
CA TYR C 256 -7.33 -15.55 -9.83
C TYR C 256 -7.47 -14.32 -10.74
N GLY C 257 -7.70 -14.55 -12.01
CA GLY C 257 -7.84 -13.48 -13.00
C GLY C 257 -9.00 -12.55 -12.70
N ILE C 258 -10.18 -13.13 -12.50
CA ILE C 258 -11.38 -12.32 -12.24
C ILE C 258 -11.41 -11.74 -10.83
N GLY C 259 -10.79 -12.46 -9.88
CA GLY C 259 -10.78 -12.03 -8.50
C GLY C 259 -10.27 -10.60 -8.48
N MSE C 260 -9.20 -10.36 -9.23
CA MSE C 260 -8.49 -9.05 -9.20
C MSE C 260 -9.19 -8.02 -10.04
O MSE C 260 -9.12 -6.82 -9.74
CB MSE C 260 -7.02 -9.22 -9.61
CG MSE C 260 -6.20 -7.93 -9.45
SE MSE C 260 -5.64 -7.64 -7.58
CE MSE C 260 -4.40 -9.14 -7.41
N SER C 261 -9.87 -8.45 -11.09
CA SER C 261 -10.69 -7.53 -11.88
C SER C 261 -11.89 -7.02 -11.07
N LEU C 262 -12.46 -7.88 -10.22
CA LEU C 262 -13.59 -7.47 -9.41
C LEU C 262 -13.16 -6.47 -8.34
N LEU C 263 -11.93 -6.64 -7.87
CA LEU C 263 -11.26 -5.73 -6.94
C LEU C 263 -11.03 -4.33 -7.56
N ARG C 264 -10.54 -4.29 -8.79
CA ARG C 264 -10.23 -3.02 -9.44
C ARG C 264 -11.51 -2.20 -9.62
N VAL C 265 -12.57 -2.84 -10.09
CA VAL C 265 -13.88 -2.17 -10.17
C VAL C 265 -14.33 -1.63 -8.79
N THR C 266 -14.28 -2.49 -7.76
CA THR C 266 -14.67 -2.09 -6.39
C THR C 266 -13.88 -0.87 -5.88
N LYS C 267 -12.59 -0.85 -6.14
CA LYS C 267 -11.78 0.30 -5.75
C LYS C 267 -12.32 1.51 -6.49
N ALA C 268 -12.51 1.38 -7.81
CA ALA C 268 -13.04 2.46 -8.64
C ALA C 268 -14.32 3.03 -8.04
N ILE C 269 -15.23 2.15 -7.66
CA ILE C 269 -16.49 2.55 -7.05
C ILE C 269 -16.34 3.10 -5.63
N LEU C 270 -15.84 2.30 -4.69
CA LEU C 270 -15.72 2.73 -3.31
C LEU C 270 -14.83 3.96 -3.11
N ASN C 271 -13.72 4.00 -3.85
CA ASN C 271 -12.76 5.09 -3.68
C ASN C 271 -12.99 6.20 -4.72
N ASP C 272 -14.15 6.18 -5.38
CA ASP C 272 -14.63 7.33 -6.17
C ASP C 272 -13.57 7.83 -7.16
N GLU C 273 -12.98 6.90 -7.92
CA GLU C 273 -11.72 7.17 -8.62
C GLU C 273 -11.86 8.01 -9.89
N ASN C 274 -13.03 8.00 -10.50
CA ASN C 274 -13.17 8.40 -11.90
C ASN C 274 -12.13 7.70 -12.80
N SER C 275 -12.17 6.37 -12.76
CA SER C 275 -11.22 5.59 -13.51
C SER C 275 -11.92 4.83 -14.63
N VAL C 276 -11.18 4.47 -15.65
CA VAL C 276 -11.73 3.96 -16.90
C VAL C 276 -11.58 2.45 -16.89
N LEU C 277 -12.68 1.77 -16.97
CA LEU C 277 -12.69 0.34 -17.06
C LEU C 277 -13.77 -0.20 -18.01
N THR C 278 -13.48 -1.26 -18.71
CA THR C 278 -14.41 -1.80 -19.68
C THR C 278 -15.45 -2.70 -19.03
N VAL C 279 -16.31 -2.10 -18.24
CA VAL C 279 -17.35 -2.78 -17.52
C VAL C 279 -18.56 -3.09 -18.41
N SER C 280 -19.55 -3.81 -17.93
CA SER C 280 -20.83 -3.90 -18.62
C SER C 280 -21.61 -2.63 -18.30
N ALA C 281 -21.91 -1.85 -19.33
CA ALA C 281 -22.59 -0.58 -19.16
C ALA C 281 -23.71 -0.40 -20.17
N TYR C 282 -24.68 0.43 -19.83
CA TYR C 282 -25.88 0.61 -20.64
C TYR C 282 -25.68 1.74 -21.65
N LEU C 283 -25.67 1.37 -22.93
CA LEU C 283 -25.54 2.34 -24.03
C LEU C 283 -26.83 3.09 -24.29
N GLU C 284 -26.71 4.39 -24.47
CA GLU C 284 -27.83 5.27 -24.80
C GLU C 284 -27.52 6.09 -26.07
N GLY C 285 -26.84 5.46 -27.03
CA GLY C 285 -26.49 6.08 -28.31
C GLY C 285 -25.05 5.86 -28.75
N GLN C 286 -24.15 5.72 -27.77
CA GLN C 286 -22.71 5.61 -28.04
C GLN C 286 -22.39 4.41 -28.91
N TYR C 287 -21.39 4.58 -29.79
CA TYR C 287 -21.00 3.56 -30.78
C TYR C 287 -22.13 3.21 -31.76
N GLY C 288 -23.13 4.08 -31.84
CA GLY C 288 -24.28 3.88 -32.72
C GLY C 288 -25.27 2.83 -32.23
N GLN C 289 -25.11 2.43 -30.97
CA GLN C 289 -25.94 1.36 -30.38
C GLN C 289 -26.65 1.84 -29.10
N LYS C 290 -27.66 1.08 -28.68
CA LYS C 290 -28.43 1.36 -27.47
C LYS C 290 -29.21 0.15 -26.96
N ASP C 291 -29.79 0.29 -25.77
CA ASP C 291 -30.70 -0.69 -25.14
C ASP C 291 -30.04 -2.02 -24.77
N VAL C 292 -28.75 -1.96 -24.41
CA VAL C 292 -28.00 -3.13 -23.97
C VAL C 292 -27.01 -2.75 -22.86
N TYR C 293 -26.78 -3.69 -21.95
CA TYR C 293 -25.56 -3.66 -21.15
C TYR C 293 -24.53 -4.43 -21.96
N ILE C 294 -23.40 -3.77 -22.21
CA ILE C 294 -22.36 -4.36 -23.03
C ILE C 294 -20.99 -3.83 -22.60
N GLY C 295 -19.95 -4.60 -22.87
CA GLY C 295 -18.57 -4.19 -22.58
C GLY C 295 -18.15 -2.96 -23.36
N VAL C 296 -17.87 -1.88 -22.64
CA VAL C 296 -17.43 -0.60 -23.21
C VAL C 296 -16.55 0.16 -22.20
N PRO C 297 -15.62 1.01 -22.69
CA PRO C 297 -14.81 1.79 -21.76
C PRO C 297 -15.61 2.89 -21.07
N ALA C 298 -15.58 2.87 -19.74
CA ALA C 298 -16.42 3.78 -18.96
C ALA C 298 -15.72 4.33 -17.75
N VAL C 299 -16.05 5.58 -17.43
CA VAL C 299 -15.60 6.20 -16.19
C VAL C 299 -16.47 5.75 -15.03
N LEU C 300 -15.82 5.26 -13.99
CA LEU C 300 -16.53 4.77 -12.80
C LEU C 300 -16.15 5.61 -11.58
N ASN C 301 -17.12 5.84 -10.70
CA ASN C 301 -16.88 6.49 -9.42
C ASN C 301 -17.88 6.05 -8.37
N ARG C 302 -17.98 6.80 -7.27
CA ARG C 302 -18.84 6.41 -6.17
C ARG C 302 -20.31 6.26 -6.60
N GLY C 303 -20.70 7.00 -7.64
CA GLY C 303 -22.08 6.92 -8.17
C GLY C 303 -22.33 5.82 -9.17
N GLY C 304 -21.30 5.05 -9.50
CA GLY C 304 -21.44 3.97 -10.48
C GLY C 304 -20.80 4.34 -11.80
N VAL C 305 -21.51 4.10 -12.90
CA VAL C 305 -21.00 4.50 -14.20
C VAL C 305 -21.31 5.98 -14.41
N ARG C 306 -20.29 6.80 -14.33
CA ARG C 306 -20.44 8.18 -14.66
C ARG C 306 -20.70 8.51 -16.11
N GLU C 307 -19.90 7.99 -17.03
CA GLU C 307 -20.17 8.09 -18.49
C GLU C 307 -19.44 7.03 -19.31
N ILE C 308 -20.05 6.59 -20.41
CA ILE C 308 -19.37 5.69 -21.33
C ILE C 308 -18.51 6.51 -22.28
N LEU C 309 -17.25 6.14 -22.41
CA LEU C 309 -16.32 6.81 -23.33
C LEU C 309 -16.47 6.28 -24.74
N GLU C 310 -16.88 7.15 -25.66
CA GLU C 310 -17.05 6.75 -27.05
C GLU C 310 -15.76 7.05 -27.81
N VAL C 311 -15.37 6.16 -28.72
CA VAL C 311 -14.29 6.46 -29.65
C VAL C 311 -14.74 6.16 -31.07
N GLU C 312 -14.05 6.75 -32.05
CA GLU C 312 -14.27 6.39 -33.43
C GLU C 312 -13.60 5.03 -33.66
N LEU C 313 -14.41 3.99 -33.80
CA LEU C 313 -13.91 2.67 -34.15
C LEU C 313 -13.53 2.65 -35.62
N SER C 314 -12.67 1.70 -36.00
CA SER C 314 -12.37 1.49 -37.40
C SER C 314 -13.57 0.74 -37.98
N GLU C 315 -13.85 0.94 -39.27
CA GLU C 315 -15.01 0.34 -39.91
C GLU C 315 -15.13 -1.16 -39.58
N ASP C 316 -13.97 -1.82 -39.45
CA ASP C 316 -13.91 -3.24 -39.12
C ASP C 316 -14.44 -3.54 -37.71
N GLU C 317 -13.89 -2.83 -36.73
CA GLU C 317 -14.33 -2.94 -35.33
C GLU C 317 -15.81 -2.59 -35.18
N GLU C 318 -16.27 -1.61 -35.96
CA GLU C 318 -17.67 -1.21 -36.02
C GLU C 318 -18.57 -2.39 -36.42
N LEU C 319 -18.23 -3.07 -37.51
CA LEU C 319 -18.94 -4.28 -37.91
C LEU C 319 -18.91 -5.34 -36.78
N LYS C 320 -17.74 -5.52 -36.18
CA LYS C 320 -17.55 -6.45 -35.06
C LYS C 320 -18.39 -6.09 -33.82
N PHE C 321 -18.36 -4.81 -33.43
CA PHE C 321 -19.13 -4.33 -32.28
C PHE C 321 -20.64 -4.47 -32.51
N ASP C 322 -21.10 -3.96 -33.65
CA ASP C 322 -22.50 -4.04 -34.04
C ASP C 322 -22.99 -5.48 -34.07
N HIS C 323 -22.14 -6.39 -34.58
CA HIS C 323 -22.45 -7.82 -34.60
C HIS C 323 -22.56 -8.41 -33.19
N SER C 324 -21.66 -8.01 -32.29
CA SER C 324 -21.73 -8.44 -30.89
C SER C 324 -23.04 -7.98 -30.27
N VAL C 325 -23.37 -6.71 -30.49
CA VAL C 325 -24.60 -6.10 -29.97
C VAL C 325 -25.84 -6.89 -30.43
N GLN C 326 -25.92 -7.19 -31.73
CA GLN C 326 -27.13 -7.84 -32.26
C GLN C 326 -27.26 -9.31 -31.85
N VAL C 327 -26.14 -9.99 -31.65
CA VAL C 327 -26.17 -11.37 -31.12
C VAL C 327 -26.65 -11.36 -29.67
N LEU C 328 -26.17 -10.38 -28.89
CA LEU C 328 -26.59 -10.21 -27.51
C LEU C 328 -28.10 -10.00 -27.40
N LYS C 329 -28.63 -9.08 -28.21
CA LYS C 329 -30.07 -8.82 -28.23
C LYS C 329 -30.87 -10.03 -28.69
N GLU C 330 -30.27 -10.84 -29.56
CA GLU C 330 -30.87 -12.10 -30.00
C GLU C 330 -30.87 -13.16 -28.90
N THR C 331 -29.88 -13.07 -28.01
CA THR C 331 -29.78 -13.99 -26.87
C THR C 331 -30.82 -13.63 -25.81
N MSE C 332 -31.10 -12.33 -25.69
CA MSE C 332 -32.08 -11.80 -24.74
C MSE C 332 -33.49 -12.02 -25.23
O MSE C 332 -34.39 -12.33 -24.44
CB MSE C 332 -31.85 -10.30 -24.61
CG MSE C 332 -31.69 -9.88 -23.15
SE MSE C 332 -30.13 -8.69 -23.03
CE MSE C 332 -30.98 -7.02 -23.63
N ALA C 333 -33.67 -11.86 -26.54
CA ALA C 333 -34.99 -11.84 -27.20
C ALA C 333 -36.01 -12.89 -26.75
N PRO C 334 -35.59 -14.17 -26.66
CA PRO C 334 -36.58 -15.17 -26.24
C PRO C 334 -36.74 -15.28 -24.73
N VAL C 335 -35.76 -14.76 -23.98
CA VAL C 335 -35.74 -14.90 -22.52
C VAL C 335 -36.54 -13.80 -21.82
N LEU C 336 -36.28 -12.54 -22.16
CA LEU C 336 -37.06 -11.42 -21.64
C LEU C 336 -38.45 -11.35 -22.27
N GLU D 16 28.59 -3.96 -18.08
CA GLU D 16 27.75 -4.27 -19.26
C GLU D 16 27.37 -5.74 -19.24
N ASN D 17 28.39 -6.58 -19.22
CA ASN D 17 28.23 -8.02 -19.01
C ASN D 17 27.81 -8.25 -17.56
N LEU D 18 28.51 -7.57 -16.65
CA LEU D 18 28.30 -7.68 -15.22
C LEU D 18 27.01 -7.01 -14.75
N TYR D 19 26.70 -5.84 -15.32
CA TYR D 19 25.53 -5.06 -14.86
C TYR D 19 24.20 -5.76 -15.06
N PHE D 20 24.08 -6.52 -16.16
CA PHE D 20 22.90 -7.36 -16.34
C PHE D 20 22.84 -8.41 -15.24
N GLN D 21 23.93 -9.15 -15.07
CA GLN D 21 24.02 -10.17 -14.02
C GLN D 21 23.70 -9.62 -12.63
N SER D 22 24.22 -8.44 -12.31
CA SER D 22 24.01 -7.83 -11.01
C SER D 22 22.63 -7.21 -10.83
N MSE D 23 22.02 -6.71 -11.91
CA MSE D 23 20.63 -6.24 -11.88
C MSE D 23 19.75 -7.42 -11.55
O MSE D 23 18.92 -7.35 -10.63
CB MSE D 23 20.20 -5.59 -13.21
CG MSE D 23 18.70 -5.78 -13.45
SE MSE D 23 18.07 -5.18 -15.22
CE MSE D 23 16.56 -6.43 -15.38
N LYS D 24 19.93 -8.52 -12.27
CA LYS D 24 19.20 -9.76 -12.02
C LYS D 24 19.30 -10.18 -10.55
N LYS D 25 20.48 -10.02 -9.97
CA LYS D 25 20.71 -10.37 -8.57
C LYS D 25 20.16 -9.33 -7.57
N GLY D 26 20.22 -8.05 -7.93
CA GLY D 26 19.71 -6.96 -7.07
C GLY D 26 18.24 -7.00 -6.69
N ILE D 27 17.41 -7.63 -7.52
CA ILE D 27 15.98 -7.73 -7.29
C ILE D 27 15.65 -8.97 -6.45
N ASN D 28 14.39 -9.11 -6.06
CA ASN D 28 13.89 -10.25 -5.28
C ASN D 28 13.22 -11.30 -6.16
N ARG D 29 13.75 -12.53 -6.15
CA ARG D 29 13.08 -13.65 -6.81
C ARG D 29 12.62 -14.67 -5.79
N VAL D 30 11.35 -15.01 -5.83
CA VAL D 30 10.79 -16.07 -5.02
C VAL D 30 10.46 -17.25 -5.93
N VAL D 31 10.97 -18.42 -5.59
CA VAL D 31 10.55 -19.60 -6.31
C VAL D 31 9.59 -20.36 -5.42
N LEU D 32 8.46 -20.77 -5.99
CA LEU D 32 7.54 -21.65 -5.31
C LEU D 32 7.72 -23.08 -5.86
N VAL D 33 7.80 -24.03 -4.96
CA VAL D 33 7.83 -25.46 -5.32
C VAL D 33 6.72 -26.09 -4.61
N GLY D 34 5.69 -26.39 -5.34
CA GLY D 34 4.44 -26.77 -4.81
C GLY D 34 3.32 -25.80 -5.03
N THR D 35 2.45 -26.12 -5.97
CA THR D 35 1.46 -25.24 -6.52
C THR D 35 -0.02 -25.52 -6.37
N GLY D 36 -0.38 -25.99 -5.23
CA GLY D 36 -1.74 -26.11 -4.83
C GLY D 36 -2.31 -24.87 -4.19
N ALA D 37 -3.42 -25.02 -3.56
CA ALA D 37 -4.17 -23.96 -3.02
C ALA D 37 -3.33 -23.22 -2.01
N VAL D 38 -2.62 -23.95 -1.17
CA VAL D 38 -1.77 -23.30 -0.18
C VAL D 38 -0.71 -22.44 -0.88
N GLY D 39 0.00 -23.05 -1.84
CA GLY D 39 1.03 -22.36 -2.62
C GLY D 39 0.45 -21.20 -3.41
N CYS D 40 -0.67 -21.46 -4.08
CA CYS D 40 -1.27 -20.43 -4.90
C CYS D 40 -1.93 -19.30 -4.11
N SER D 41 -2.42 -19.57 -2.88
CA SER D 41 -2.99 -18.51 -2.03
C SER D 41 -1.88 -17.54 -1.67
N TYR D 42 -0.73 -18.09 -1.25
CA TYR D 42 0.48 -17.27 -0.96
C TYR D 42 0.90 -16.45 -2.18
N ALA D 43 0.91 -17.09 -3.35
CA ALA D 43 1.26 -16.42 -4.61
C ALA D 43 0.37 -15.23 -4.93
N TYR D 44 -0.92 -15.37 -4.65
CA TYR D 44 -1.88 -14.32 -4.88
C TYR D 44 -1.67 -13.18 -3.88
N CYS D 45 -1.24 -13.52 -2.66
CA CYS D 45 -0.90 -12.50 -1.64
C CYS D 45 0.30 -11.65 -2.08
N MSE D 46 1.29 -12.32 -2.68
CA MSE D 46 2.53 -11.68 -3.18
C MSE D 46 2.22 -10.77 -4.34
O MSE D 46 2.80 -9.70 -4.48
CB MSE D 46 3.58 -12.74 -3.56
CG MSE D 46 3.99 -13.63 -2.37
SE MSE D 46 5.27 -12.71 -1.17
CE MSE D 46 6.75 -12.90 -2.44
N ILE D 47 1.25 -11.18 -5.17
CA ILE D 47 0.80 -10.45 -6.34
C ILE D 47 -0.07 -9.27 -5.94
N ASN D 48 -0.99 -9.48 -5.00
CA ASN D 48 -1.79 -8.39 -4.46
C ASN D 48 -0.92 -7.35 -3.79
N GLN D 49 0.19 -7.79 -3.23
CA GLN D 49 1.00 -6.91 -2.39
C GLN D 49 2.32 -6.52 -3.07
N ALA D 50 2.56 -7.04 -4.27
CA ALA D 50 3.77 -6.75 -5.06
C ALA D 50 5.05 -6.79 -4.21
N VAL D 51 5.31 -7.95 -3.60
CA VAL D 51 6.39 -8.09 -2.65
C VAL D 51 7.68 -8.35 -3.43
N ALA D 52 7.65 -9.33 -4.33
CA ALA D 52 8.85 -9.75 -5.06
C ALA D 52 8.74 -9.47 -6.54
N GLU D 53 9.84 -9.09 -7.18
CA GLU D 53 9.81 -8.70 -8.60
C GLU D 53 9.60 -9.89 -9.53
N GLU D 54 10.14 -11.03 -9.12
CA GLU D 54 10.00 -12.27 -9.85
C GLU D 54 9.41 -13.36 -8.96
N PHE D 55 8.41 -14.08 -9.47
CA PHE D 55 7.77 -15.14 -8.71
C PHE D 55 7.58 -16.33 -9.66
N VAL D 56 8.26 -17.43 -9.35
CA VAL D 56 8.39 -18.56 -10.27
C VAL D 56 7.69 -19.76 -9.65
N LEU D 57 6.85 -20.44 -10.45
CA LEU D 57 6.08 -21.62 -10.03
C LEU D 57 6.69 -22.90 -10.59
N VAL D 58 6.91 -23.88 -9.72
CA VAL D 58 7.37 -25.22 -10.12
C VAL D 58 6.53 -26.27 -9.39
N ASP D 59 6.05 -27.28 -10.13
CA ASP D 59 5.27 -28.37 -9.56
C ASP D 59 5.56 -29.67 -10.32
N VAL D 60 5.23 -30.80 -9.70
CA VAL D 60 5.29 -32.13 -10.38
C VAL D 60 4.43 -32.13 -11.64
N ASN D 61 3.37 -31.35 -11.63
CA ASN D 61 2.52 -31.20 -12.80
C ASN D 61 2.89 -29.91 -13.51
N GLU D 62 3.57 -30.11 -14.64
CA GLU D 62 3.90 -29.09 -15.61
C GLU D 62 2.68 -28.24 -15.92
N ALA D 63 1.60 -28.92 -16.33
CA ALA D 63 0.33 -28.28 -16.68
C ALA D 63 -0.37 -27.56 -15.52
N LYS D 64 -0.29 -28.10 -14.29
CA LYS D 64 -0.93 -27.46 -13.12
C LYS D 64 -0.16 -26.19 -12.76
N ALA D 65 1.17 -26.28 -12.79
CA ALA D 65 2.02 -25.09 -12.59
C ALA D 65 1.84 -24.05 -13.70
N GLU D 66 1.66 -24.53 -14.94
CA GLU D 66 1.46 -23.64 -16.10
C GLU D 66 0.13 -22.89 -16.02
N GLY D 67 -0.94 -23.62 -15.67
CA GLY D 67 -2.28 -23.02 -15.59
C GLY D 67 -2.35 -22.01 -14.44
N GLU D 68 -1.67 -22.34 -13.35
CA GLU D 68 -1.67 -21.53 -12.16
C GLU D 68 -0.91 -20.24 -12.41
N ALA D 69 0.17 -20.28 -13.18
CA ALA D 69 0.93 -19.05 -13.53
C ALA D 69 0.18 -18.17 -14.53
N MSE D 70 -0.53 -18.79 -15.48
CA MSE D 70 -1.42 -18.10 -16.39
C MSE D 70 -2.44 -17.31 -15.61
O MSE D 70 -2.46 -16.05 -15.67
CB MSE D 70 -2.17 -19.10 -17.26
CG MSE D 70 -1.57 -19.20 -18.65
SE MSE D 70 -2.26 -20.88 -19.45
CE MSE D 70 -0.87 -20.97 -20.84
N ASP D 71 -3.25 -18.03 -14.82
CA ASP D 71 -4.36 -17.42 -14.07
C ASP D 71 -3.86 -16.30 -13.15
N LEU D 72 -2.74 -16.55 -12.48
CA LEU D 72 -2.12 -15.57 -11.58
C LEU D 72 -1.56 -14.38 -12.32
N SER D 73 -0.91 -14.61 -13.46
CA SER D 73 -0.33 -13.55 -14.30
C SER D 73 -1.30 -12.51 -14.85
N HIS D 74 -2.54 -12.92 -15.07
CA HIS D 74 -3.54 -12.01 -15.58
C HIS D 74 -4.13 -11.13 -14.47
N ALA D 75 -3.86 -11.47 -13.21
CA ALA D 75 -4.20 -10.59 -12.07
C ALA D 75 -3.25 -9.39 -12.02
N VAL D 76 -2.03 -9.59 -12.51
CA VAL D 76 -0.95 -8.56 -12.44
C VAL D 76 -1.33 -7.18 -13.02
N PRO D 77 -2.04 -7.12 -14.17
CA PRO D 77 -2.31 -5.78 -14.69
C PRO D 77 -3.35 -4.98 -13.90
N PHE D 78 -4.03 -5.59 -12.94
CA PHE D 78 -4.92 -4.85 -12.03
C PHE D 78 -4.40 -4.83 -10.59
N ALA D 79 -3.18 -5.32 -10.39
CA ALA D 79 -2.52 -5.28 -9.09
C ALA D 79 -1.92 -3.89 -8.91
N PRO D 80 -1.46 -3.56 -7.68
CA PRO D 80 -0.87 -2.27 -7.28
C PRO D 80 0.43 -1.91 -8.00
N ALA D 81 1.21 -2.93 -8.34
CA ALA D 81 2.50 -2.76 -8.98
C ALA D 81 2.81 -4.11 -9.59
N PRO D 82 3.66 -4.15 -10.63
CA PRO D 82 3.97 -5.39 -11.37
C PRO D 82 4.77 -6.41 -10.56
N THR D 83 4.47 -7.69 -10.81
CA THR D 83 5.36 -8.81 -10.45
C THR D 83 5.49 -9.61 -11.77
N ARG D 84 6.68 -10.15 -12.06
CA ARG D 84 6.86 -11.04 -13.23
C ARG D 84 6.67 -12.50 -12.82
N VAL D 85 5.56 -13.10 -13.26
CA VAL D 85 5.14 -14.40 -12.75
C VAL D 85 5.20 -15.46 -13.87
N TRP D 86 5.99 -16.51 -13.65
CA TRP D 86 6.12 -17.57 -14.66
C TRP D 86 6.28 -19.00 -14.12
N LYS D 87 5.95 -19.97 -14.96
CA LYS D 87 6.20 -21.39 -14.66
C LYS D 87 7.63 -21.71 -15.07
N GLY D 88 8.40 -22.22 -14.12
CA GLY D 88 9.78 -22.57 -14.39
C GLY D 88 10.14 -23.95 -13.87
N SER D 89 11.36 -24.07 -13.39
CA SER D 89 11.91 -25.33 -12.95
C SER D 89 12.96 -25.08 -11.89
N TYR D 90 13.47 -26.15 -11.28
CA TYR D 90 14.56 -26.07 -10.30
C TYR D 90 15.72 -25.17 -10.75
N GLU D 91 15.84 -25.00 -12.06
CA GLU D 91 16.84 -24.13 -12.68
C GLU D 91 16.68 -22.67 -12.25
N ASP D 92 15.43 -22.22 -12.16
CA ASP D 92 15.12 -20.87 -11.74
C ASP D 92 15.51 -20.61 -10.28
N CYS D 93 15.83 -21.67 -9.55
CA CYS D 93 16.23 -21.57 -8.14
C CYS D 93 17.63 -21.01 -7.92
N LYS D 94 18.48 -20.98 -8.95
CA LYS D 94 19.86 -20.48 -8.82
C LYS D 94 19.97 -19.03 -8.30
N ASP D 95 19.19 -18.13 -8.89
CA ASP D 95 19.21 -16.72 -8.48
C ASP D 95 18.05 -16.36 -7.55
N ALA D 96 17.43 -17.38 -6.98
CA ALA D 96 16.31 -17.22 -6.03
C ALA D 96 16.82 -16.74 -4.69
N ASP D 97 16.17 -15.70 -4.15
CA ASP D 97 16.48 -15.18 -2.82
C ASP D 97 15.80 -16.00 -1.73
N LEU D 98 14.64 -16.55 -2.08
CA LEU D 98 13.80 -17.28 -1.15
C LEU D 98 13.12 -18.39 -1.94
N VAL D 99 13.21 -19.60 -1.41
CA VAL D 99 12.48 -20.74 -1.94
C VAL D 99 11.43 -21.13 -0.91
N VAL D 100 10.18 -21.18 -1.34
CA VAL D 100 9.07 -21.58 -0.51
C VAL D 100 8.62 -22.95 -1.00
N ILE D 101 8.47 -23.89 -0.05
CA ILE D 101 8.08 -25.26 -0.38
C ILE D 101 6.85 -25.68 0.41
N THR D 102 5.75 -25.97 -0.31
CA THR D 102 4.48 -26.43 0.27
C THR D 102 4.20 -27.86 -0.19
N ALA D 103 5.05 -28.36 -1.09
CA ALA D 103 4.92 -29.65 -1.76
C ALA D 103 5.15 -30.85 -0.85
N GLY D 104 4.73 -32.02 -1.35
CA GLY D 104 4.81 -33.28 -0.62
C GLY D 104 3.74 -34.21 -1.17
N LEU D 105 3.52 -35.33 -0.49
CA LEU D 105 2.43 -36.24 -0.86
C LEU D 105 1.60 -36.59 0.38
N PRO D 106 0.26 -36.72 0.20
CA PRO D 106 -0.71 -36.76 1.29
C PRO D 106 -0.42 -37.82 2.36
N ARG D 113 0.59 -41.11 12.44
CA ARG D 113 1.30 -39.86 12.18
C ARG D 113 2.64 -40.10 11.49
N LEU D 114 3.27 -41.23 11.80
CA LEU D 114 4.65 -41.50 11.36
C LEU D 114 4.78 -41.93 9.90
N ASP D 115 3.73 -42.54 9.37
CA ASP D 115 3.71 -43.07 8.01
C ASP D 115 4.04 -41.98 6.99
N LEU D 116 3.22 -40.93 7.00
CA LEU D 116 3.37 -39.76 6.12
C LEU D 116 4.78 -39.15 6.20
N VAL D 117 5.26 -38.99 7.44
CA VAL D 117 6.57 -38.37 7.73
C VAL D 117 7.74 -38.96 6.94
N GLU D 118 7.78 -40.29 6.82
CA GLU D 118 8.95 -40.97 6.23
C GLU D 118 9.11 -40.75 4.73
N LYS D 119 7.99 -40.58 4.02
CA LYS D 119 8.01 -40.36 2.58
C LYS D 119 8.21 -38.87 2.25
N ASN D 120 7.46 -38.00 2.93
CA ASN D 120 7.63 -36.55 2.78
C ASN D 120 9.10 -36.17 2.89
N ALA D 121 9.79 -36.82 3.84
CA ALA D 121 11.22 -36.59 4.09
C ALA D 121 12.08 -37.02 2.90
N LYS D 122 11.83 -38.23 2.39
CA LYS D 122 12.56 -38.74 1.22
C LYS D 122 12.40 -37.81 0.01
N ILE D 123 11.16 -37.39 -0.26
CA ILE D 123 10.87 -36.51 -1.40
C ILE D 123 11.55 -35.15 -1.22
N PHE D 124 11.60 -34.69 0.02
CA PHE D 124 12.30 -33.46 0.35
C PHE D 124 13.80 -33.53 0.07
N LYS D 125 14.36 -34.74 0.06
CA LYS D 125 15.77 -34.93 -0.27
C LYS D 125 16.08 -34.80 -1.77
N GLN D 126 15.08 -35.09 -2.61
CA GLN D 126 15.22 -34.88 -4.05
C GLN D 126 15.08 -33.38 -4.34
N ILE D 127 13.98 -32.81 -3.83
CA ILE D 127 13.68 -31.38 -3.97
C ILE D 127 14.89 -30.52 -3.59
N VAL D 128 15.36 -30.68 -2.36
CA VAL D 128 16.43 -29.85 -1.81
C VAL D 128 17.75 -29.99 -2.56
N ARG D 129 18.19 -31.23 -2.80
CA ARG D 129 19.38 -31.48 -3.59
C ARG D 129 19.36 -30.76 -4.95
N SER D 130 18.27 -30.93 -5.70
CA SER D 130 18.13 -30.31 -7.02
C SER D 130 18.24 -28.79 -6.97
N ILE D 131 17.61 -28.19 -5.96
CA ILE D 131 17.68 -26.77 -5.75
C ILE D 131 19.13 -26.40 -5.40
N MSE D 132 19.78 -27.20 -4.55
CA MSE D 132 21.17 -26.95 -4.20
C MSE D 132 22.02 -27.12 -5.44
O MSE D 132 22.90 -26.30 -5.71
CB MSE D 132 21.71 -27.84 -3.06
CG MSE D 132 20.89 -27.84 -1.76
SE MSE D 132 20.40 -26.04 -1.12
CE MSE D 132 22.22 -25.33 -0.83
N ASP D 133 21.73 -28.16 -6.22
CA ASP D 133 22.48 -28.44 -7.45
C ASP D 133 22.19 -27.42 -8.56
N SER D 134 21.28 -26.47 -8.29
CA SER D 134 21.03 -25.39 -9.23
C SER D 134 21.99 -24.22 -8.99
N GLY D 135 22.60 -24.20 -7.80
CA GLY D 135 23.45 -23.08 -7.38
C GLY D 135 22.74 -22.13 -6.43
N PHE D 136 21.61 -22.58 -5.89
CA PHE D 136 20.83 -21.78 -4.92
C PHE D 136 21.60 -21.58 -3.62
N ASP D 137 21.60 -20.34 -3.14
CA ASP D 137 22.26 -20.01 -1.89
C ASP D 137 21.47 -18.91 -1.17
N GLY D 138 20.14 -19.02 -1.24
CA GLY D 138 19.26 -18.07 -0.57
C GLY D 138 18.72 -18.60 0.74
N ILE D 139 17.43 -18.38 0.99
CA ILE D 139 16.76 -18.83 2.21
C ILE D 139 15.64 -19.83 1.89
N PHE D 140 15.44 -20.82 2.74
CA PHE D 140 14.34 -21.79 2.60
C PHE D 140 13.22 -21.35 3.55
N LEU D 141 11.97 -21.37 3.07
CA LEU D 141 10.79 -21.32 3.92
C LEU D 141 9.97 -22.58 3.67
N ILE D 142 9.90 -23.47 4.65
CA ILE D 142 9.16 -24.73 4.50
C ILE D 142 7.76 -24.63 5.08
N ALA D 143 6.75 -24.92 4.26
CA ALA D 143 5.34 -24.84 4.67
C ALA D 143 4.58 -26.17 4.57
N THR D 144 5.32 -27.24 4.28
CA THR D 144 4.73 -28.58 4.19
C THR D 144 4.63 -29.22 5.57
N ASN D 145 3.42 -29.67 5.90
CA ASN D 145 3.19 -30.40 7.15
CA ASN D 145 3.11 -30.41 7.13
C ASN D 145 3.67 -31.85 7.07
N PRO D 146 4.34 -32.34 8.14
CA PRO D 146 4.60 -31.77 9.49
C PRO D 146 5.73 -30.77 9.46
N VAL D 147 5.37 -29.50 9.57
CA VAL D 147 6.28 -28.42 9.19
C VAL D 147 7.63 -28.48 9.91
N ASP D 148 7.60 -28.71 11.23
CA ASP D 148 8.80 -28.63 12.06
C ASP D 148 9.86 -29.69 11.73
N ILE D 149 9.40 -30.92 11.47
CA ILE D 149 10.25 -32.04 11.08
C ILE D 149 10.88 -31.81 9.71
N LEU D 150 10.05 -31.44 8.72
CA LEU D 150 10.52 -31.21 7.36
C LEU D 150 11.46 -29.99 7.23
N THR D 151 11.32 -28.98 8.08
CA THR D 151 12.31 -27.90 8.10
C THR D 151 13.67 -28.47 8.53
N TYR D 152 13.66 -29.29 9.58
CA TYR D 152 14.86 -29.99 10.06
C TYR D 152 15.49 -30.83 8.94
N VAL D 153 14.66 -31.63 8.27
CA VAL D 153 15.08 -32.41 7.10
C VAL D 153 15.76 -31.52 6.05
N THR D 154 15.06 -30.44 5.66
CA THR D 154 15.52 -29.53 4.64
C THR D 154 16.91 -29.02 5.00
N TRP D 155 17.07 -28.60 6.26
CA TRP D 155 18.34 -28.13 6.78
C TRP D 155 19.43 -29.20 6.66
N LYS D 156 19.16 -30.38 7.22
CA LYS D 156 20.11 -31.50 7.20
C LYS D 156 20.59 -31.88 5.79
N GLU D 157 19.72 -31.76 4.79
CA GLU D 157 20.11 -32.06 3.41
C GLU D 157 20.88 -30.93 2.75
N SER D 158 20.46 -29.69 3.00
CA SER D 158 20.96 -28.54 2.24
C SER D 158 22.43 -28.18 2.48
N GLY D 159 22.90 -28.40 3.70
CA GLY D 159 24.22 -27.94 4.12
C GLY D 159 24.26 -26.45 4.45
N LEU D 160 23.09 -25.82 4.49
CA LEU D 160 23.00 -24.39 4.81
C LEU D 160 23.01 -24.16 6.32
N PRO D 161 23.46 -22.97 6.77
CA PRO D 161 23.36 -22.65 8.20
C PRO D 161 21.91 -22.72 8.67
N LYS D 162 21.72 -23.19 9.90
CA LYS D 162 20.40 -23.47 10.46
C LYS D 162 19.46 -22.26 10.46
N GLU D 163 20.05 -21.07 10.51
CA GLU D 163 19.32 -19.80 10.51
C GLU D 163 18.78 -19.42 9.13
N ARG D 164 19.18 -20.18 8.11
CA ARG D 164 18.75 -19.91 6.74
C ARG D 164 17.73 -20.91 6.23
N VAL D 165 17.34 -21.85 7.08
CA VAL D 165 16.22 -22.75 6.79
C VAL D 165 15.14 -22.49 7.84
N ILE D 166 13.94 -22.13 7.37
CA ILE D 166 12.86 -21.64 8.22
C ILE D 166 11.54 -22.38 7.95
N GLY D 167 10.76 -22.62 8.99
CA GLY D 167 9.43 -23.20 8.83
C GLY D 167 8.33 -22.23 9.25
N SER D 168 7.16 -22.40 8.65
CA SER D 168 5.98 -21.59 8.98
C SER D 168 5.49 -21.80 10.42
N GLY D 169 5.84 -22.93 11.03
CA GLY D 169 5.65 -23.13 12.48
C GLY D 169 4.27 -22.81 13.01
N THR D 170 4.21 -21.94 14.02
CA THR D 170 2.93 -21.60 14.64
C THR D 170 2.44 -20.16 14.36
N THR D 171 3.02 -19.53 13.33
CA THR D 171 2.62 -18.18 12.85
C THR D 171 1.10 -18.10 12.59
N LEU D 172 0.57 -19.10 11.89
CA LEU D 172 -0.85 -19.09 11.56
C LEU D 172 -1.73 -19.34 12.80
N ASP D 173 -1.28 -20.19 13.72
CA ASP D 173 -2.01 -20.38 14.97
C ASP D 173 -1.97 -19.13 15.86
N SER D 174 -0.86 -18.39 15.83
CA SER D 174 -0.77 -17.11 16.54
C SER D 174 -1.77 -16.11 15.95
N ALA D 175 -1.89 -16.08 14.63
CA ALA D 175 -2.81 -15.14 13.97
C ALA D 175 -4.27 -15.49 14.26
N ARG D 176 -4.60 -16.78 14.26
CA ARG D 176 -5.92 -17.21 14.67
C ARG D 176 -6.23 -16.80 16.10
N PHE D 177 -5.26 -17.07 16.98
CA PHE D 177 -5.31 -16.77 18.40
C PHE D 177 -5.56 -15.27 18.57
N ARG D 178 -4.78 -14.46 17.85
N ARG D 178 -4.77 -14.46 17.85
CA ARG D 178 -4.95 -13.02 17.86
CA ARG D 178 -4.95 -13.02 17.85
C ARG D 178 -6.34 -12.60 17.36
C ARG D 178 -6.34 -12.61 17.37
N TYR D 179 -6.79 -13.21 16.27
CA TYR D 179 -8.12 -12.92 15.74
C TYR D 179 -9.24 -13.20 16.77
N MSE D 180 -9.15 -14.32 17.47
CA MSE D 180 -10.20 -14.70 18.43
C MSE D 180 -10.12 -13.85 19.68
O MSE D 180 -11.13 -13.33 20.15
CB MSE D 180 -10.14 -16.21 18.71
CG MSE D 180 -10.45 -16.96 17.42
SE MSE D 180 -10.33 -18.90 17.78
CE MSE D 180 -10.31 -19.61 15.94
N LEU D 181 -8.92 -13.63 20.20
CA LEU D 181 -8.79 -12.79 21.38
C LEU D 181 -9.36 -11.40 21.09
N GLY D 182 -9.08 -10.86 19.89
CA GLY D 182 -9.58 -9.55 19.46
C GLY D 182 -11.09 -9.43 19.48
N GLU D 183 -11.75 -10.51 19.05
CA GLU D 183 -13.20 -10.62 19.16
C GLU D 183 -13.60 -10.58 20.63
N TYR D 184 -12.98 -11.44 21.44
CA TYR D 184 -13.27 -11.55 22.86
C TYR D 184 -13.11 -10.22 23.62
N PHE D 185 -12.09 -9.45 23.26
CA PHE D 185 -11.80 -8.17 23.92
C PHE D 185 -12.27 -6.93 23.14
N ASP D 186 -12.95 -7.15 22.01
CA ASP D 186 -13.45 -6.04 21.16
C ASP D 186 -12.38 -5.04 20.78
N ILE D 187 -11.37 -5.54 20.08
CA ILE D 187 -10.17 -4.78 19.81
C ILE D 187 -9.62 -5.40 18.53
N GLY D 188 -9.01 -4.56 17.68
CA GLY D 188 -8.43 -5.06 16.43
C GLY D 188 -7.36 -6.09 16.74
N PRO D 189 -7.32 -7.21 15.98
CA PRO D 189 -6.27 -8.22 16.18
C PRO D 189 -4.84 -7.71 15.97
N HIS D 190 -4.68 -6.64 15.20
CA HIS D 190 -3.37 -6.01 15.03
C HIS D 190 -2.84 -5.41 16.34
N ASN D 191 -3.73 -5.22 17.32
CA ASN D 191 -3.33 -4.70 18.64
C ASN D 191 -3.33 -5.77 19.71
N ILE D 192 -3.61 -7.02 19.33
CA ILE D 192 -3.50 -8.12 20.28
C ILE D 192 -2.11 -8.76 20.14
N HIS D 193 -1.39 -8.82 21.24
CA HIS D 193 -0.06 -9.38 21.24
C HIS D 193 -0.13 -10.74 21.91
N ALA D 194 -0.13 -11.76 21.07
CA ALA D 194 -0.41 -13.10 21.56
C ALA D 194 0.30 -14.13 20.72
N TYR D 195 0.81 -15.17 21.38
CA TYR D 195 1.65 -16.19 20.73
C TYR D 195 1.26 -17.61 21.14
N ILE D 196 1.40 -18.51 20.18
CA ILE D 196 1.38 -19.94 20.40
C ILE D 196 2.75 -20.50 20.00
N ILE D 197 3.31 -21.36 20.84
CA ILE D 197 4.64 -21.95 20.64
C ILE D 197 4.60 -23.48 20.79
N GLY D 198 5.68 -24.14 20.38
CA GLY D 198 5.74 -25.60 20.40
C GLY D 198 5.61 -26.13 18.99
N GLU D 199 5.37 -27.44 18.86
CA GLU D 199 5.18 -28.04 17.56
C GLU D 199 3.79 -27.74 17.01
N HIS D 200 3.74 -27.30 15.76
CA HIS D 200 2.49 -27.07 15.03
C HIS D 200 1.72 -28.38 14.92
N GLY D 201 0.51 -28.40 15.47
CA GLY D 201 -0.27 -29.64 15.63
C GLY D 201 -0.96 -29.65 16.98
N ASP D 202 -1.32 -30.83 17.48
CA ASP D 202 -2.07 -30.90 18.74
C ASP D 202 -1.29 -30.56 20.02
N THR D 203 0.04 -30.52 19.93
CA THR D 203 0.88 -30.28 21.10
C THR D 203 1.24 -28.80 21.36
N GLU D 204 0.69 -27.89 20.56
CA GLU D 204 1.07 -26.47 20.69
C GLU D 204 0.39 -25.84 21.88
N LEU D 205 0.93 -24.73 22.37
CA LEU D 205 0.42 -24.17 23.61
C LEU D 205 0.39 -22.66 23.53
N PRO D 206 -0.63 -22.04 24.14
CA PRO D 206 -0.70 -20.60 24.20
C PRO D 206 0.16 -20.05 25.34
N VAL D 207 0.75 -18.88 25.11
CA VAL D 207 1.60 -18.27 26.12
C VAL D 207 0.77 -17.20 26.85
N TRP D 208 -0.13 -17.65 27.73
CA TRP D 208 -1.06 -16.75 28.45
C TRP D 208 -0.30 -15.72 29.26
N SER D 209 0.84 -16.13 29.81
CA SER D 209 1.69 -15.28 30.63
C SER D 209 2.21 -14.06 29.89
N HIS D 210 2.16 -14.08 28.56
CA HIS D 210 2.66 -12.97 27.74
C HIS D 210 1.64 -12.41 26.74
N VAL D 211 0.35 -12.54 27.07
CA VAL D 211 -0.71 -11.99 26.23
C VAL D 211 -0.96 -10.54 26.63
N SER D 212 -0.92 -9.64 25.65
CA SER D 212 -1.25 -8.24 25.86
C SER D 212 -2.48 -7.84 25.04
N VAL D 213 -3.45 -7.21 25.71
CA VAL D 213 -4.66 -6.71 25.07
C VAL D 213 -4.45 -5.21 24.87
N GLY D 214 -3.84 -4.86 23.74
CA GLY D 214 -3.23 -3.55 23.58
C GLY D 214 -2.15 -3.41 24.64
N ILE D 215 -2.19 -2.29 25.38
CA ILE D 215 -1.32 -2.09 26.54
C ILE D 215 -1.57 -3.07 27.70
N GLN D 216 -2.78 -3.65 27.76
CA GLN D 216 -3.23 -4.36 28.97
C GLN D 216 -2.58 -5.74 29.14
N LYS D 217 -2.00 -5.97 30.33
CA LYS D 217 -1.52 -7.29 30.70
C LYS D 217 -2.73 -8.19 30.93
N LEU D 218 -2.77 -9.32 30.24
CA LEU D 218 -3.91 -10.24 30.37
C LEU D 218 -4.23 -10.61 31.81
N GLN D 219 -3.20 -10.95 32.59
CA GLN D 219 -3.41 -11.39 33.97
C GLN D 219 -4.05 -10.33 34.86
N THR D 220 -3.68 -9.06 34.65
CA THR D 220 -4.27 -7.96 35.41
C THR D 220 -5.74 -7.76 35.04
N LEU D 221 -6.11 -8.09 33.79
CA LEU D 221 -7.52 -8.12 33.40
C LEU D 221 -8.27 -9.29 34.03
N LEU D 222 -7.59 -10.42 34.20
CA LEU D 222 -8.21 -11.59 34.78
C LEU D 222 -8.25 -11.56 36.32
N GLU D 223 -7.61 -10.56 36.91
CA GLU D 223 -7.65 -10.34 38.36
C GLU D 223 -8.73 -9.31 38.76
N LYS D 224 -9.05 -8.41 37.83
CA LYS D 224 -10.01 -7.32 38.05
C LYS D 224 -11.48 -7.75 38.15
N ASP D 225 -12.37 -6.75 38.09
CA ASP D 225 -13.82 -6.96 38.13
C ASP D 225 -14.42 -6.94 36.73
N ASN D 226 -13.57 -7.14 35.71
CA ASN D 226 -14.01 -7.27 34.32
C ASN D 226 -14.81 -8.55 34.09
N THR D 227 -15.53 -8.63 32.97
CA THR D 227 -16.41 -9.77 32.69
C THR D 227 -15.63 -10.97 32.11
N TYR D 228 -14.30 -10.89 32.16
CA TYR D 228 -13.46 -11.93 31.57
C TYR D 228 -13.15 -13.07 32.54
N ASN D 229 -12.87 -14.25 31.98
CA ASN D 229 -12.51 -15.42 32.76
C ASN D 229 -11.65 -16.38 31.95
N GLN D 230 -10.81 -17.16 32.64
CA GLN D 230 -9.90 -18.12 32.02
C GLN D 230 -10.64 -19.21 31.24
N GLU D 231 -11.85 -19.53 31.66
CA GLU D 231 -12.66 -20.58 31.02
C GLU D 231 -13.10 -20.17 29.60
N ASP D 232 -13.42 -18.90 29.41
CA ASP D 232 -13.70 -18.37 28.07
C ASP D 232 -12.45 -18.47 27.20
N LEU D 233 -11.30 -18.22 27.82
CA LEU D 233 -10.02 -18.19 27.12
C LEU D 233 -9.56 -19.60 26.78
N ASP D 234 -9.72 -20.52 27.72
CA ASP D 234 -9.43 -21.92 27.48
C ASP D 234 -10.13 -22.39 26.21
N LYS D 235 -11.42 -22.05 26.08
CA LYS D 235 -12.25 -22.39 24.91
C LYS D 235 -11.72 -21.71 23.63
N ILE D 236 -11.16 -20.51 23.79
CA ILE D 236 -10.58 -19.82 22.65
C ILE D 236 -9.36 -20.58 22.11
N PHE D 237 -8.43 -20.99 22.97
CA PHE D 237 -7.30 -21.76 22.47
C PHE D 237 -7.72 -23.10 21.83
N ILE D 238 -8.67 -23.80 22.44
CA ILE D 238 -9.17 -25.05 21.82
C ILE D 238 -9.72 -24.71 20.43
N ASN D 239 -10.50 -23.64 20.35
CA ASN D 239 -10.92 -23.08 19.05
C ASN D 239 -9.76 -22.68 18.13
N VAL D 240 -8.64 -22.25 18.70
CA VAL D 240 -7.44 -22.04 17.89
C VAL D 240 -6.84 -23.37 17.47
N ARG D 241 -6.62 -24.28 18.44
CA ARG D 241 -5.94 -25.54 18.15
C ARG D 241 -6.66 -26.34 17.05
N ASP D 242 -7.99 -26.33 17.12
CA ASP D 242 -8.83 -27.13 16.24
C ASP D 242 -9.51 -26.31 15.13
N ALA D 243 -8.99 -25.12 14.83
CA ALA D 243 -9.55 -24.26 13.78
C ALA D 243 -9.64 -24.91 12.41
N ALA D 244 -8.60 -25.63 12.01
CA ALA D 244 -8.50 -26.12 10.64
C ALA D 244 -9.43 -27.30 10.41
N TYR D 245 -9.83 -27.94 11.51
CA TYR D 245 -10.84 -28.98 11.50
C TYR D 245 -12.18 -28.34 11.14
N HIS D 246 -12.55 -27.30 11.91
CA HIS D 246 -13.80 -26.55 11.70
C HIS D 246 -13.92 -25.96 10.30
N ILE D 247 -12.80 -25.51 9.73
CA ILE D 247 -12.79 -24.97 8.36
C ILE D 247 -12.93 -26.10 7.29
N ILE D 248 -12.05 -27.10 7.34
CA ILE D 248 -12.14 -28.29 6.45
C ILE D 248 -13.57 -28.89 6.44
N GLU D 249 -14.08 -29.14 7.64
CA GLU D 249 -15.44 -29.57 7.88
C GLU D 249 -16.47 -28.80 7.03
N ARG D 250 -16.16 -27.57 6.64
CA ARG D 250 -17.19 -26.71 6.05
C ARG D 250 -16.96 -26.28 4.59
N LYS D 251 -15.70 -26.13 4.18
CA LYS D 251 -15.42 -25.68 2.81
C LYS D 251 -14.53 -26.66 2.06
N GLY D 252 -14.16 -27.73 2.73
CA GLY D 252 -13.31 -28.75 2.16
C GLY D 252 -11.81 -28.65 2.27
N ALA D 253 -11.33 -27.49 2.78
CA ALA D 253 -9.94 -27.30 2.96
C ALA D 253 -9.62 -25.93 3.58
N THR D 254 -8.34 -25.72 3.70
CA THR D 254 -7.82 -24.47 4.20
C THR D 254 -6.60 -24.07 3.43
N TYR D 255 -6.65 -22.84 2.92
CA TYR D 255 -5.56 -22.25 2.28
C TYR D 255 -5.42 -20.70 2.46
N TYR D 256 -6.47 -19.97 2.68
CA TYR D 256 -6.37 -18.50 2.82
C TYR D 256 -5.55 -18.12 4.04
N GLY D 257 -5.73 -18.84 5.13
CA GLY D 257 -5.06 -18.55 6.35
C GLY D 257 -3.58 -18.60 6.29
N ILE D 258 -3.05 -19.68 5.77
CA ILE D 258 -1.61 -19.86 5.64
C ILE D 258 -0.99 -19.04 4.51
N GLY D 259 -1.80 -18.68 3.52
CA GLY D 259 -1.35 -17.99 2.33
C GLY D 259 -0.73 -16.67 2.81
N MSE D 260 -1.44 -16.01 3.72
CA MSE D 260 -1.06 -14.71 4.29
C MSE D 260 0.01 -14.88 5.34
O MSE D 260 0.84 -14.00 5.52
CB MSE D 260 -2.29 -13.98 4.83
CG MSE D 260 -1.94 -12.54 5.26
SE MSE D 260 -2.02 -11.44 3.64
CE MSE D 260 -3.95 -11.48 3.39
N SER D 261 0.04 -16.03 6.03
CA SER D 261 1.08 -16.31 7.01
C SER D 261 2.43 -16.41 6.34
N LEU D 262 2.44 -17.12 5.21
CA LEU D 262 3.63 -17.24 4.37
C LEU D 262 4.02 -15.87 3.81
N LEU D 263 3.03 -15.10 3.38
CA LEU D 263 3.28 -13.73 2.93
C LEU D 263 4.04 -12.98 4.04
N ARG D 264 3.53 -13.06 5.26
CA ARG D 264 4.11 -12.36 6.40
C ARG D 264 5.57 -12.74 6.61
N VAL D 265 5.86 -14.03 6.69
CA VAL D 265 7.25 -14.48 6.81
C VAL D 265 8.11 -13.90 5.66
N THR D 266 7.64 -14.03 4.42
CA THR D 266 8.39 -13.59 3.25
C THR D 266 8.75 -12.09 3.32
N LYS D 267 7.80 -11.24 3.71
CA LYS D 267 8.07 -9.81 3.88
C LYS D 267 9.15 -9.60 4.95
N ALA D 268 8.99 -10.25 6.11
CA ALA D 268 9.96 -10.13 7.21
C ALA D 268 11.38 -10.37 6.70
N ILE D 269 11.54 -11.45 5.93
CA ILE D 269 12.81 -11.85 5.32
C ILE D 269 13.25 -10.86 4.22
N LEU D 270 12.48 -10.78 3.13
CA LEU D 270 12.87 -9.97 1.99
C LEU D 270 13.06 -8.49 2.32
N ASN D 271 12.20 -7.97 3.18
CA ASN D 271 12.31 -6.57 3.59
C ASN D 271 13.09 -6.37 4.88
N ASP D 272 13.83 -7.39 5.34
CA ASP D 272 14.84 -7.17 6.39
C ASP D 272 14.23 -6.44 7.61
N GLU D 273 13.12 -6.96 8.10
CA GLU D 273 12.27 -6.21 9.03
C GLU D 273 12.73 -6.19 10.48
N ASN D 274 13.49 -7.20 10.90
CA ASN D 274 13.74 -7.42 12.32
C ASN D 274 12.42 -7.50 13.09
N SER D 275 11.54 -8.34 12.57
CA SER D 275 10.20 -8.51 13.09
C SER D 275 10.00 -9.91 13.70
N VAL D 276 9.12 -9.96 14.69
CA VAL D 276 8.99 -11.14 15.54
C VAL D 276 7.82 -11.97 15.01
N LEU D 277 8.12 -13.24 14.75
CA LEU D 277 7.12 -14.18 14.26
C LEU D 277 7.41 -15.57 14.82
N THR D 278 6.36 -16.35 15.10
CA THR D 278 6.50 -17.71 15.65
C THR D 278 6.78 -18.75 14.58
N VAL D 279 7.88 -18.57 13.85
CA VAL D 279 8.29 -19.55 12.84
C VAL D 279 8.90 -20.78 13.53
N SER D 280 9.22 -21.79 12.73
CA SER D 280 10.04 -22.90 13.20
C SER D 280 11.51 -22.53 13.13
N ALA D 281 12.15 -22.47 14.29
CA ALA D 281 13.54 -22.08 14.39
C ALA D 281 14.29 -23.11 15.22
N TYR D 282 15.60 -23.16 15.05
CA TYR D 282 16.40 -24.21 15.67
C TYR D 282 16.84 -23.80 17.07
N LEU D 283 16.46 -24.60 18.06
CA LEU D 283 16.83 -24.28 19.44
C LEU D 283 18.23 -24.73 19.75
N GLU D 284 19.00 -23.86 20.38
CA GLU D 284 20.34 -24.18 20.83
C GLU D 284 20.47 -23.87 22.32
N GLY D 285 19.41 -24.14 23.08
CA GLY D 285 19.40 -23.90 24.53
C GLY D 285 18.18 -23.18 25.10
N GLN D 286 17.55 -22.33 24.29
CA GLN D 286 16.45 -21.49 24.75
C GLN D 286 15.26 -22.36 25.19
N TYR D 287 14.57 -21.91 26.24
CA TYR D 287 13.43 -22.64 26.82
C TYR D 287 13.81 -24.01 27.41
N GLY D 288 15.09 -24.16 27.75
CA GLY D 288 15.62 -25.42 28.30
C GLY D 288 15.69 -26.59 27.31
N GLN D 289 15.54 -26.29 26.02
CA GLN D 289 15.48 -27.31 24.97
C GLN D 289 16.52 -27.05 23.87
N LYS D 290 16.76 -28.08 23.06
CA LYS D 290 17.76 -28.00 21.98
C LYS D 290 17.55 -29.06 20.88
N ASP D 291 18.17 -28.81 19.73
CA ASP D 291 18.35 -29.81 18.66
C ASP D 291 17.06 -30.22 17.96
N VAL D 292 16.14 -29.27 17.89
CA VAL D 292 14.91 -29.38 17.11
C VAL D 292 14.64 -28.03 16.43
N TYR D 293 13.91 -28.08 15.31
CA TYR D 293 13.18 -26.94 14.79
C TYR D 293 11.80 -27.03 15.42
N ILE D 294 11.36 -25.94 16.03
CA ILE D 294 10.06 -25.92 16.69
C ILE D 294 9.54 -24.48 16.70
N GLY D 295 8.22 -24.32 16.86
CA GLY D 295 7.62 -22.99 16.86
C GLY D 295 7.99 -22.22 18.09
N VAL D 296 8.57 -21.05 17.88
CA VAL D 296 9.04 -20.16 18.94
C VAL D 296 9.04 -18.75 18.40
N PRO D 297 8.85 -17.75 19.28
CA PRO D 297 8.98 -16.36 18.82
C PRO D 297 10.41 -16.04 18.40
N ALA D 298 10.56 -15.49 17.20
CA ALA D 298 11.89 -15.33 16.62
C ALA D 298 11.97 -14.09 15.77
N VAL D 299 13.09 -13.39 15.86
CA VAL D 299 13.34 -12.22 15.03
C VAL D 299 13.84 -12.63 13.65
N LEU D 300 13.11 -12.23 12.61
CA LEU D 300 13.53 -12.51 11.24
C LEU D 300 14.00 -11.25 10.51
N ASN D 301 14.98 -11.42 9.63
CA ASN D 301 15.43 -10.34 8.74
C ASN D 301 15.99 -10.90 7.43
N ARG D 302 16.72 -10.08 6.66
CA ARG D 302 17.25 -10.53 5.38
C ARG D 302 18.13 -11.78 5.51
N GLY D 303 18.81 -11.96 6.65
CA GLY D 303 19.64 -13.13 6.91
C GLY D 303 18.93 -14.39 7.39
N GLY D 304 17.62 -14.32 7.54
CA GLY D 304 16.84 -15.43 8.08
C GLY D 304 16.45 -15.19 9.52
N VAL D 305 16.66 -16.20 10.37
CA VAL D 305 16.36 -16.08 11.79
C VAL D 305 17.53 -15.41 12.48
N ARG D 306 17.33 -14.16 12.89
CA ARG D 306 18.39 -13.46 13.59
C ARG D 306 18.63 -14.05 14.99
N GLU D 307 17.55 -14.25 15.75
CA GLU D 307 17.63 -14.82 17.11
C GLU D 307 16.26 -15.25 17.62
N ILE D 308 16.23 -16.35 18.35
CA ILE D 308 15.03 -16.77 19.06
C ILE D 308 14.88 -15.95 20.35
N LEU D 309 13.70 -15.37 20.55
CA LEU D 309 13.41 -14.64 21.79
C LEU D 309 12.89 -15.61 22.85
N GLU D 310 13.60 -15.66 23.97
CA GLU D 310 13.25 -16.53 25.06
C GLU D 310 12.42 -15.73 26.05
N VAL D 311 11.40 -16.37 26.61
CA VAL D 311 10.67 -15.79 27.73
C VAL D 311 10.59 -16.75 28.90
N GLU D 312 10.50 -16.19 30.10
CA GLU D 312 10.18 -16.94 31.30
C GLU D 312 8.73 -17.38 31.16
N LEU D 313 8.54 -18.66 30.86
CA LEU D 313 7.22 -19.26 30.80
C LEU D 313 6.75 -19.50 32.23
N SER D 314 5.43 -19.45 32.45
CA SER D 314 4.82 -19.95 33.68
C SER D 314 5.15 -21.44 33.83
N GLU D 315 5.13 -21.96 35.05
CA GLU D 315 5.47 -23.37 35.28
C GLU D 315 4.69 -24.35 34.39
N ASP D 316 3.41 -24.08 34.16
CA ASP D 316 2.59 -24.92 33.28
C ASP D 316 2.97 -24.78 31.82
N GLU D 317 3.19 -23.55 31.37
CA GLU D 317 3.65 -23.29 30.00
C GLU D 317 4.98 -24.01 29.76
N GLU D 318 5.87 -23.94 30.76
CA GLU D 318 7.18 -24.60 30.67
C GLU D 318 7.05 -26.11 30.61
N LEU D 319 6.04 -26.66 31.29
CA LEU D 319 5.80 -28.09 31.29
C LEU D 319 5.27 -28.56 29.92
N LYS D 320 4.33 -27.79 29.36
CA LYS D 320 3.76 -28.08 28.04
C LYS D 320 4.77 -27.91 26.89
N PHE D 321 5.60 -26.87 26.95
CA PHE D 321 6.67 -26.71 25.94
C PHE D 321 7.62 -27.90 25.93
N ASP D 322 8.15 -28.25 27.11
CA ASP D 322 9.04 -29.40 27.27
C ASP D 322 8.42 -30.70 26.72
N HIS D 323 7.11 -30.89 26.94
CA HIS D 323 6.40 -32.06 26.40
C HIS D 323 6.34 -32.03 24.87
N SER D 324 5.94 -30.89 24.32
CA SER D 324 5.88 -30.72 22.86
C SER D 324 7.20 -31.13 22.20
N VAL D 325 8.31 -30.63 22.75
CA VAL D 325 9.66 -30.98 22.27
C VAL D 325 9.92 -32.50 22.28
N GLN D 326 9.64 -33.15 23.42
CA GLN D 326 9.88 -34.58 23.58
C GLN D 326 9.09 -35.44 22.59
N VAL D 327 7.84 -35.05 22.34
CA VAL D 327 6.98 -35.76 21.38
C VAL D 327 7.54 -35.63 19.96
N LEU D 328 7.96 -34.41 19.62
CA LEU D 328 8.60 -34.12 18.33
C LEU D 328 9.80 -35.06 18.09
N LYS D 329 10.74 -35.08 19.04
CA LYS D 329 11.91 -35.97 18.92
C LYS D 329 11.55 -37.45 18.78
N GLU D 330 10.51 -37.89 19.49
CA GLU D 330 10.01 -39.26 19.39
C GLU D 330 9.41 -39.57 18.01
N THR D 331 8.83 -38.54 17.38
CA THR D 331 8.23 -38.67 16.06
C THR D 331 9.31 -38.78 14.99
N MSE D 332 10.42 -38.09 15.22
CA MSE D 332 11.51 -38.01 14.27
C MSE D 332 12.46 -39.16 14.37
O MSE D 332 13.22 -39.45 13.43
CB MSE D 332 12.31 -36.76 14.61
CG MSE D 332 11.52 -35.49 14.29
SE MSE D 332 12.79 -34.06 13.82
CE MSE D 332 13.76 -35.04 12.41
N ALA D 333 12.45 -39.85 15.52
CA ALA D 333 13.40 -40.91 15.85
C ALA D 333 13.59 -42.00 14.78
N PRO D 334 12.49 -42.63 14.30
CA PRO D 334 12.66 -43.69 13.30
C PRO D 334 12.94 -43.16 11.89
N VAL D 335 12.65 -41.88 11.67
CA VAL D 335 12.83 -41.25 10.36
C VAL D 335 14.29 -40.88 10.12
N LEU D 336 14.85 -40.05 11.01
CA LEU D 336 16.22 -39.55 10.91
C LEU D 336 17.25 -40.66 10.62
CA CA E . -10.70 3.53 2.25
CA CA F . -18.57 10.77 4.49
CA CA G . 10.50 -4.06 -2.25
CA CA H . 21.51 -3.60 -2.66
CA CA I . -21.38 3.11 3.62
CA CA J . 18.23 -11.12 -5.33
#